data_7NBG
#
_entry.id   7NBG
#
_cell.length_a   48.110
_cell.length_b   154.760
_cell.length_c   85.400
_cell.angle_alpha   90.000
_cell.angle_beta   98.140
_cell.angle_gamma   90.000
#
_symmetry.space_group_name_H-M   'P 1 21 1'
#
loop_
_entity.id
_entity.type
_entity.pdbx_description
1 polymer 'Serine racemase'
2 non-polymer "PYRIDOXAL-5'-PHOSPHATE"
3 non-polymer 1,2-ETHANEDIOL
4 non-polymer 'SODIUM ION'
5 non-polymer 'CALCIUM ION'
6 non-polymer GLYCEROL
7 non-polymer ~{N}-[2-(2-methylphenyl)ethyl]ethanamide
8 non-polymer 'MAGNESIUM ION'
9 non-polymer 2-(2-METHOXYETHOXY)ETHANOL
10 non-polymer 'TRIETHYLENE GLYCOL'
11 non-polymer ORTHO-XYLENE
12 water water
#
_entity_poly.entity_id   1
_entity_poly.type   'polypeptide(L)'
_entity_poly.pdbx_seq_one_letter_code
;MDAQYDISFADVEKAHINIRDSIHLTPVLTSSILNQLTGRNLFFKCELFQKTGSFKIRGALNAVRSLVPDALERKPKAVV
THSSGNHGQALTYAAKLEGIPAYIVVPQTAPDCKKLAIQAYGASIVYCEPSDESRENVAKRVTEETEGIMVHPNQEPAVI
AGQGTIALEVLNQVPLVDALVVPVGGGGMLAGIAITVKALKPSVKVYAAEPSNADDCYQSKLKGKLMPNLYPPETIADGV
KSSIGLNTWPIIRDLVDDIFTVTEDEIKCATQLVWERMKLLIEPTAGVGVAAVLSQHFQTVSPEVKNICIVLSGGNVDLT
SSITWVKQAERPASYQSVSVHHHHHH
;
_entity_poly.pdbx_strand_id   AAA,BBB,CCC,DDD
#
loop_
_chem_comp.id
_chem_comp.type
_chem_comp.name
_chem_comp.formula
CA non-polymer 'CALCIUM ION' 'Ca 2'
EDO non-polymer 1,2-ETHANEDIOL 'C2 H6 O2'
GOL non-polymer GLYCEROL 'C3 H8 O3'
MG non-polymer 'MAGNESIUM ION' 'Mg 2'
NA non-polymer 'SODIUM ION' 'Na 1'
OXE non-polymer ORTHO-XYLENE 'C8 H10'
PG0 non-polymer 2-(2-METHOXYETHOXY)ETHANOL 'C5 H12 O3'
PGE non-polymer 'TRIETHYLENE GLYCOL' 'C6 H14 O4'
PLP non-polymer PYRIDOXAL-5'-PHOSPHATE 'C8 H10 N O6 P'
U78 non-polymer ~{N}-[2-(2-methylphenyl)ethyl]ethanamide 'C11 H15 N O'
#
# COMPACT_ATOMS: atom_id res chain seq x y z
N GLN A 4 23.53 3.97 29.48
CA GLN A 4 24.96 3.95 29.09
C GLN A 4 25.31 5.24 28.35
N TYR A 5 24.39 5.72 27.51
CA TYR A 5 24.62 6.94 26.75
C TYR A 5 23.64 8.03 27.22
N ASP A 6 23.77 9.22 26.64
CA ASP A 6 22.96 10.37 27.03
C ASP A 6 21.50 10.22 26.60
N ILE A 7 21.21 9.30 25.65
CA ILE A 7 19.84 8.91 25.36
C ILE A 7 19.79 7.39 25.30
N SER A 8 18.57 6.87 25.39
CA SER A 8 18.29 5.44 25.23
C SER A 8 17.24 5.29 24.13
N PHE A 9 17.03 4.05 23.68
CA PHE A 9 15.94 3.78 22.74
C PHE A 9 14.61 4.22 23.34
N ALA A 10 14.42 4.03 24.66
CA ALA A 10 13.17 4.49 25.28
C ALA A 10 12.93 5.98 25.01
N ASP A 11 14.01 6.78 25.02
CA ASP A 11 13.85 8.22 24.82
C ASP A 11 13.43 8.52 23.39
N VAL A 12 13.93 7.71 22.44
CA VAL A 12 13.57 7.88 21.03
C VAL A 12 12.10 7.57 20.81
N GLU A 13 11.61 6.54 21.49
N GLU A 13 11.65 6.42 21.31
CA GLU A 13 10.19 6.22 21.43
CA GLU A 13 10.27 6.04 21.08
C GLU A 13 9.35 7.30 22.11
C GLU A 13 9.35 7.12 21.67
N LYS A 14 9.81 7.80 23.26
N LYS A 14 9.73 7.63 22.84
CA LYS A 14 9.09 8.90 23.88
CA LYS A 14 8.97 8.64 23.55
C LYS A 14 9.01 10.06 22.89
C LYS A 14 8.96 9.95 22.77
N ALA A 15 10.11 10.31 22.18
CA ALA A 15 10.15 11.43 21.24
C ALA A 15 9.15 11.23 20.09
N HIS A 16 9.12 10.03 19.50
N HIS A 16 9.07 9.98 19.59
CA HIS A 16 8.29 9.82 18.32
CA HIS A 16 8.10 9.66 18.56
C HIS A 16 6.83 10.03 18.70
C HIS A 16 6.69 9.94 19.06
N ILE A 17 6.49 9.57 19.92
N ILE A 17 6.36 9.43 20.27
CA ILE A 17 5.15 9.72 20.47
CA ILE A 17 5.03 9.67 20.81
C ILE A 17 4.83 11.18 20.70
C ILE A 17 4.78 11.18 20.85
N ASN A 18 5.82 11.93 21.23
CA ASN A 18 5.66 13.36 21.47
C ASN A 18 5.43 14.16 20.20
N ILE A 19 6.02 13.76 19.07
CA ILE A 19 6.06 14.64 17.91
C ILE A 19 5.17 14.18 16.74
N ARG A 20 4.69 12.93 16.77
N ARG A 20 4.71 12.92 16.79
CA ARG A 20 4.13 12.32 15.56
CA ARG A 20 4.04 12.23 15.70
C ARG A 20 2.91 13.08 15.02
C ARG A 20 2.93 13.06 15.07
N ASP A 21 2.14 13.74 15.91
CA ASP A 21 0.95 14.44 15.45
C ASP A 21 1.29 15.71 14.64
N SER A 22 2.56 16.10 14.60
CA SER A 22 2.90 17.41 14.07
C SER A 22 3.99 17.32 13.00
N ILE A 23 4.47 16.10 12.71
CA ILE A 23 5.49 15.97 11.68
C ILE A 23 4.94 15.07 10.58
N HIS A 24 5.67 15.04 9.45
CA HIS A 24 5.31 14.16 8.35
C HIS A 24 6.08 12.85 8.46
N LEU A 25 5.36 11.75 8.25
N LEU A 25 5.38 11.74 8.20
CA LEU A 25 6.03 10.49 7.95
CA LEU A 25 6.01 10.46 7.95
C LEU A 25 6.49 10.59 6.50
C LEU A 25 6.53 10.46 6.52
N THR A 26 7.76 10.98 6.33
CA THR A 26 8.23 11.31 4.99
C THR A 26 8.42 10.05 4.18
N PRO A 27 8.21 10.09 2.84
CA PRO A 27 8.32 8.89 2.02
C PRO A 27 9.75 8.45 1.81
N VAL A 28 9.88 7.17 1.43
CA VAL A 28 11.15 6.62 0.99
C VAL A 28 11.00 6.41 -0.52
N LEU A 29 11.85 7.10 -1.27
CA LEU A 29 11.80 7.04 -2.72
C LEU A 29 12.98 6.25 -3.26
N THR A 30 12.89 5.85 -4.52
CA THR A 30 13.96 5.09 -5.14
C THR A 30 14.32 5.73 -6.47
N SER A 31 15.45 5.29 -7.03
CA SER A 31 15.96 5.78 -8.29
C SER A 31 16.70 4.65 -8.99
N SER A 32 16.19 4.22 -10.16
CA SER A 32 16.86 3.20 -10.96
C SER A 32 18.27 3.66 -11.30
N ILE A 33 18.42 4.94 -11.67
CA ILE A 33 19.68 5.51 -12.11
C ILE A 33 20.74 5.42 -11.01
N LEU A 34 20.39 5.80 -9.78
N LEU A 34 20.39 5.80 -9.78
CA LEU A 34 21.38 5.77 -8.72
CA LEU A 34 21.37 5.78 -8.71
C LEU A 34 21.72 4.33 -8.32
C LEU A 34 21.70 4.34 -8.30
N ASN A 35 20.74 3.42 -8.49
CA ASN A 35 21.00 2.00 -8.28
C ASN A 35 22.11 1.54 -9.24
N GLN A 36 21.97 1.90 -10.52
CA GLN A 36 22.92 1.51 -11.55
C GLN A 36 24.31 2.05 -11.24
N LEU A 37 24.39 3.31 -10.76
CA LEU A 37 25.68 3.95 -10.55
C LEU A 37 26.44 3.33 -9.39
N THR A 38 25.73 2.83 -8.37
CA THR A 38 26.38 2.51 -7.11
C THR A 38 26.64 1.02 -6.97
N GLY A 39 25.86 0.21 -7.68
N GLY A 39 25.87 0.21 -7.70
CA GLY A 39 25.87 -1.24 -7.53
CA GLY A 39 25.89 -1.23 -7.53
C GLY A 39 24.81 -1.73 -6.55
C GLY A 39 25.12 -1.66 -6.29
N ARG A 40 24.22 -0.79 -5.80
CA ARG A 40 23.43 -1.07 -4.61
C ARG A 40 21.94 -0.84 -4.89
N ASN A 41 21.12 -1.28 -3.93
N ASN A 41 21.09 -1.38 -4.01
CA ASN A 41 19.68 -1.06 -3.92
CA ASN A 41 19.69 -1.04 -3.96
C ASN A 41 19.39 0.10 -2.98
C ASN A 41 19.53 0.12 -2.99
N LEU A 42 19.26 1.32 -3.52
CA LEU A 42 19.18 2.51 -2.68
C LEU A 42 17.74 2.89 -2.35
N PHE A 43 17.59 3.48 -1.17
CA PHE A 43 16.32 4.00 -0.67
C PHE A 43 16.61 5.37 -0.10
N PHE A 44 15.76 6.36 -0.43
CA PHE A 44 16.04 7.73 -0.03
C PHE A 44 14.96 8.20 0.93
N LYS A 45 15.35 8.40 2.20
CA LYS A 45 14.44 8.91 3.21
C LYS A 45 14.34 10.42 3.04
N CYS A 46 13.15 10.89 2.67
CA CYS A 46 13.00 12.23 2.12
C CYS A 46 12.69 13.25 3.21
N GLU A 47 13.65 13.52 4.09
CA GLU A 47 13.47 14.56 5.09
C GLU A 47 13.46 15.97 4.48
N LEU A 48 13.81 16.10 3.19
CA LEU A 48 13.68 17.41 2.56
C LEU A 48 12.20 17.80 2.46
N PHE A 49 11.28 16.83 2.60
CA PHE A 49 9.86 17.11 2.54
C PHE A 49 9.29 17.31 3.96
N GLN A 50 10.15 17.23 4.98
CA GLN A 50 9.67 17.38 6.36
C GLN A 50 9.19 18.81 6.60
N LYS A 51 8.30 18.99 7.59
CA LYS A 51 7.95 20.34 8.01
C LYS A 51 9.22 21.13 8.27
N THR A 52 9.27 22.38 7.78
CA THR A 52 10.35 23.33 7.95
C THR A 52 11.49 23.13 6.95
N GLY A 53 11.45 22.02 6.19
CA GLY A 53 12.41 21.80 5.13
C GLY A 53 13.58 20.91 5.55
N SER A 54 13.58 20.43 6.79
CA SER A 54 14.63 19.51 7.23
C SER A 54 14.11 18.67 8.39
N PHE A 55 14.88 17.64 8.74
CA PHE A 55 14.53 16.76 9.83
C PHE A 55 14.58 17.44 11.19
N LYS A 56 15.16 18.65 11.29
N LYS A 56 15.16 18.65 11.26
CA LYS A 56 15.46 19.22 12.59
CA LYS A 56 15.47 19.32 12.51
C LYS A 56 14.20 19.55 13.37
C LYS A 56 14.21 19.55 13.35
N ILE A 57 13.03 19.58 12.70
CA ILE A 57 11.77 19.75 13.44
C ILE A 57 11.56 18.62 14.44
N ARG A 58 12.12 17.44 14.17
CA ARG A 58 11.95 16.30 15.06
C ARG A 58 12.56 16.60 16.43
N GLY A 59 13.85 16.91 16.45
CA GLY A 59 14.51 17.20 17.70
C GLY A 59 13.97 18.49 18.35
N ALA A 60 13.66 19.49 17.52
CA ALA A 60 13.26 20.78 18.04
C ALA A 60 11.90 20.65 18.74
N LEU A 61 10.96 19.96 18.10
CA LEU A 61 9.65 19.80 18.71
C LEU A 61 9.73 18.90 19.93
N ASN A 62 10.57 17.85 19.89
CA ASN A 62 10.71 17.03 21.06
C ASN A 62 11.25 17.84 22.25
N ALA A 63 12.18 18.76 21.97
CA ALA A 63 12.77 19.57 23.03
C ALA A 63 11.68 20.47 23.63
N VAL A 64 10.89 21.10 22.76
CA VAL A 64 9.86 22.02 23.22
C VAL A 64 8.82 21.26 24.05
N ARG A 65 8.55 20.01 23.68
CA ARG A 65 7.49 19.25 24.35
C ARG A 65 8.00 18.43 25.53
N SER A 66 9.31 18.41 25.79
N SER A 66 9.33 18.37 25.73
CA SER A 66 9.83 17.51 26.82
CA SER A 66 9.93 17.50 26.73
C SER A 66 10.71 18.21 27.86
C SER A 66 10.56 18.31 27.86
N LEU A 67 11.34 19.33 27.50
CA LEU A 67 12.26 20.02 28.42
C LEU A 67 11.51 20.96 29.35
N VAL A 68 12.08 21.15 30.55
CA VAL A 68 11.53 22.08 31.52
C VAL A 68 12.51 23.24 31.70
N PRO A 69 12.03 24.50 31.84
CA PRO A 69 12.93 25.63 32.00
C PRO A 69 13.67 25.68 33.35
N ASP A 70 13.08 25.03 34.36
N ASP A 70 13.04 25.11 34.39
CA ASP A 70 13.45 25.24 35.74
CA ASP A 70 13.66 25.11 35.70
C ASP A 70 12.87 24.13 36.62
C ASP A 70 12.89 24.15 36.62
N ALA A 71 13.44 23.96 37.82
CA ALA A 71 12.88 23.03 38.80
C ALA A 71 11.45 23.41 39.17
N LEU A 72 11.12 24.70 39.05
CA LEU A 72 9.87 25.20 39.64
C LEU A 72 8.81 25.46 38.57
N GLU A 73 9.17 25.28 37.29
N GLU A 73 9.18 25.31 37.30
CA GLU A 73 8.24 25.50 36.20
CA GLU A 73 8.27 25.55 36.18
C GLU A 73 8.37 24.35 35.20
C GLU A 73 8.40 24.40 35.19
N ARG A 74 7.24 23.70 34.90
N ARG A 74 7.27 23.74 34.89
N ARG A 74 7.21 23.81 34.86
CA ARG A 74 7.24 22.51 34.07
CA ARG A 74 7.31 22.53 34.07
CA ARG A 74 7.35 22.59 34.08
C ARG A 74 7.13 22.87 32.59
C ARG A 74 7.13 22.88 32.59
C ARG A 74 7.16 22.89 32.60
N LYS A 75 6.59 24.06 32.30
CA LYS A 75 6.29 24.47 30.92
C LYS A 75 7.28 25.53 30.44
N PRO A 76 8.03 25.29 29.33
CA PRO A 76 8.86 26.34 28.74
C PRO A 76 8.03 27.54 28.32
N LYS A 77 8.53 28.75 28.60
N LYS A 77 8.54 28.75 28.59
CA LYS A 77 7.81 29.97 28.27
CA LYS A 77 7.81 29.97 28.27
C LYS A 77 8.41 30.67 27.05
C LYS A 77 8.41 30.67 27.05
N ALA A 78 9.51 30.11 26.53
CA ALA A 78 10.19 30.61 25.34
C ALA A 78 11.24 29.58 24.94
N VAL A 79 11.72 29.69 23.70
CA VAL A 79 12.85 28.88 23.24
C VAL A 79 13.95 29.85 22.79
N VAL A 80 15.21 29.46 23.00
CA VAL A 80 16.34 30.29 22.62
C VAL A 80 17.38 29.41 21.96
N THR A 81 18.00 29.92 20.88
CA THR A 81 19.15 29.21 20.30
C THR A 81 20.07 30.20 19.60
N HIS A 82 21.33 29.75 19.41
N HIS A 82 21.38 29.85 19.52
CA HIS A 82 22.34 30.41 18.59
CA HIS A 82 22.38 30.63 18.78
C HIS A 82 22.29 29.93 17.14
C HIS A 82 22.39 30.21 17.32
N SER A 83 21.53 28.87 16.85
N SER A 83 21.53 29.25 16.95
CA SER A 83 21.39 28.40 15.48
CA SER A 83 21.54 28.64 15.63
C SER A 83 20.56 29.39 14.66
C SER A 83 20.59 29.37 14.68
N SER A 84 21.14 29.86 13.56
CA SER A 84 20.40 30.66 12.60
C SER A 84 20.23 29.89 11.28
N GLY A 85 20.36 28.56 11.35
CA GLY A 85 20.10 27.76 10.16
C GLY A 85 18.84 26.90 10.34
N ASN A 86 18.92 25.68 9.81
CA ASN A 86 17.79 24.75 9.85
C ASN A 86 17.31 24.52 11.28
N HIS A 87 18.22 24.50 12.28
CA HIS A 87 17.77 24.27 13.65
C HIS A 87 16.94 25.46 14.16
N GLY A 88 17.45 26.68 13.94
CA GLY A 88 16.73 27.87 14.35
C GLY A 88 15.34 27.93 13.71
N GLN A 89 15.28 27.62 12.40
CA GLN A 89 14.02 27.63 11.69
C GLN A 89 13.06 26.60 12.30
N ALA A 90 13.57 25.38 12.54
CA ALA A 90 12.73 24.32 13.09
C ALA A 90 12.26 24.69 14.49
N LEU A 91 13.16 25.26 15.29
CA LEU A 91 12.83 25.59 16.67
C LEU A 91 11.75 26.67 16.71
N THR A 92 11.83 27.62 15.77
CA THR A 92 10.83 28.68 15.70
C THR A 92 9.47 28.06 15.36
N TYR A 93 9.43 27.14 14.38
CA TYR A 93 8.20 26.45 14.02
C TYR A 93 7.63 25.70 15.24
N ALA A 94 8.48 24.97 15.95
CA ALA A 94 8.06 24.19 17.12
C ALA A 94 7.46 25.12 18.19
N ALA A 95 8.11 26.27 18.40
CA ALA A 95 7.67 27.27 19.38
C ALA A 95 6.30 27.80 18.97
N LYS A 96 6.14 28.10 17.68
N LYS A 96 6.14 28.10 17.68
CA LYS A 96 4.85 28.57 17.17
CA LYS A 96 4.86 28.57 17.18
C LYS A 96 3.77 27.53 17.45
C LYS A 96 3.78 27.53 17.43
N LEU A 97 4.07 26.25 17.18
CA LEU A 97 3.08 25.21 17.43
C LEU A 97 2.62 25.21 18.88
N GLU A 98 3.54 25.52 19.80
CA GLU A 98 3.28 25.38 21.22
C GLU A 98 2.83 26.73 21.79
N GLY A 99 2.75 27.75 20.93
CA GLY A 99 2.26 29.06 21.33
C GLY A 99 3.22 29.84 22.24
N ILE A 100 4.53 29.63 22.09
CA ILE A 100 5.53 30.33 22.90
C ILE A 100 6.49 31.06 21.96
N PRO A 101 7.13 32.17 22.42
CA PRO A 101 8.02 32.92 21.56
C PRO A 101 9.36 32.21 21.34
N ALA A 102 9.95 32.48 20.17
CA ALA A 102 11.30 32.01 19.85
C ALA A 102 12.27 33.17 19.76
N TYR A 103 13.47 33.00 20.35
CA TYR A 103 14.52 34.00 20.27
C TYR A 103 15.75 33.37 19.62
N ILE A 104 16.24 34.03 18.57
CA ILE A 104 17.47 33.60 17.91
C ILE A 104 18.53 34.64 18.25
N VAL A 105 19.65 34.18 18.84
CA VAL A 105 20.76 35.06 19.17
C VAL A 105 21.66 35.15 17.94
N VAL A 106 21.83 36.36 17.42
CA VAL A 106 22.42 36.59 16.12
C VAL A 106 23.52 37.63 16.27
N PRO A 107 24.76 37.35 15.78
CA PRO A 107 25.82 38.36 15.77
C PRO A 107 25.45 39.54 14.88
N GLN A 108 25.95 40.73 15.22
CA GLN A 108 25.68 41.93 14.45
C GLN A 108 26.16 41.74 13.00
N THR A 109 27.15 40.85 12.82
CA THR A 109 27.83 40.62 11.56
C THR A 109 27.04 39.68 10.64
N ALA A 110 25.88 39.18 11.10
CA ALA A 110 25.14 38.27 10.24
C ALA A 110 24.63 39.04 9.01
N PRO A 111 24.51 38.37 7.84
CA PRO A 111 23.99 39.02 6.63
C PRO A 111 22.59 39.56 6.85
N ASP A 112 22.28 40.69 6.20
N ASP A 112 22.27 40.69 6.20
CA ASP A 112 21.01 41.39 6.33
CA ASP A 112 21.00 41.38 6.38
C ASP A 112 19.86 40.48 5.93
C ASP A 112 19.84 40.51 5.90
N CYS A 113 20.07 39.72 4.84
CA CYS A 113 19.05 38.86 4.28
C CYS A 113 18.59 37.82 5.31
N LYS A 114 19.54 37.36 6.13
N LYS A 114 19.54 37.36 6.13
CA LYS A 114 19.28 36.36 7.16
CA LYS A 114 19.28 36.36 7.15
C LYS A 114 18.53 36.99 8.33
C LYS A 114 18.51 36.99 8.32
N LYS A 115 18.93 38.20 8.71
CA LYS A 115 18.24 38.94 9.76
C LYS A 115 16.77 39.12 9.40
N LEU A 116 16.52 39.47 8.13
CA LEU A 116 15.16 39.73 7.69
C LEU A 116 14.36 38.43 7.65
N ALA A 117 14.98 37.35 7.16
CA ALA A 117 14.31 36.08 7.04
C ALA A 117 13.87 35.58 8.41
N ILE A 118 14.79 35.66 9.39
CA ILE A 118 14.50 35.18 10.74
C ILE A 118 13.23 35.86 11.24
N GLN A 119 13.14 37.18 11.02
CA GLN A 119 12.03 37.96 11.54
C GLN A 119 10.74 37.61 10.81
N ALA A 120 10.83 37.42 9.48
CA ALA A 120 9.66 37.17 8.64
C ALA A 120 8.99 35.86 9.04
N TYR A 121 9.81 34.88 9.47
CA TYR A 121 9.37 33.55 9.84
C TYR A 121 8.70 33.57 11.22
N GLY A 122 8.93 34.65 11.98
CA GLY A 122 8.22 34.82 13.23
C GLY A 122 9.09 34.60 14.47
N ALA A 123 10.42 34.55 14.31
CA ALA A 123 11.28 34.57 15.48
C ALA A 123 11.64 36.01 15.86
N SER A 124 11.97 36.24 17.14
CA SER A 124 12.54 37.50 17.55
C SER A 124 14.06 37.40 17.53
N ILE A 125 14.73 38.44 17.05
CA ILE A 125 16.19 38.45 17.03
C ILE A 125 16.71 39.16 18.28
N VAL A 126 17.72 38.56 18.89
CA VAL A 126 18.49 39.25 19.92
C VAL A 126 19.94 39.31 19.44
N TYR A 127 20.47 40.54 19.34
CA TYR A 127 21.80 40.74 18.77
C TYR A 127 22.88 40.55 19.84
N CYS A 128 24.01 39.97 19.41
CA CYS A 128 25.20 39.83 20.25
C CYS A 128 26.41 40.28 19.46
N GLU A 129 27.56 40.34 20.14
CA GLU A 129 28.84 40.56 19.46
C GLU A 129 29.25 39.25 18.81
N PRO A 130 30.11 39.27 17.75
CA PRO A 130 30.59 38.04 17.13
C PRO A 130 31.29 37.08 18.13
N SER A 131 31.68 37.63 19.28
N SER A 131 31.72 37.64 19.26
CA SER A 131 32.39 36.93 20.34
CA SER A 131 32.43 36.89 20.29
C SER A 131 31.49 35.90 21.00
C SER A 131 31.51 35.89 20.96
N ASP A 132 32.08 34.75 21.36
CA ASP A 132 31.36 33.68 22.04
C ASP A 132 31.03 34.13 23.46
N GLU A 133 31.94 34.89 24.07
CA GLU A 133 31.72 35.46 25.38
C GLU A 133 30.41 36.27 25.39
N SER A 134 30.20 37.07 24.34
CA SER A 134 29.01 37.91 24.24
C SER A 134 27.80 37.06 23.89
N ARG A 135 28.01 36.09 22.99
N ARG A 135 28.01 36.09 22.99
CA ARG A 135 26.96 35.17 22.53
CA ARG A 135 26.96 35.19 22.53
C ARG A 135 26.36 34.46 23.73
C ARG A 135 26.36 34.47 23.74
N GLU A 136 27.24 33.96 24.62
CA GLU A 136 26.82 33.20 25.78
C GLU A 136 26.16 34.11 26.81
N ASN A 137 26.77 35.27 27.06
CA ASN A 137 26.19 36.26 27.95
C ASN A 137 24.75 36.54 27.52
N VAL A 138 24.58 36.84 26.23
CA VAL A 138 23.30 37.27 25.68
C VAL A 138 22.27 36.14 25.76
N ALA A 139 22.64 34.94 25.29
CA ALA A 139 21.69 33.85 25.22
C ALA A 139 21.26 33.37 26.62
N LYS A 140 22.22 33.28 27.55
CA LYS A 140 21.92 32.83 28.90
C LYS A 140 20.94 33.80 29.54
N ARG A 141 21.23 35.10 29.35
CA ARG A 141 20.41 36.21 29.83
C ARG A 141 19.00 36.10 29.27
N VAL A 142 18.88 35.91 27.94
CA VAL A 142 17.58 35.79 27.29
C VAL A 142 16.81 34.62 27.90
N THR A 143 17.47 33.46 28.01
CA THR A 143 16.85 32.23 28.51
C THR A 143 16.31 32.46 29.93
N GLU A 144 17.13 33.08 30.78
CA GLU A 144 16.75 33.27 32.18
C GLU A 144 15.59 34.26 32.29
N GLU A 145 15.67 35.35 31.52
CA GLU A 145 14.74 36.47 31.62
C GLU A 145 13.36 36.11 31.07
N THR A 146 13.32 35.25 30.03
CA THR A 146 12.09 34.88 29.37
C THR A 146 11.53 33.59 29.96
N GLU A 147 12.24 33.01 30.93
CA GLU A 147 11.92 31.68 31.45
C GLU A 147 11.85 30.65 30.33
N GLY A 148 12.87 30.68 29.46
CA GLY A 148 12.87 29.85 28.28
C GLY A 148 13.70 28.58 28.44
N ILE A 149 13.71 27.77 27.38
CA ILE A 149 14.68 26.69 27.25
C ILE A 149 15.67 27.08 26.16
N MET A 150 16.96 26.92 26.46
N MET A 150 16.95 26.82 26.43
CA MET A 150 18.01 26.98 25.46
CA MET A 150 17.99 26.98 25.43
C MET A 150 18.05 25.60 24.82
C MET A 150 18.23 25.62 24.79
N VAL A 151 17.99 25.53 23.48
CA VAL A 151 17.93 24.24 22.79
C VAL A 151 19.09 24.13 21.81
N HIS A 152 20.10 23.37 22.21
CA HIS A 152 21.29 23.16 21.41
C HIS A 152 20.94 22.37 20.16
N PRO A 153 21.51 22.71 18.99
CA PRO A 153 21.18 22.03 17.74
C PRO A 153 21.57 20.56 17.64
N ASN A 154 22.48 20.06 18.51
CA ASN A 154 22.92 18.68 18.32
C ASN A 154 23.32 17.95 19.59
N GLN A 155 23.55 18.66 20.72
CA GLN A 155 24.07 18.00 21.90
C GLN A 155 22.98 17.81 22.97
N GLU A 156 21.84 18.47 22.79
CA GLU A 156 20.75 18.39 23.75
C GLU A 156 20.13 17.00 23.66
N PRO A 157 20.11 16.18 24.74
CA PRO A 157 19.51 14.84 24.67
C PRO A 157 18.12 14.81 24.03
N ALA A 158 17.23 15.75 24.39
CA ALA A 158 15.89 15.72 23.78
C ALA A 158 15.94 15.88 22.26
N VAL A 159 16.93 16.66 21.78
CA VAL A 159 17.12 16.86 20.35
C VAL A 159 17.62 15.56 19.71
N ILE A 160 18.68 14.97 20.29
CA ILE A 160 19.22 13.72 19.77
C ILE A 160 18.13 12.66 19.67
N ALA A 161 17.33 12.54 20.74
CA ALA A 161 16.25 11.55 20.78
C ALA A 161 15.25 11.79 19.66
N GLY A 162 14.87 13.06 19.46
CA GLY A 162 13.96 13.39 18.38
C GLY A 162 14.53 13.02 17.01
N GLN A 163 15.81 13.32 16.77
CA GLN A 163 16.33 13.00 15.44
C GLN A 163 16.34 11.49 15.19
N GLY A 164 16.49 10.70 16.27
CA GLY A 164 16.54 9.24 16.14
C GLY A 164 15.26 8.64 15.57
N THR A 165 14.14 9.40 15.68
CA THR A 165 12.87 8.92 15.16
C THR A 165 12.91 8.66 13.65
N ILE A 166 13.88 9.28 12.95
CA ILE A 166 14.05 9.00 11.53
C ILE A 166 14.23 7.49 11.34
N ALA A 167 15.06 6.89 12.20
CA ALA A 167 15.40 5.48 12.07
C ALA A 167 14.20 4.59 12.37
N LEU A 168 13.30 5.03 13.29
CA LEU A 168 12.13 4.20 13.56
C LEU A 168 11.33 4.09 12.27
N GLU A 169 11.21 5.23 11.56
CA GLU A 169 10.45 5.25 10.32
C GLU A 169 11.16 4.42 9.24
N VAL A 170 12.48 4.61 9.09
CA VAL A 170 13.22 3.88 8.06
C VAL A 170 13.08 2.36 8.25
N LEU A 171 13.23 1.87 9.50
CA LEU A 171 13.19 0.44 9.71
C LEU A 171 11.80 -0.10 9.41
N ASN A 172 10.76 0.67 9.77
CA ASN A 172 9.39 0.25 9.49
C ASN A 172 9.11 0.28 7.99
N GLN A 173 9.67 1.29 7.28
CA GLN A 173 9.37 1.57 5.88
C GLN A 173 10.19 0.67 4.96
N VAL A 174 11.37 0.22 5.42
CA VAL A 174 12.28 -0.55 4.58
C VAL A 174 12.68 -1.81 5.37
N PRO A 175 11.79 -2.81 5.48
CA PRO A 175 12.08 -3.96 6.34
C PRO A 175 13.35 -4.73 5.98
N LEU A 176 13.78 -4.65 4.72
CA LEU A 176 14.96 -5.40 4.31
C LEU A 176 16.20 -4.52 4.29
N VAL A 177 16.15 -3.34 4.92
CA VAL A 177 17.30 -2.45 4.89
C VAL A 177 18.52 -3.12 5.54
N ASP A 178 19.70 -2.89 4.93
CA ASP A 178 20.99 -3.42 5.38
C ASP A 178 21.86 -2.33 6.01
N ALA A 179 21.62 -1.05 5.68
CA ALA A 179 22.46 0.01 6.21
C ALA A 179 21.72 1.34 6.06
N LEU A 180 22.02 2.26 6.98
CA LEU A 180 21.59 3.65 6.82
C LEU A 180 22.84 4.51 6.64
N VAL A 181 22.76 5.49 5.72
CA VAL A 181 23.85 6.43 5.51
C VAL A 181 23.32 7.81 5.91
N VAL A 182 24.09 8.46 6.80
CA VAL A 182 23.62 9.64 7.53
C VAL A 182 24.70 10.72 7.45
N PRO A 183 24.38 11.93 6.93
CA PRO A 183 25.34 13.03 6.95
C PRO A 183 25.57 13.42 8.42
N VAL A 184 26.80 13.80 8.75
CA VAL A 184 27.14 14.13 10.13
C VAL A 184 27.75 15.53 10.21
N GLY A 185 27.16 16.33 11.12
CA GLY A 185 27.79 17.56 11.60
C GLY A 185 28.03 17.46 13.10
N GLY A 186 27.09 17.97 13.88
CA GLY A 186 27.24 17.82 15.32
C GLY A 186 26.95 16.40 15.81
N GLY A 187 26.30 15.59 14.96
CA GLY A 187 26.07 14.18 15.24
C GLY A 187 24.79 13.89 16.06
N GLY A 188 23.90 14.88 16.14
CA GLY A 188 22.60 14.63 16.77
C GLY A 188 21.78 13.60 15.99
N MET A 189 21.69 13.80 14.67
CA MET A 189 20.99 12.84 13.84
C MET A 189 21.74 11.50 13.81
N LEU A 190 23.05 11.51 13.59
CA LEU A 190 23.77 10.25 13.54
C LEU A 190 23.62 9.46 14.85
N ALA A 191 23.79 10.15 15.99
CA ALA A 191 23.74 9.48 17.28
C ALA A 191 22.33 8.95 17.57
N GLY A 192 21.32 9.79 17.29
CA GLY A 192 19.95 9.32 17.50
C GLY A 192 19.64 8.07 16.68
N ILE A 193 20.03 8.11 15.40
CA ILE A 193 19.82 6.99 14.51
C ILE A 193 20.59 5.77 15.01
N ALA A 194 21.85 5.99 15.42
CA ALA A 194 22.67 4.85 15.83
C ALA A 194 22.06 4.17 17.04
N ILE A 195 21.59 4.94 18.03
CA ILE A 195 20.98 4.35 19.22
C ILE A 195 19.79 3.49 18.79
N THR A 196 18.99 4.03 17.87
CA THR A 196 17.74 3.41 17.48
C THR A 196 18.01 2.10 16.73
N VAL A 197 18.89 2.17 15.73
CA VAL A 197 19.16 1.00 14.90
C VAL A 197 19.78 -0.11 15.75
N LYS A 198 20.74 0.25 16.62
CA LYS A 198 21.46 -0.75 17.38
C LYS A 198 20.57 -1.36 18.47
N ALA A 199 19.57 -0.61 18.95
CA ALA A 199 18.62 -1.19 19.91
C ALA A 199 17.69 -2.20 19.23
N LEU A 200 17.31 -1.92 17.97
CA LEU A 200 16.23 -2.65 17.33
C LEU A 200 16.74 -3.79 16.45
N LYS A 201 17.79 -3.50 15.66
CA LYS A 201 18.26 -4.47 14.68
C LYS A 201 19.73 -4.20 14.44
N PRO A 202 20.62 -4.57 15.39
CA PRO A 202 22.02 -4.18 15.31
C PRO A 202 22.77 -4.77 14.10
N SER A 203 22.16 -5.75 13.42
CA SER A 203 22.73 -6.31 12.20
C SER A 203 22.73 -5.27 11.06
N VAL A 204 21.86 -4.26 11.17
CA VAL A 204 21.83 -3.16 10.21
C VAL A 204 22.99 -2.21 10.49
N LYS A 205 23.74 -1.84 9.44
CA LYS A 205 24.91 -0.99 9.57
C LYS A 205 24.48 0.47 9.69
N VAL A 206 25.27 1.25 10.43
CA VAL A 206 25.06 2.70 10.48
C VAL A 206 26.34 3.37 10.02
N TYR A 207 26.25 4.09 8.90
CA TYR A 207 27.40 4.74 8.30
C TYR A 207 27.20 6.25 8.31
N ALA A 208 28.29 6.96 8.63
CA ALA A 208 28.28 8.42 8.60
C ALA A 208 28.92 8.89 7.31
N ALA A 209 28.49 10.06 6.84
CA ALA A 209 29.00 10.69 5.64
C ALA A 209 29.38 12.11 6.02
N GLU A 210 30.61 12.51 5.64
CA GLU A 210 31.11 13.77 6.13
C GLU A 210 31.96 14.45 5.07
N PRO A 211 31.95 15.79 4.94
CA PRO A 211 32.89 16.48 4.05
C PRO A 211 34.32 16.29 4.51
N SER A 212 35.22 15.98 3.57
N SER A 212 35.21 15.98 3.55
CA SER A 212 36.65 15.89 3.92
CA SER A 212 36.64 15.92 3.81
C SER A 212 37.17 17.24 4.40
C SER A 212 37.13 17.22 4.42
N ASN A 213 36.53 18.33 3.99
CA ASN A 213 36.91 19.66 4.42
C ASN A 213 36.50 19.93 5.87
N ALA A 214 35.68 19.05 6.47
CA ALA A 214 35.19 19.27 7.83
C ALA A 214 35.19 17.93 8.55
N ASP A 215 36.35 17.27 8.58
CA ASP A 215 36.38 15.82 8.83
C ASP A 215 36.65 15.48 10.30
N ASP A 216 36.11 16.25 11.26
CA ASP A 216 36.32 15.93 12.66
C ASP A 216 35.72 14.59 13.08
N CYS A 217 34.59 14.17 12.49
CA CYS A 217 34.00 12.91 12.94
C CYS A 217 34.91 11.75 12.52
N TYR A 218 35.42 11.84 11.30
CA TYR A 218 36.38 10.87 10.78
C TYR A 218 37.63 10.88 11.66
N GLN A 219 38.18 12.07 11.94
CA GLN A 219 39.44 12.13 12.70
C GLN A 219 39.24 11.63 14.12
N SER A 220 38.05 11.91 14.69
CA SER A 220 37.74 11.45 16.04
C SER A 220 37.67 9.93 16.06
N LYS A 221 36.94 9.35 15.09
CA LYS A 221 36.82 7.90 15.06
C LYS A 221 38.20 7.27 14.84
N LEU A 222 39.00 7.90 13.99
CA LEU A 222 40.35 7.39 13.71
C LEU A 222 41.20 7.38 14.98
N LYS A 223 41.20 8.50 15.71
N LYS A 223 41.17 8.51 15.70
CA LYS A 223 42.08 8.67 16.84
CA LYS A 223 42.03 8.75 16.85
C LYS A 223 41.52 7.93 18.07
C LYS A 223 41.51 8.01 18.07
N GLY A 224 40.20 7.76 18.12
CA GLY A 224 39.57 7.14 19.29
C GLY A 224 39.29 8.14 20.40
N LYS A 225 39.28 9.43 20.07
CA LYS A 225 38.88 10.46 21.02
C LYS A 225 38.29 11.65 20.26
N LEU A 226 37.56 12.49 20.98
CA LEU A 226 36.92 13.65 20.39
C LEU A 226 37.97 14.69 19.96
N MET A 227 38.02 14.93 18.66
CA MET A 227 38.92 15.87 18.02
C MET A 227 38.10 16.83 17.16
N PRO A 228 37.60 17.94 17.75
CA PRO A 228 36.81 18.90 17.00
C PRO A 228 37.65 19.61 15.92
N ASN A 229 36.97 20.16 14.92
CA ASN A 229 37.67 21.01 13.97
C ASN A 229 38.38 22.11 14.75
N LEU A 230 39.67 22.32 14.43
N LEU A 230 39.65 22.35 14.41
CA LEU A 230 40.45 23.35 15.09
CA LEU A 230 40.44 23.39 15.05
C LEU A 230 40.01 24.73 14.62
C LEU A 230 40.01 24.75 14.54
N TYR A 231 39.58 24.80 13.36
N TYR A 231 39.64 24.80 13.25
CA TYR A 231 39.17 26.05 12.74
CA TYR A 231 39.22 26.05 12.62
C TYR A 231 37.80 25.88 12.09
C TYR A 231 37.83 25.88 12.04
N PRO A 232 37.03 26.97 11.91
N PRO A 232 37.08 26.99 11.85
CA PRO A 232 35.74 26.89 11.23
CA PRO A 232 35.77 26.94 11.21
C PRO A 232 35.95 26.35 9.82
C PRO A 232 35.95 26.36 9.81
N PRO A 233 35.28 25.23 9.45
CA PRO A 233 35.47 24.63 8.15
C PRO A 233 34.83 25.39 6.99
N GLU A 234 35.48 25.25 5.82
N GLU A 234 35.46 25.30 5.81
CA GLU A 234 35.01 25.75 4.54
CA GLU A 234 34.88 25.86 4.61
C GLU A 234 34.38 24.58 3.79
C GLU A 234 34.38 24.70 3.75
N THR A 235 33.06 24.66 3.55
CA THR A 235 32.42 23.61 2.78
C THR A 235 31.08 24.12 2.27
N ILE A 236 30.69 23.61 1.09
N ILE A 236 30.66 23.63 1.10
CA ILE A 236 29.38 23.85 0.50
CA ILE A 236 29.35 23.97 0.60
C ILE A 236 28.29 23.20 1.35
C ILE A 236 28.28 23.25 1.42
N ALA A 237 28.68 22.22 2.19
CA ALA A 237 27.72 21.51 3.02
C ALA A 237 27.53 22.29 4.31
N ASP A 238 26.79 23.40 4.19
CA ASP A 238 26.71 24.44 5.21
C ASP A 238 26.08 23.92 6.50
N GLY A 239 25.26 22.86 6.39
CA GLY A 239 24.51 22.29 7.50
C GLY A 239 25.32 21.33 8.39
N VAL A 240 26.57 21.03 8.01
CA VAL A 240 27.40 20.10 8.75
C VAL A 240 28.76 20.73 9.08
N LYS A 241 28.71 22.02 9.45
CA LYS A 241 29.93 22.73 9.81
C LYS A 241 30.24 22.58 11.31
N SER A 242 29.23 22.20 12.11
CA SER A 242 29.45 21.89 13.52
C SER A 242 30.36 20.68 13.70
N SER A 243 31.15 20.69 14.78
CA SER A 243 31.89 19.52 15.18
C SER A 243 30.96 18.62 15.99
N ILE A 244 31.30 17.33 16.04
CA ILE A 244 30.65 16.48 17.04
C ILE A 244 31.01 16.98 18.44
N GLY A 245 30.23 16.55 19.42
CA GLY A 245 30.39 17.08 20.79
C GLY A 245 30.38 15.97 21.84
N LEU A 246 30.37 16.38 23.12
CA LEU A 246 30.61 15.46 24.22
C LEU A 246 29.47 14.46 24.39
N ASN A 247 28.26 14.82 23.95
CA ASN A 247 27.13 13.92 24.13
C ASN A 247 26.97 12.99 22.92
N THR A 248 27.29 13.46 21.72
CA THR A 248 27.11 12.60 20.56
C THR A 248 28.34 11.71 20.31
N TRP A 249 29.53 12.19 20.69
CA TRP A 249 30.73 11.42 20.38
C TRP A 249 30.70 9.99 20.92
N PRO A 250 30.37 9.72 22.21
CA PRO A 250 30.44 8.35 22.74
C PRO A 250 29.55 7.39 21.97
N ILE A 251 28.36 7.86 21.58
CA ILE A 251 27.46 7.06 20.77
C ILE A 251 28.08 6.73 19.41
N ILE A 252 28.69 7.75 18.79
CA ILE A 252 29.28 7.58 17.48
C ILE A 252 30.48 6.65 17.55
N ARG A 253 31.31 6.84 18.58
CA ARG A 253 32.46 5.97 18.79
C ARG A 253 32.03 4.50 18.83
N ASP A 254 30.95 4.21 19.57
CA ASP A 254 30.62 2.84 19.93
C ASP A 254 29.64 2.20 18.96
N LEU A 255 28.75 2.99 18.34
CA LEU A 255 27.59 2.39 17.67
C LEU A 255 27.57 2.70 16.18
N VAL A 256 28.51 3.50 15.67
CA VAL A 256 28.54 3.78 14.24
C VAL A 256 29.60 2.91 13.60
N ASP A 257 29.23 2.28 12.49
CA ASP A 257 30.06 1.22 11.91
C ASP A 257 31.25 1.78 11.13
N ASP A 258 31.04 2.89 10.41
CA ASP A 258 32.10 3.47 9.60
C ASP A 258 31.72 4.91 9.20
N ILE A 259 32.75 5.68 8.82
N ILE A 259 32.73 5.66 8.73
CA ILE A 259 32.62 7.06 8.39
CA ILE A 259 32.60 7.07 8.39
C ILE A 259 33.25 7.13 7.00
C ILE A 259 33.31 7.31 7.07
N PHE A 260 32.56 7.81 6.09
CA PHE A 260 33.05 8.04 4.74
C PHE A 260 33.18 9.54 4.51
N THR A 261 34.36 10.00 4.10
CA THR A 261 34.56 11.42 3.80
C THR A 261 34.50 11.65 2.29
N VAL A 262 34.02 12.84 1.90
CA VAL A 262 33.77 13.16 0.51
C VAL A 262 34.27 14.57 0.23
N THR A 263 34.86 14.74 -0.95
CA THR A 263 35.41 16.03 -1.34
C THR A 263 34.30 17.00 -1.70
N GLU A 264 34.65 18.28 -1.80
CA GLU A 264 33.70 19.31 -2.22
C GLU A 264 33.16 18.97 -3.61
N ASP A 265 34.02 18.51 -4.52
CA ASP A 265 33.57 18.21 -5.86
C ASP A 265 32.59 17.04 -5.84
N GLU A 266 32.86 16.04 -4.98
CA GLU A 266 31.97 14.90 -4.85
C GLU A 266 30.61 15.33 -4.33
N ILE A 267 30.59 16.26 -3.35
CA ILE A 267 29.33 16.74 -2.81
C ILE A 267 28.55 17.48 -3.89
N LYS A 268 29.24 18.36 -4.63
CA LYS A 268 28.59 19.14 -5.68
C LYS A 268 28.01 18.23 -6.76
N CYS A 269 28.78 17.23 -7.19
N CYS A 269 28.81 17.25 -7.19
CA CYS A 269 28.36 16.36 -8.27
CA CYS A 269 28.43 16.32 -8.25
C CYS A 269 27.18 15.49 -7.83
C CYS A 269 27.20 15.53 -7.82
N ALA A 270 27.21 15.03 -6.58
CA ALA A 270 26.13 14.19 -6.08
C ALA A 270 24.86 15.01 -5.97
N THR A 271 25.01 16.27 -5.52
CA THR A 271 23.84 17.12 -5.33
C THR A 271 23.19 17.39 -6.70
N GLN A 272 24.02 17.69 -7.70
N GLN A 272 24.03 17.68 -7.69
CA GLN A 272 23.51 17.96 -9.03
CA GLN A 272 23.58 17.94 -9.05
C GLN A 272 22.83 16.71 -9.60
C GLN A 272 22.86 16.72 -9.60
N LEU A 273 23.42 15.53 -9.34
CA LEU A 273 22.86 14.27 -9.78
C LEU A 273 21.45 14.09 -9.21
N VAL A 274 21.29 14.37 -7.91
CA VAL A 274 19.97 14.22 -7.28
C VAL A 274 18.98 15.20 -7.90
N TRP A 275 19.41 16.45 -8.09
CA TRP A 275 18.57 17.46 -8.71
C TRP A 275 18.11 16.99 -10.10
N GLU A 276 19.07 16.57 -10.92
N GLU A 276 19.08 16.57 -10.92
CA GLU A 276 18.81 16.35 -12.34
CA GLU A 276 18.85 16.34 -12.35
C GLU A 276 18.12 15.00 -12.58
C GLU A 276 18.15 15.01 -12.58
N ARG A 277 18.53 13.97 -11.82
CA ARG A 277 18.07 12.62 -12.12
C ARG A 277 16.95 12.16 -11.19
N MET A 278 16.85 12.78 -10.01
CA MET A 278 15.77 12.43 -9.11
C MET A 278 14.72 13.53 -9.02
N LYS A 279 15.04 14.74 -9.47
CA LYS A 279 14.12 15.88 -9.43
C LYS A 279 13.77 16.26 -7.99
N LEU A 280 14.72 16.04 -7.07
CA LEU A 280 14.54 16.43 -5.66
C LEU A 280 15.46 17.60 -5.34
N LEU A 281 14.87 18.68 -4.82
N LEU A 281 14.92 18.70 -4.82
CA LEU A 281 15.61 19.88 -4.45
CA LEU A 281 15.75 19.87 -4.59
C LEU A 281 16.24 19.69 -3.08
C LEU A 281 16.37 19.82 -3.19
N ILE A 282 17.29 18.87 -3.02
CA ILE A 282 18.04 18.74 -1.77
C ILE A 282 18.98 19.93 -1.62
N GLU A 283 19.26 20.29 -0.36
CA GLU A 283 20.38 21.18 -0.14
C GLU A 283 21.69 20.37 -0.27
N PRO A 284 22.82 21.04 -0.59
CA PRO A 284 24.11 20.33 -0.77
C PRO A 284 24.50 19.49 0.45
N THR A 285 24.11 19.93 1.65
CA THR A 285 24.41 19.14 2.83
C THR A 285 23.80 17.74 2.72
N ALA A 286 22.58 17.67 2.17
CA ALA A 286 21.92 16.38 1.99
C ALA A 286 22.53 15.60 0.84
N GLY A 287 23.38 16.23 0.03
CA GLY A 287 24.09 15.49 -1.00
C GLY A 287 25.30 14.72 -0.45
N VAL A 288 25.67 14.99 0.80
CA VAL A 288 26.87 14.39 1.40
C VAL A 288 26.69 12.87 1.48
N GLY A 289 25.52 12.41 1.92
CA GLY A 289 25.30 10.97 2.04
C GLY A 289 25.30 10.29 0.68
N VAL A 290 24.78 10.99 -0.34
CA VAL A 290 24.75 10.45 -1.70
C VAL A 290 26.18 10.34 -2.23
N ALA A 291 26.97 11.41 -2.04
CA ALA A 291 28.39 11.38 -2.41
C ALA A 291 29.09 10.20 -1.74
N ALA A 292 28.76 9.93 -0.46
CA ALA A 292 29.45 8.87 0.26
C ALA A 292 29.26 7.52 -0.42
N VAL A 293 28.02 7.22 -0.84
CA VAL A 293 27.72 5.91 -1.39
C VAL A 293 28.31 5.79 -2.79
N LEU A 294 28.54 6.94 -3.45
CA LEU A 294 29.13 6.97 -4.79
C LEU A 294 30.66 6.91 -4.73
N SER A 295 31.24 7.16 -3.54
CA SER A 295 32.67 7.37 -3.38
C SER A 295 33.46 6.07 -3.53
N GLN A 296 34.74 6.21 -3.84
N GLN A 296 34.75 6.20 -3.83
CA GLN A 296 35.65 5.09 -4.01
CA GLN A 296 35.60 5.02 -4.02
C GLN A 296 35.67 4.21 -2.76
C GLN A 296 35.65 4.18 -2.75
N HIS A 297 35.76 4.83 -1.59
CA HIS A 297 35.95 4.09 -0.35
C HIS A 297 34.71 3.24 -0.03
N PHE A 298 33.52 3.68 -0.47
CA PHE A 298 32.32 2.91 -0.17
C PHE A 298 32.34 1.54 -0.88
N GLN A 299 33.22 1.36 -1.87
CA GLN A 299 33.36 0.09 -2.55
C GLN A 299 33.86 -1.00 -1.59
N THR A 300 34.46 -0.60 -0.47
CA THR A 300 34.97 -1.53 0.53
C THR A 300 33.83 -2.14 1.36
N VAL A 301 32.64 -1.53 1.29
CA VAL A 301 31.49 -2.08 1.98
C VAL A 301 31.13 -3.43 1.34
N SER A 302 30.99 -4.44 2.21
CA SER A 302 30.65 -5.81 1.82
C SER A 302 29.51 -5.84 0.82
N PRO A 303 29.57 -6.72 -0.21
CA PRO A 303 28.48 -6.85 -1.17
C PRO A 303 27.18 -7.36 -0.54
N GLU A 304 27.28 -7.90 0.68
CA GLU A 304 26.13 -8.38 1.42
C GLU A 304 25.27 -7.20 1.86
N VAL A 305 25.89 -6.02 1.99
CA VAL A 305 25.18 -4.81 2.37
C VAL A 305 24.56 -4.21 1.12
N LYS A 306 23.34 -4.65 0.78
CA LYS A 306 22.78 -4.41 -0.53
C LYS A 306 21.77 -3.26 -0.49
N ASN A 307 20.90 -3.29 0.53
CA ASN A 307 19.78 -2.36 0.64
C ASN A 307 20.19 -1.22 1.56
N ILE A 308 20.39 -0.04 0.97
CA ILE A 308 21.01 1.06 1.72
C ILE A 308 20.06 2.25 1.69
N CYS A 309 19.66 2.70 2.87
CA CYS A 309 18.83 3.89 2.95
C CYS A 309 19.70 5.10 3.28
N ILE A 310 19.63 6.10 2.40
CA ILE A 310 20.35 7.37 2.56
C ILE A 310 19.34 8.40 3.04
N VAL A 311 19.71 9.12 4.12
CA VAL A 311 18.86 10.19 4.61
C VAL A 311 19.11 11.45 3.79
N LEU A 312 18.10 11.90 3.03
CA LEU A 312 18.15 13.21 2.37
C LEU A 312 17.61 14.24 3.37
N SER A 313 18.56 14.85 4.10
CA SER A 313 18.29 15.45 5.39
C SER A 313 17.59 16.81 5.28
N GLY A 314 17.66 17.48 4.13
CA GLY A 314 17.05 18.81 4.06
C GLY A 314 16.93 19.33 2.63
N GLY A 315 16.05 20.33 2.46
CA GLY A 315 15.86 20.94 1.15
C GLY A 315 15.88 22.47 1.22
N ASN A 316 16.53 23.02 2.25
CA ASN A 316 16.50 24.46 2.45
C ASN A 316 17.64 25.12 1.70
N VAL A 317 17.45 25.25 0.39
CA VAL A 317 18.47 25.83 -0.48
C VAL A 317 17.93 27.14 -1.07
N ASP A 318 18.81 28.14 -1.15
CA ASP A 318 18.52 29.37 -1.87
C ASP A 318 18.89 29.17 -3.34
N LEU A 319 17.85 29.14 -4.20
CA LEU A 319 17.98 28.73 -5.59
C LEU A 319 18.89 29.68 -6.37
N THR A 320 18.71 30.98 -6.13
CA THR A 320 19.45 32.03 -6.82
C THR A 320 20.95 31.83 -6.59
N SER A 321 21.32 31.51 -5.35
CA SER A 321 22.72 31.28 -5.00
C SER A 321 23.21 29.95 -5.56
N SER A 322 22.30 28.98 -5.66
CA SER A 322 22.65 27.62 -6.07
C SER A 322 22.57 27.47 -7.59
N ILE A 323 22.45 28.60 -8.30
CA ILE A 323 22.50 28.62 -9.75
C ILE A 323 23.90 28.20 -10.20
N THR A 324 24.91 28.72 -9.50
CA THR A 324 26.30 28.35 -9.71
C THR A 324 27.07 28.52 -8.40
N TRP A 325 27.82 27.48 -8.03
CA TRP A 325 28.69 27.52 -6.86
C TRP A 325 30.14 27.74 -7.29
N GLN B 4 -13.55 -14.98 -34.62
CA GLN B 4 -14.85 -14.38 -34.17
C GLN B 4 -15.52 -15.33 -33.19
N TYR B 5 -15.53 -14.93 -31.92
CA TYR B 5 -16.22 -15.67 -30.87
C TYR B 5 -17.47 -14.90 -30.47
N ASP B 6 -18.26 -15.48 -29.56
CA ASP B 6 -19.52 -14.88 -29.15
C ASP B 6 -19.28 -13.61 -28.33
N ILE B 7 -18.09 -13.47 -27.76
CA ILE B 7 -17.69 -12.23 -27.12
C ILE B 7 -16.27 -11.89 -27.56
N SER B 8 -15.90 -10.63 -27.34
CA SER B 8 -14.54 -10.14 -27.51
C SER B 8 -14.04 -9.57 -26.19
N PHE B 9 -12.75 -9.25 -26.16
CA PHE B 9 -12.20 -8.53 -25.02
C PHE B 9 -12.91 -7.19 -24.81
N ALA B 10 -13.22 -6.46 -25.90
CA ALA B 10 -13.99 -5.23 -25.81
C ALA B 10 -15.29 -5.43 -25.01
N ASP B 11 -15.96 -6.59 -25.17
CA ASP B 11 -17.21 -6.84 -24.47
C ASP B 11 -16.97 -7.00 -22.97
N VAL B 12 -15.82 -7.58 -22.62
CA VAL B 12 -15.49 -7.77 -21.21
C VAL B 12 -15.26 -6.41 -20.56
N GLU B 13 -14.56 -5.52 -21.27
CA GLU B 13 -14.27 -4.22 -20.69
C GLU B 13 -15.57 -3.44 -20.52
N LYS B 14 -16.43 -3.50 -21.52
N LYS B 14 -16.44 -3.51 -21.52
CA LYS B 14 -17.73 -2.86 -21.43
CA LYS B 14 -17.74 -2.88 -21.47
C LYS B 14 -18.47 -3.40 -20.21
C LYS B 14 -18.50 -3.41 -20.25
N ALA B 15 -18.42 -4.72 -20.04
CA ALA B 15 -19.05 -5.36 -18.89
C ALA B 15 -18.53 -4.76 -17.58
N HIS B 16 -17.20 -4.63 -17.46
N HIS B 16 -17.19 -4.64 -17.48
CA HIS B 16 -16.60 -4.13 -16.24
CA HIS B 16 -16.54 -4.11 -16.28
C HIS B 16 -17.07 -2.69 -15.97
C HIS B 16 -17.06 -2.71 -15.99
N ILE B 17 -17.11 -1.86 -17.02
CA ILE B 17 -17.59 -0.50 -16.90
C ILE B 17 -19.04 -0.51 -16.39
N ASN B 18 -19.82 -1.48 -16.89
N ASN B 18 -19.84 -1.46 -16.89
CA ASN B 18 -21.26 -1.55 -16.65
CA ASN B 18 -21.27 -1.50 -16.60
C ASN B 18 -21.57 -1.97 -15.22
C ASN B 18 -21.51 -1.87 -15.13
N ILE B 19 -20.69 -2.77 -14.60
CA ILE B 19 -21.00 -3.39 -13.31
C ILE B 19 -20.16 -2.88 -12.13
N ARG B 20 -19.04 -2.18 -12.40
N ARG B 20 -19.06 -2.16 -12.40
CA ARG B 20 -18.04 -1.99 -11.35
CA ARG B 20 -18.04 -1.98 -11.37
C ARG B 20 -18.62 -1.25 -10.13
C ARG B 20 -18.57 -1.20 -10.17
N ASP B 21 -19.63 -0.41 -10.35
CA ASP B 21 -20.16 0.40 -9.26
C ASP B 21 -20.97 -0.44 -8.27
N SER B 22 -21.23 -1.71 -8.62
CA SER B 22 -22.23 -2.50 -7.90
C SER B 22 -21.70 -3.85 -7.44
N ILE B 23 -20.43 -4.15 -7.74
CA ILE B 23 -19.82 -5.40 -7.31
C ILE B 23 -18.61 -5.07 -6.45
N HIS B 24 -18.10 -6.08 -5.73
CA HIS B 24 -16.88 -5.93 -4.98
C HIS B 24 -15.67 -6.29 -5.83
N LEU B 25 -14.63 -5.45 -5.76
CA LEU B 25 -13.31 -5.86 -6.20
C LEU B 25 -12.76 -6.79 -5.13
N THR B 26 -13.01 -8.10 -5.29
CA THR B 26 -12.78 -9.05 -4.20
C THR B 26 -11.29 -9.21 -3.98
N PRO B 27 -10.82 -9.46 -2.73
CA PRO B 27 -9.38 -9.56 -2.45
C PRO B 27 -8.76 -10.84 -2.99
N VAL B 28 -7.45 -10.78 -3.17
CA VAL B 28 -6.70 -11.99 -3.46
C VAL B 28 -5.92 -12.36 -2.20
N LEU B 29 -6.19 -13.55 -1.65
CA LEU B 29 -5.55 -14.01 -0.44
C LEU B 29 -4.53 -15.09 -0.74
N THR B 30 -3.65 -15.37 0.24
CA THR B 30 -2.64 -16.40 0.09
C THR B 30 -2.64 -17.34 1.29
N SER B 31 -1.93 -18.46 1.13
CA SER B 31 -1.82 -19.49 2.15
C SER B 31 -0.46 -20.18 2.06
N SER B 32 0.36 -20.06 3.11
CA SER B 32 1.66 -20.72 3.15
C SER B 32 1.48 -22.25 3.06
N ILE B 33 0.46 -22.74 3.78
CA ILE B 33 0.18 -24.16 3.88
C ILE B 33 -0.08 -24.73 2.48
N LEU B 34 -0.98 -24.08 1.74
N LEU B 34 -0.98 -24.08 1.73
CA LEU B 34 -1.36 -24.55 0.42
CA LEU B 34 -1.32 -24.60 0.42
C LEU B 34 -0.19 -24.42 -0.55
C LEU B 34 -0.16 -24.43 -0.56
N ASN B 35 0.66 -23.38 -0.35
CA ASN B 35 1.87 -23.20 -1.13
C ASN B 35 2.78 -24.41 -0.95
N GLN B 36 3.00 -24.80 0.32
CA GLN B 36 3.87 -25.91 0.67
C GLN B 36 3.38 -27.22 0.06
N LEU B 37 2.06 -27.44 0.04
CA LEU B 37 1.48 -28.68 -0.45
C LEU B 37 1.61 -28.78 -1.97
N THR B 38 1.58 -27.64 -2.67
CA THR B 38 1.49 -27.66 -4.11
C THR B 38 2.87 -27.48 -4.75
N GLY B 39 3.79 -26.88 -4.00
CA GLY B 39 5.08 -26.49 -4.55
C GLY B 39 4.97 -25.29 -5.48
N ARG B 40 3.89 -24.51 -5.34
CA ARG B 40 3.64 -23.35 -6.18
C ARG B 40 3.37 -22.14 -5.28
N ASN B 41 3.28 -20.96 -5.91
N ASN B 41 3.40 -20.93 -5.88
CA ASN B 41 2.95 -19.71 -5.23
CA ASN B 41 2.93 -19.73 -5.21
C ASN B 41 1.49 -19.38 -5.57
C ASN B 41 1.47 -19.51 -5.61
N LEU B 42 0.58 -19.70 -4.64
CA LEU B 42 -0.86 -19.64 -4.92
C LEU B 42 -1.46 -18.30 -4.49
N PHE B 43 -2.45 -17.87 -5.27
CA PHE B 43 -3.23 -16.66 -5.04
C PHE B 43 -4.68 -17.07 -5.19
N PHE B 44 -5.53 -16.66 -4.23
CA PHE B 44 -6.92 -17.08 -4.22
C PHE B 44 -7.79 -15.87 -4.46
N LYS B 45 -8.45 -15.82 -5.63
CA LYS B 45 -9.38 -14.75 -5.96
C LYS B 45 -10.70 -15.06 -5.26
N CYS B 46 -11.09 -14.18 -4.34
CA CYS B 46 -12.10 -14.54 -3.34
C CYS B 46 -13.50 -14.13 -3.79
N GLU B 47 -14.00 -14.78 -4.85
CA GLU B 47 -15.37 -14.54 -5.30
C GLU B 47 -16.42 -15.07 -4.31
N LEU B 48 -16.01 -15.86 -3.31
CA LEU B 48 -16.93 -16.24 -2.25
C LEU B 48 -17.36 -15.00 -1.45
N PHE B 49 -16.60 -13.89 -1.55
CA PHE B 49 -16.95 -12.66 -0.84
C PHE B 49 -17.72 -11.69 -1.72
N GLN B 50 -17.99 -12.10 -2.97
CA GLN B 50 -18.73 -11.26 -3.91
C GLN B 50 -20.16 -11.07 -3.42
N LYS B 51 -20.78 -9.96 -3.84
N LYS B 51 -20.79 -9.97 -3.83
CA LYS B 51 -22.22 -9.77 -3.69
CA LYS B 51 -22.21 -9.78 -3.60
C LYS B 51 -22.94 -11.05 -4.12
C LYS B 51 -22.95 -11.01 -4.12
N THR B 52 -23.92 -11.48 -3.33
CA THR B 52 -24.75 -12.66 -3.58
C THR B 52 -24.04 -13.98 -3.26
N GLY B 53 -22.73 -13.94 -2.95
CA GLY B 53 -22.01 -15.11 -2.49
C GLY B 53 -21.33 -15.90 -3.61
N SER B 54 -21.39 -15.40 -4.85
CA SER B 54 -20.64 -15.99 -5.95
C SER B 54 -20.30 -14.93 -6.99
N PHE B 55 -19.46 -15.31 -7.96
CA PHE B 55 -19.09 -14.44 -9.05
C PHE B 55 -20.27 -14.15 -10.00
N LYS B 56 -21.36 -14.93 -9.91
CA LYS B 56 -22.39 -14.89 -10.93
C LYS B 56 -23.10 -13.53 -11.00
N ILE B 57 -22.95 -12.68 -9.97
CA ILE B 57 -23.54 -11.35 -10.04
C ILE B 57 -22.92 -10.56 -11.21
N ARG B 58 -21.67 -10.88 -11.57
CA ARG B 58 -20.99 -10.16 -12.64
C ARG B 58 -21.75 -10.33 -13.96
N GLY B 59 -21.95 -11.58 -14.38
CA GLY B 59 -22.67 -11.88 -15.60
C GLY B 59 -24.14 -11.45 -15.51
N ALA B 60 -24.75 -11.68 -14.34
CA ALA B 60 -26.17 -11.41 -14.17
C ALA B 60 -26.45 -9.93 -14.29
N LEU B 61 -25.63 -9.10 -13.61
CA LEU B 61 -25.85 -7.67 -13.65
C LEU B 61 -25.55 -7.13 -15.05
N ASN B 62 -24.49 -7.65 -15.69
CA ASN B 62 -24.15 -7.19 -17.03
C ASN B 62 -25.32 -7.46 -17.98
N ALA B 63 -25.98 -8.61 -17.81
CA ALA B 63 -27.08 -8.99 -18.67
C ALA B 63 -28.27 -8.06 -18.44
N VAL B 64 -28.54 -7.73 -17.17
CA VAL B 64 -29.71 -6.93 -16.83
C VAL B 64 -29.50 -5.49 -17.29
N ARG B 65 -28.27 -4.99 -17.16
CA ARG B 65 -27.93 -3.62 -17.53
C ARG B 65 -27.67 -3.49 -19.03
N SER B 66 -27.26 -4.58 -19.69
CA SER B 66 -26.96 -4.59 -21.12
C SER B 66 -28.23 -4.82 -21.94
N LEU B 67 -29.11 -5.70 -21.46
CA LEU B 67 -30.30 -6.10 -22.19
C LEU B 67 -31.52 -5.38 -21.61
N LYS B 77 -38.71 -5.32 -18.40
CA LYS B 77 -39.90 -5.38 -17.53
C LYS B 77 -39.72 -6.41 -16.42
N ALA B 78 -39.06 -7.53 -16.75
CA ALA B 78 -38.77 -8.60 -15.80
C ALA B 78 -37.63 -9.47 -16.31
N VAL B 79 -36.99 -10.21 -15.39
CA VAL B 79 -36.03 -11.23 -15.79
C VAL B 79 -36.50 -12.58 -15.25
N VAL B 80 -36.14 -13.65 -15.97
CA VAL B 80 -36.57 -15.01 -15.65
C VAL B 80 -35.39 -15.97 -15.84
N THR B 81 -35.34 -17.01 -14.99
CA THR B 81 -34.40 -18.09 -15.18
C THR B 81 -34.96 -19.35 -14.50
N HIS B 82 -34.55 -20.50 -15.01
CA HIS B 82 -34.85 -21.76 -14.34
C HIS B 82 -33.61 -22.30 -13.65
N SER B 83 -32.56 -21.48 -13.62
CA SER B 83 -31.38 -21.78 -12.81
C SER B 83 -31.65 -21.30 -11.38
N SER B 84 -31.86 -22.22 -10.44
CA SER B 84 -32.34 -21.88 -9.10
C SER B 84 -31.24 -22.04 -8.04
N GLY B 85 -29.97 -21.96 -8.48
CA GLY B 85 -28.84 -21.89 -7.57
C GLY B 85 -28.23 -20.49 -7.60
N ASN B 86 -26.89 -20.46 -7.67
CA ASN B 86 -26.14 -19.21 -7.65
C ASN B 86 -26.59 -18.23 -8.73
N HIS B 87 -26.97 -18.73 -9.93
CA HIS B 87 -27.40 -17.85 -11.00
C HIS B 87 -28.70 -17.14 -10.64
N GLY B 88 -29.71 -17.91 -10.19
CA GLY B 88 -30.97 -17.31 -9.78
C GLY B 88 -30.79 -16.30 -8.65
N GLN B 89 -29.92 -16.62 -7.69
CA GLN B 89 -29.65 -15.73 -6.59
C GLN B 89 -29.04 -14.43 -7.13
N ALA B 90 -28.05 -14.57 -8.02
CA ALA B 90 -27.40 -13.41 -8.60
C ALA B 90 -28.38 -12.58 -9.42
N LEU B 91 -29.20 -13.25 -10.24
CA LEU B 91 -30.14 -12.58 -11.11
C LEU B 91 -31.19 -11.82 -10.30
N THR B 92 -31.60 -12.40 -9.15
CA THR B 92 -32.57 -11.74 -8.28
C THR B 92 -32.03 -10.41 -7.78
N TYR B 93 -30.76 -10.43 -7.34
CA TYR B 93 -30.12 -9.24 -6.82
C TYR B 93 -29.92 -8.20 -7.93
N ALA B 94 -29.51 -8.65 -9.12
CA ALA B 94 -29.31 -7.74 -10.24
C ALA B 94 -30.63 -7.03 -10.57
N ALA B 95 -31.72 -7.80 -10.51
CA ALA B 95 -33.04 -7.29 -10.85
C ALA B 95 -33.43 -6.20 -9.84
N LYS B 96 -33.14 -6.46 -8.55
N LYS B 96 -33.11 -6.45 -8.57
CA LYS B 96 -33.44 -5.53 -7.48
CA LYS B 96 -33.44 -5.55 -7.47
C LYS B 96 -32.70 -4.21 -7.69
C LYS B 96 -32.69 -4.22 -7.63
N LEU B 97 -31.41 -4.28 -8.02
CA LEU B 97 -30.60 -3.10 -8.25
C LEU B 97 -31.18 -2.25 -9.36
N GLU B 98 -31.84 -2.92 -10.33
CA GLU B 98 -32.34 -2.25 -11.52
C GLU B 98 -33.83 -1.93 -11.38
N GLY B 99 -34.43 -2.34 -10.26
CA GLY B 99 -35.82 -2.03 -9.95
C GLY B 99 -36.82 -2.81 -10.81
N ILE B 100 -36.48 -4.06 -11.13
CA ILE B 100 -37.39 -4.91 -11.89
C ILE B 100 -37.59 -6.23 -11.14
N PRO B 101 -38.78 -6.88 -11.26
CA PRO B 101 -39.00 -8.16 -10.60
C PRO B 101 -38.21 -9.29 -11.27
N ALA B 102 -37.80 -10.26 -10.46
CA ALA B 102 -37.13 -11.45 -10.97
C ALA B 102 -38.03 -12.65 -10.70
N TYR B 103 -38.16 -13.52 -11.71
CA TYR B 103 -38.96 -14.73 -11.61
C TYR B 103 -38.04 -15.94 -11.74
N ILE B 104 -38.14 -16.83 -10.75
CA ILE B 104 -37.39 -18.07 -10.76
C ILE B 104 -38.36 -19.22 -10.96
N VAL B 105 -38.11 -20.01 -12.03
CA VAL B 105 -38.90 -21.18 -12.35
C VAL B 105 -38.31 -22.37 -11.58
N VAL B 106 -39.13 -22.98 -10.73
CA VAL B 106 -38.69 -24.04 -9.85
C VAL B 106 -39.65 -25.22 -9.99
N PRO B 107 -39.14 -26.48 -10.02
CA PRO B 107 -40.01 -27.66 -9.98
C PRO B 107 -40.85 -27.66 -8.70
N GLN B 108 -42.08 -28.17 -8.81
CA GLN B 108 -42.96 -28.42 -7.66
C GLN B 108 -42.26 -29.38 -6.69
N THR B 109 -41.28 -30.11 -7.22
CA THR B 109 -40.57 -31.18 -6.53
C THR B 109 -39.50 -30.62 -5.60
N ALA B 110 -39.11 -29.36 -5.79
CA ALA B 110 -38.06 -28.74 -4.99
C ALA B 110 -38.46 -28.74 -3.52
N PRO B 111 -37.50 -28.94 -2.57
CA PRO B 111 -37.82 -28.87 -1.14
C PRO B 111 -38.37 -27.51 -0.72
N ASP B 112 -39.29 -27.52 0.25
CA ASP B 112 -39.99 -26.33 0.70
C ASP B 112 -39.00 -25.28 1.21
N CYS B 113 -37.91 -25.72 1.88
CA CYS B 113 -36.94 -24.79 2.42
C CYS B 113 -36.32 -23.95 1.30
N LYS B 114 -36.13 -24.58 0.13
CA LYS B 114 -35.58 -23.89 -1.03
C LYS B 114 -36.58 -22.87 -1.56
N LYS B 115 -37.84 -23.29 -1.68
CA LYS B 115 -38.90 -22.40 -2.14
C LYS B 115 -38.93 -21.15 -1.25
N LEU B 116 -38.79 -21.38 0.07
CA LEU B 116 -38.90 -20.32 1.06
C LEU B 116 -37.71 -19.36 0.98
N ALA B 117 -36.50 -19.91 0.81
CA ALA B 117 -35.27 -19.12 0.70
C ALA B 117 -35.31 -18.24 -0.55
N ILE B 118 -35.89 -18.77 -1.64
CA ILE B 118 -35.98 -18.02 -2.89
C ILE B 118 -36.88 -16.80 -2.67
N GLN B 119 -38.05 -17.04 -2.08
CA GLN B 119 -39.00 -15.97 -1.76
C GLN B 119 -38.36 -14.99 -0.77
N ALA B 120 -37.65 -15.54 0.22
CA ALA B 120 -37.02 -14.74 1.27
C ALA B 120 -35.99 -13.80 0.69
N TYR B 121 -35.41 -14.18 -0.46
CA TYR B 121 -34.36 -13.41 -1.09
C TYR B 121 -34.94 -12.27 -1.94
N GLY B 122 -36.25 -12.32 -2.19
CA GLY B 122 -36.95 -11.25 -2.89
C GLY B 122 -37.46 -11.66 -4.27
N ALA B 123 -37.18 -12.91 -4.66
CA ALA B 123 -37.60 -13.39 -5.98
C ALA B 123 -39.05 -13.82 -5.90
N SER B 124 -39.74 -13.75 -7.05
CA SER B 124 -41.05 -14.34 -7.23
C SER B 124 -40.88 -15.69 -7.92
N ILE B 125 -41.56 -16.71 -7.36
CA ILE B 125 -41.37 -18.08 -7.78
C ILE B 125 -42.58 -18.50 -8.62
N VAL B 126 -42.30 -19.26 -9.68
CA VAL B 126 -43.33 -19.87 -10.51
C VAL B 126 -42.97 -21.35 -10.67
N TYR B 127 -44.00 -22.21 -10.61
CA TYR B 127 -43.80 -23.65 -10.47
C TYR B 127 -43.96 -24.38 -11.79
N CYS B 128 -43.11 -25.39 -12.00
CA CYS B 128 -43.17 -26.25 -13.17
C CYS B 128 -43.07 -27.71 -12.73
N GLU B 129 -43.13 -28.63 -13.71
CA GLU B 129 -42.81 -30.03 -13.45
C GLU B 129 -41.29 -30.20 -13.43
N PRO B 130 -40.75 -31.23 -12.73
CA PRO B 130 -39.30 -31.47 -12.71
C PRO B 130 -38.78 -32.15 -13.99
N SER B 131 -39.07 -31.53 -15.14
CA SER B 131 -38.49 -31.95 -16.41
C SER B 131 -37.77 -30.76 -17.05
N ASP B 132 -36.83 -31.06 -17.95
CA ASP B 132 -36.10 -30.04 -18.70
C ASP B 132 -37.06 -29.27 -19.59
N GLU B 133 -37.98 -30.01 -20.23
CA GLU B 133 -38.97 -29.44 -21.13
C GLU B 133 -39.88 -28.47 -20.36
N SER B 134 -40.40 -28.93 -19.22
CA SER B 134 -41.35 -28.15 -18.43
C SER B 134 -40.69 -26.87 -17.92
N ARG B 135 -39.44 -26.99 -17.46
CA ARG B 135 -38.71 -25.88 -16.88
C ARG B 135 -38.51 -24.79 -17.95
N GLU B 136 -38.19 -25.21 -19.18
CA GLU B 136 -38.00 -24.29 -20.29
C GLU B 136 -39.34 -23.67 -20.68
N ASN B 137 -40.39 -24.50 -20.73
CA ASN B 137 -41.72 -24.11 -21.18
C ASN B 137 -42.32 -23.04 -20.25
N VAL B 138 -42.32 -23.31 -18.95
CA VAL B 138 -42.92 -22.40 -17.97
C VAL B 138 -42.12 -21.10 -17.93
N ALA B 139 -40.79 -21.20 -18.03
CA ALA B 139 -39.94 -20.02 -17.97
C ALA B 139 -40.26 -19.10 -19.13
N LYS B 140 -40.51 -19.70 -20.30
CA LYS B 140 -40.82 -18.94 -21.50
C LYS B 140 -42.22 -18.32 -21.36
N ARG B 141 -43.13 -19.05 -20.71
CA ARG B 141 -44.50 -18.60 -20.51
C ARG B 141 -44.50 -17.37 -19.61
N VAL B 142 -43.68 -17.41 -18.55
CA VAL B 142 -43.54 -16.29 -17.63
C VAL B 142 -42.88 -15.12 -18.36
N THR B 143 -41.87 -15.41 -19.18
CA THR B 143 -41.18 -14.39 -19.95
C THR B 143 -42.17 -13.65 -20.86
N GLU B 144 -43.07 -14.41 -21.50
N GLU B 144 -43.07 -14.41 -21.50
CA GLU B 144 -44.04 -13.84 -22.42
CA GLU B 144 -44.04 -13.84 -22.42
C GLU B 144 -45.03 -12.97 -21.66
C GLU B 144 -45.05 -12.97 -21.67
N GLU B 145 -45.59 -13.51 -20.57
CA GLU B 145 -46.61 -12.84 -19.77
C GLU B 145 -46.09 -11.53 -19.19
N THR B 146 -44.84 -11.53 -18.73
CA THR B 146 -44.30 -10.41 -17.99
C THR B 146 -43.65 -9.41 -18.95
N GLU B 147 -43.54 -9.82 -20.23
N GLU B 147 -43.53 -9.83 -20.23
CA GLU B 147 -42.77 -9.10 -21.23
CA GLU B 147 -42.78 -9.11 -21.23
C GLU B 147 -41.34 -8.92 -20.73
C GLU B 147 -41.34 -8.92 -20.74
N GLY B 148 -40.81 -9.97 -20.11
CA GLY B 148 -39.47 -9.96 -19.55
C GLY B 148 -38.45 -10.62 -20.48
N ILE B 149 -37.26 -10.90 -19.93
CA ILE B 149 -36.23 -11.61 -20.67
C ILE B 149 -35.78 -12.80 -19.82
N MET B 150 -35.35 -13.86 -20.50
CA MET B 150 -34.68 -14.94 -19.79
C MET B 150 -33.18 -14.72 -19.91
N VAL B 151 -32.47 -15.00 -18.81
CA VAL B 151 -31.04 -14.85 -18.77
C VAL B 151 -30.43 -16.22 -18.49
N HIS B 152 -29.81 -16.80 -19.53
CA HIS B 152 -29.15 -18.09 -19.42
C HIS B 152 -27.96 -17.98 -18.48
N PRO B 153 -27.73 -19.00 -17.63
CA PRO B 153 -26.62 -18.97 -16.67
C PRO B 153 -25.20 -19.00 -17.23
N ASN B 154 -25.03 -19.34 -18.52
CA ASN B 154 -23.67 -19.52 -19.01
C ASN B 154 -23.51 -19.31 -20.52
N GLN B 155 -24.60 -19.30 -21.30
CA GLN B 155 -24.44 -19.21 -22.75
C GLN B 155 -24.75 -17.81 -23.28
N GLU B 156 -25.42 -16.97 -22.48
CA GLU B 156 -25.76 -15.63 -22.91
C GLU B 156 -24.49 -14.80 -23.03
N PRO B 157 -24.18 -14.21 -24.20
CA PRO B 157 -22.95 -13.43 -24.37
C PRO B 157 -22.71 -12.40 -23.27
N ALA B 158 -23.76 -11.66 -22.85
CA ALA B 158 -23.58 -10.63 -21.82
C ALA B 158 -23.13 -11.26 -20.50
N VAL B 159 -23.62 -12.47 -20.25
CA VAL B 159 -23.25 -13.19 -19.04
C VAL B 159 -21.77 -13.58 -19.10
N ILE B 160 -21.36 -14.20 -20.22
CA ILE B 160 -19.98 -14.63 -20.42
C ILE B 160 -19.05 -13.43 -20.24
N ALA B 161 -19.40 -12.30 -20.88
CA ALA B 161 -18.56 -11.11 -20.82
C ALA B 161 -18.42 -10.63 -19.37
N GLY B 162 -19.55 -10.62 -18.64
CA GLY B 162 -19.52 -10.24 -17.23
C GLY B 162 -18.59 -11.12 -16.42
N GLN B 163 -18.67 -12.45 -16.60
CA GLN B 163 -17.82 -13.32 -15.78
C GLN B 163 -16.34 -13.06 -16.06
N GLY B 164 -16.03 -12.71 -17.31
CA GLY B 164 -14.65 -12.45 -17.73
C GLY B 164 -13.99 -11.33 -16.95
N THR B 165 -14.79 -10.46 -16.32
CA THR B 165 -14.25 -9.35 -15.57
C THR B 165 -13.40 -9.82 -14.39
N ILE B 166 -13.59 -11.07 -13.94
CA ILE B 166 -12.74 -11.65 -12.91
C ILE B 166 -11.28 -11.56 -13.32
N ALA B 167 -11.01 -11.86 -14.60
CA ALA B 167 -9.65 -11.90 -15.11
C ALA B 167 -9.02 -10.50 -15.16
N LEU B 168 -9.83 -9.46 -15.41
CA LEU B 168 -9.28 -8.11 -15.43
C LEU B 168 -8.75 -7.79 -14.04
N GLU B 169 -9.53 -8.11 -13.01
CA GLU B 169 -9.10 -7.87 -11.65
C GLU B 169 -7.86 -8.69 -11.34
N VAL B 170 -7.89 -10.00 -11.64
CA VAL B 170 -6.78 -10.87 -11.27
C VAL B 170 -5.48 -10.37 -11.88
N LEU B 171 -5.52 -10.02 -13.17
CA LEU B 171 -4.29 -9.60 -13.85
C LEU B 171 -3.75 -8.33 -13.24
N ASN B 172 -4.65 -7.41 -12.85
CA ASN B 172 -4.23 -6.16 -12.23
C ASN B 172 -3.74 -6.41 -10.82
N GLN B 173 -4.40 -7.34 -10.10
CA GLN B 173 -4.10 -7.57 -8.69
C GLN B 173 -2.87 -8.44 -8.50
N VAL B 174 -2.53 -9.26 -9.51
CA VAL B 174 -1.42 -10.21 -9.39
C VAL B 174 -0.53 -10.05 -10.64
N PRO B 175 0.30 -8.98 -10.69
CA PRO B 175 1.12 -8.69 -11.87
C PRO B 175 2.00 -9.83 -12.36
N LEU B 176 2.43 -10.70 -11.44
CA LEU B 176 3.36 -11.76 -11.79
C LEU B 176 2.65 -13.09 -12.03
N VAL B 177 1.31 -13.08 -12.16
CA VAL B 177 0.58 -14.32 -12.31
C VAL B 177 1.03 -15.07 -13.56
N ASP B 178 1.16 -16.39 -13.44
CA ASP B 178 1.57 -17.26 -14.54
C ASP B 178 0.40 -18.09 -15.07
N ALA B 179 -0.67 -18.28 -14.28
CA ALA B 179 -1.78 -19.11 -14.72
C ALA B 179 -3.00 -18.82 -13.86
N LEU B 180 -4.20 -18.92 -14.44
CA LEU B 180 -5.43 -18.90 -13.67
C LEU B 180 -6.05 -20.29 -13.74
N VAL B 181 -6.63 -20.72 -12.62
CA VAL B 181 -7.30 -22.00 -12.51
C VAL B 181 -8.77 -21.74 -12.22
N VAL B 182 -9.62 -22.27 -13.10
CA VAL B 182 -11.02 -21.86 -13.13
C VAL B 182 -11.90 -23.10 -13.12
N PRO B 183 -12.83 -23.25 -12.16
CA PRO B 183 -13.80 -24.35 -12.24
C PRO B 183 -14.74 -24.14 -13.43
N VAL B 184 -15.11 -25.24 -14.10
CA VAL B 184 -15.93 -25.14 -15.32
C VAL B 184 -17.18 -25.99 -15.18
N GLY B 185 -18.32 -25.35 -15.43
CA GLY B 185 -19.57 -26.05 -15.67
C GLY B 185 -20.03 -25.75 -17.09
N GLY B 186 -20.92 -24.77 -17.22
CA GLY B 186 -21.38 -24.30 -18.52
C GLY B 186 -20.28 -23.56 -19.28
N GLY B 187 -19.25 -23.10 -18.55
CA GLY B 187 -18.07 -22.48 -19.13
C GLY B 187 -18.23 -20.99 -19.42
N GLY B 188 -19.23 -20.34 -18.83
CA GLY B 188 -19.35 -18.89 -18.95
C GLY B 188 -18.13 -18.19 -18.32
N MET B 189 -17.81 -18.63 -17.11
CA MET B 189 -16.65 -18.06 -16.42
C MET B 189 -15.37 -18.42 -17.15
N LEU B 190 -15.18 -19.70 -17.45
CA LEU B 190 -13.95 -20.10 -18.10
C LEU B 190 -13.75 -19.34 -19.42
N ALA B 191 -14.83 -19.22 -20.23
CA ALA B 191 -14.70 -18.61 -21.55
C ALA B 191 -14.44 -17.10 -21.42
N GLY B 192 -15.17 -16.43 -20.51
CA GLY B 192 -14.92 -15.01 -20.30
C GLY B 192 -13.48 -14.77 -19.85
N ILE B 193 -13.00 -15.62 -18.95
CA ILE B 193 -11.64 -15.47 -18.44
C ILE B 193 -10.62 -15.69 -19.56
N ALA B 194 -10.88 -16.72 -20.37
CA ALA B 194 -9.95 -17.09 -21.43
C ALA B 194 -9.81 -15.96 -22.46
N ILE B 195 -10.94 -15.39 -22.87
CA ILE B 195 -10.95 -14.28 -23.81
C ILE B 195 -10.10 -13.14 -23.27
N THR B 196 -10.27 -12.85 -21.98
CA THR B 196 -9.63 -11.70 -21.36
C THR B 196 -8.13 -11.90 -21.26
N VAL B 197 -7.72 -13.06 -20.71
CA VAL B 197 -6.32 -13.34 -20.48
C VAL B 197 -5.57 -13.38 -21.82
N LYS B 198 -6.14 -14.05 -22.81
CA LYS B 198 -5.42 -14.24 -24.07
C LYS B 198 -5.33 -12.93 -24.86
N ALA B 199 -6.31 -12.02 -24.67
CA ALA B 199 -6.24 -10.70 -25.29
C ALA B 199 -5.14 -9.84 -24.66
N LEU B 200 -4.98 -9.96 -23.34
CA LEU B 200 -4.17 -9.01 -22.58
C LEU B 200 -2.74 -9.51 -22.41
N LYS B 201 -2.59 -10.81 -22.09
N LYS B 201 -2.60 -10.80 -22.08
CA LYS B 201 -1.29 -11.36 -21.80
CA LYS B 201 -1.30 -11.37 -21.81
C LYS B 201 -1.33 -12.87 -22.07
C LYS B 201 -1.34 -12.87 -22.07
N PRO B 202 -1.31 -13.30 -23.35
CA PRO B 202 -1.47 -14.72 -23.68
C PRO B 202 -0.41 -15.69 -23.18
N SER B 203 0.73 -15.18 -22.69
CA SER B 203 1.71 -16.05 -22.05
C SER B 203 1.17 -16.63 -20.75
N VAL B 204 0.13 -16.00 -20.20
CA VAL B 204 -0.50 -16.49 -18.97
C VAL B 204 -1.40 -17.66 -19.33
N LYS B 205 -1.21 -18.78 -18.63
CA LYS B 205 -1.99 -20.00 -18.84
C LYS B 205 -3.39 -19.84 -18.27
N VAL B 206 -4.37 -20.43 -18.97
CA VAL B 206 -5.73 -20.56 -18.49
C VAL B 206 -6.02 -22.05 -18.37
N TYR B 207 -6.32 -22.51 -17.14
CA TYR B 207 -6.55 -23.92 -16.88
C TYR B 207 -7.95 -24.09 -16.32
N ALA B 208 -8.67 -25.10 -16.81
CA ALA B 208 -9.98 -25.44 -16.28
C ALA B 208 -9.86 -26.58 -15.26
N ALA B 209 -10.82 -26.60 -14.34
CA ALA B 209 -10.90 -27.62 -13.32
C ALA B 209 -12.32 -28.19 -13.32
N GLU B 210 -12.42 -29.52 -13.38
CA GLU B 210 -13.72 -30.12 -13.61
C GLU B 210 -13.83 -31.39 -12.78
N PRO B 211 -15.02 -31.74 -12.21
CA PRO B 211 -15.22 -33.06 -11.62
C PRO B 211 -15.12 -34.17 -12.66
N SER B 212 -14.39 -35.22 -12.30
CA SER B 212 -14.28 -36.43 -13.12
C SER B 212 -15.68 -36.96 -13.45
N ASN B 213 -16.61 -36.81 -12.50
CA ASN B 213 -17.97 -37.31 -12.62
C ASN B 213 -18.78 -36.49 -13.63
N ALA B 214 -18.26 -35.34 -14.05
CA ALA B 214 -18.98 -34.48 -14.98
C ALA B 214 -18.00 -33.96 -16.03
N ASP B 215 -17.35 -34.86 -16.78
CA ASP B 215 -16.10 -34.52 -17.44
C ASP B 215 -16.30 -34.15 -18.92
N ASP B 216 -17.41 -33.48 -19.24
CA ASP B 216 -17.71 -33.11 -20.62
C ASP B 216 -16.68 -32.13 -21.19
N CYS B 217 -16.16 -31.21 -20.36
CA CYS B 217 -15.22 -30.23 -20.88
C CYS B 217 -13.93 -30.95 -21.27
N TYR B 218 -13.46 -31.85 -20.37
CA TYR B 218 -12.30 -32.67 -20.65
C TYR B 218 -12.52 -33.52 -21.90
N GLN B 219 -13.65 -34.22 -21.97
CA GLN B 219 -13.92 -35.11 -23.09
C GLN B 219 -13.98 -34.33 -24.40
N SER B 220 -14.59 -33.13 -24.36
CA SER B 220 -14.73 -32.27 -25.54
C SER B 220 -13.35 -31.84 -26.05
N LYS B 221 -12.49 -31.45 -25.10
N LYS B 221 -12.49 -31.39 -25.12
CA LYS B 221 -11.15 -31.03 -25.48
CA LYS B 221 -11.13 -31.01 -25.49
C LYS B 221 -10.38 -32.22 -26.08
C LYS B 221 -10.39 -32.20 -26.09
N LEU B 222 -10.58 -33.38 -25.50
CA LEU B 222 -9.90 -34.59 -25.93
C LEU B 222 -10.32 -34.98 -27.35
N LYS B 223 -11.62 -34.89 -27.63
N LYS B 223 -11.62 -34.92 -27.64
CA LYS B 223 -12.20 -35.34 -28.88
CA LYS B 223 -12.11 -35.36 -28.93
C LYS B 223 -12.17 -34.23 -29.93
C LYS B 223 -12.00 -34.24 -29.97
N GLY B 224 -11.94 -32.99 -29.49
CA GLY B 224 -11.92 -31.83 -30.38
C GLY B 224 -13.31 -31.47 -30.91
N LYS B 225 -14.35 -31.90 -30.18
CA LYS B 225 -15.73 -31.63 -30.54
C LYS B 225 -16.53 -31.47 -29.25
N LEU B 226 -17.61 -30.68 -29.32
CA LEU B 226 -18.50 -30.52 -28.20
C LEU B 226 -19.21 -31.84 -27.88
N MET B 227 -18.93 -32.37 -26.69
CA MET B 227 -19.52 -33.61 -26.23
C MET B 227 -20.16 -33.36 -24.86
N PRO B 228 -21.44 -32.95 -24.79
CA PRO B 228 -22.09 -32.67 -23.51
C PRO B 228 -22.24 -33.97 -22.72
N ASN B 229 -22.45 -33.84 -21.41
CA ASN B 229 -22.80 -34.99 -20.58
C ASN B 229 -24.04 -35.66 -21.15
N LEU B 230 -23.98 -36.99 -21.30
CA LEU B 230 -25.09 -37.76 -21.85
C LEU B 230 -26.27 -37.78 -20.88
N TYR B 231 -25.95 -37.83 -19.58
N TYR B 231 -25.95 -37.82 -19.58
CA TYR B 231 -26.95 -37.83 -18.53
CA TYR B 231 -26.92 -37.87 -18.50
C TYR B 231 -26.57 -36.81 -17.46
C TYR B 231 -26.58 -36.80 -17.47
N PRO B 232 -27.56 -36.31 -16.68
CA PRO B 232 -27.27 -35.39 -15.57
C PRO B 232 -26.23 -35.98 -14.62
N PRO B 233 -25.10 -35.27 -14.40
CA PRO B 233 -24.02 -35.80 -13.57
C PRO B 233 -24.36 -35.78 -12.09
N GLU B 234 -23.71 -36.68 -11.34
N GLU B 234 -23.72 -36.70 -11.35
CA GLU B 234 -23.84 -36.66 -9.89
CA GLU B 234 -23.74 -36.76 -9.90
C GLU B 234 -22.49 -36.29 -9.29
C GLU B 234 -22.41 -36.22 -9.39
N THR B 235 -22.48 -35.12 -8.63
CA THR B 235 -21.28 -34.55 -8.04
C THR B 235 -21.69 -33.63 -6.89
N ILE B 236 -20.82 -33.54 -5.88
N ILE B 236 -20.82 -33.54 -5.88
CA ILE B 236 -21.00 -32.62 -4.77
CA ILE B 236 -21.01 -32.62 -4.76
C ILE B 236 -20.78 -31.19 -5.25
C ILE B 236 -20.78 -31.19 -5.25
N ALA B 237 -20.10 -31.04 -6.38
CA ALA B 237 -19.84 -29.74 -6.98
C ALA B 237 -21.08 -29.31 -7.78
N ASP B 238 -22.12 -28.93 -7.03
N ASP B 238 -22.12 -28.94 -7.03
CA ASP B 238 -23.48 -28.75 -7.53
CA ASP B 238 -23.47 -28.76 -7.53
C ASP B 238 -23.56 -27.61 -8.53
C ASP B 238 -23.53 -27.64 -8.56
N GLY B 239 -22.57 -26.71 -8.52
CA GLY B 239 -22.59 -25.53 -9.37
C GLY B 239 -21.95 -25.75 -10.74
N VAL B 240 -21.38 -26.94 -10.98
CA VAL B 240 -20.77 -27.24 -12.27
C VAL B 240 -21.36 -28.51 -12.88
N LYS B 241 -22.69 -28.63 -12.78
CA LYS B 241 -23.41 -29.78 -13.33
C LYS B 241 -23.79 -29.53 -14.79
N SER B 242 -23.85 -28.26 -15.21
CA SER B 242 -24.13 -27.89 -16.59
C SER B 242 -23.01 -28.39 -17.50
N SER B 243 -23.38 -28.78 -18.73
CA SER B 243 -22.41 -29.02 -19.78
C SER B 243 -22.00 -27.69 -20.41
N ILE B 244 -20.80 -27.65 -21.01
CA ILE B 244 -20.44 -26.55 -21.87
C ILE B 244 -21.39 -26.52 -23.08
N GLY B 245 -21.48 -25.37 -23.74
CA GLY B 245 -22.45 -25.17 -24.81
C GLY B 245 -21.82 -24.52 -26.02
N LEU B 246 -22.65 -24.18 -27.03
CA LEU B 246 -22.13 -23.74 -28.32
C LEU B 246 -21.43 -22.39 -28.24
N ASN B 247 -21.77 -21.56 -27.24
CA ASN B 247 -21.21 -20.22 -27.18
C ASN B 247 -19.90 -20.20 -26.38
N THR B 248 -19.72 -21.18 -25.48
CA THR B 248 -18.52 -21.20 -24.64
C THR B 248 -17.50 -22.19 -25.20
N TRP B 249 -17.97 -23.23 -25.91
CA TRP B 249 -17.07 -24.28 -26.39
C TRP B 249 -15.99 -23.73 -27.33
N PRO B 250 -16.30 -22.94 -28.37
CA PRO B 250 -15.26 -22.44 -29.30
C PRO B 250 -14.11 -21.74 -28.58
N ILE B 251 -14.45 -20.93 -27.57
CA ILE B 251 -13.45 -20.18 -26.81
C ILE B 251 -12.59 -21.17 -26.01
N ILE B 252 -13.25 -22.13 -25.35
CA ILE B 252 -12.56 -23.12 -24.53
C ILE B 252 -11.64 -23.96 -25.41
N ARG B 253 -12.15 -24.40 -26.58
CA ARG B 253 -11.38 -25.20 -27.51
C ARG B 253 -10.06 -24.51 -27.88
N ASP B 254 -10.13 -23.20 -28.15
CA ASP B 254 -9.02 -22.49 -28.76
C ASP B 254 -8.10 -21.81 -27.74
N LEU B 255 -8.66 -21.37 -26.61
CA LEU B 255 -7.95 -20.41 -25.75
C LEU B 255 -7.66 -20.96 -24.35
N VAL B 256 -8.17 -22.15 -24.03
CA VAL B 256 -7.88 -22.75 -22.74
C VAL B 256 -6.75 -23.77 -22.91
N ASP B 257 -5.75 -23.68 -22.02
CA ASP B 257 -4.50 -24.41 -22.18
C ASP B 257 -4.67 -25.88 -21.80
N ASP B 258 -5.43 -26.14 -20.74
CA ASP B 258 -5.55 -27.51 -20.25
C ASP B 258 -6.76 -27.64 -19.33
N ILE B 259 -7.23 -28.89 -19.16
CA ILE B 259 -8.36 -29.22 -18.31
C ILE B 259 -7.89 -30.27 -17.32
N PHE B 260 -8.14 -30.02 -16.03
CA PHE B 260 -7.81 -30.94 -14.96
C PHE B 260 -9.10 -31.51 -14.38
N THR B 261 -9.23 -32.84 -14.37
CA THR B 261 -10.39 -33.45 -13.73
C THR B 261 -10.01 -33.90 -12.32
N VAL B 262 -11.00 -33.92 -11.44
CA VAL B 262 -10.74 -34.23 -10.04
C VAL B 262 -11.86 -35.14 -9.53
N THR B 263 -11.50 -36.10 -8.68
CA THR B 263 -12.48 -37.03 -8.15
C THR B 263 -13.31 -36.38 -7.05
N GLU B 264 -14.49 -36.97 -6.77
CA GLU B 264 -15.34 -36.53 -5.67
C GLU B 264 -14.54 -36.43 -4.37
N ASP B 265 -13.75 -37.46 -4.04
CA ASP B 265 -12.94 -37.44 -2.83
C ASP B 265 -11.97 -36.26 -2.84
N GLU B 266 -11.37 -35.99 -3.99
CA GLU B 266 -10.42 -34.89 -4.13
C GLU B 266 -11.11 -33.55 -3.89
N ILE B 267 -12.35 -33.41 -4.41
CA ILE B 267 -13.08 -32.17 -4.22
C ILE B 267 -13.40 -31.98 -2.73
N LYS B 268 -13.85 -33.06 -2.08
CA LYS B 268 -14.23 -32.99 -0.68
C LYS B 268 -13.03 -32.66 0.20
N CYS B 269 -11.88 -33.29 -0.09
N CYS B 269 -11.90 -33.33 -0.08
CA CYS B 269 -10.68 -33.10 0.71
CA CYS B 269 -10.67 -33.12 0.67
C CYS B 269 -10.11 -31.69 0.53
C CYS B 269 -10.23 -31.66 0.54
N ALA B 270 -10.17 -31.17 -0.69
CA ALA B 270 -9.74 -29.80 -0.99
C ALA B 270 -10.65 -28.78 -0.30
N THR B 271 -11.97 -29.02 -0.32
CA THR B 271 -12.92 -28.13 0.31
C THR B 271 -12.64 -28.07 1.81
N GLN B 272 -12.45 -29.25 2.43
CA GLN B 272 -12.23 -29.32 3.86
C GLN B 272 -10.93 -28.63 4.24
N LEU B 273 -9.90 -28.80 3.41
CA LEU B 273 -8.60 -28.18 3.60
C LEU B 273 -8.72 -26.65 3.59
N VAL B 274 -9.53 -26.11 2.67
CA VAL B 274 -9.72 -24.66 2.62
C VAL B 274 -10.44 -24.18 3.88
N TRP B 275 -11.48 -24.92 4.30
CA TRP B 275 -12.20 -24.55 5.51
C TRP B 275 -11.25 -24.50 6.71
N GLU B 276 -10.48 -25.57 6.87
CA GLU B 276 -9.70 -25.81 8.09
C GLU B 276 -8.44 -24.97 8.12
N ARG B 277 -7.76 -24.85 6.97
CA ARG B 277 -6.45 -24.24 6.94
C ARG B 277 -6.49 -22.79 6.45
N MET B 278 -7.52 -22.42 5.67
CA MET B 278 -7.61 -21.05 5.18
C MET B 278 -8.74 -20.29 5.87
N LYS B 279 -9.65 -21.00 6.55
CA LYS B 279 -10.75 -20.38 7.30
C LYS B 279 -11.72 -19.68 6.35
N LEU B 280 -11.83 -20.18 5.11
CA LEU B 280 -12.72 -19.61 4.10
C LEU B 280 -13.84 -20.61 3.81
N LEU B 281 -15.10 -20.18 3.96
N LEU B 281 -15.10 -20.14 3.97
CA LEU B 281 -16.21 -21.12 3.84
CA LEU B 281 -16.27 -20.99 3.79
C LEU B 281 -16.67 -21.20 2.39
C LEU B 281 -16.64 -21.06 2.30
N ILE B 282 -15.81 -21.77 1.54
CA ILE B 282 -16.12 -21.98 0.13
C ILE B 282 -17.17 -23.08 0.00
N GLU B 283 -17.98 -22.99 -1.06
CA GLU B 283 -18.84 -24.13 -1.36
C GLU B 283 -17.99 -25.19 -2.05
N PRO B 284 -18.40 -26.47 -2.04
CA PRO B 284 -17.62 -27.53 -2.67
C PRO B 284 -17.27 -27.28 -4.14
N THR B 285 -18.16 -26.56 -4.85
CA THR B 285 -17.89 -26.27 -6.25
C THR B 285 -16.61 -25.46 -6.38
N ALA B 286 -16.40 -24.54 -5.44
CA ALA B 286 -15.19 -23.71 -5.45
C ALA B 286 -13.98 -24.53 -4.99
N GLY B 287 -14.23 -25.68 -4.38
CA GLY B 287 -13.16 -26.61 -4.03
C GLY B 287 -12.54 -27.27 -5.26
N VAL B 288 -13.27 -27.27 -6.39
CA VAL B 288 -12.85 -28.00 -7.58
C VAL B 288 -11.51 -27.46 -8.08
N GLY B 289 -11.37 -26.13 -8.10
CA GLY B 289 -10.13 -25.52 -8.59
C GLY B 289 -8.96 -25.81 -7.64
N VAL B 290 -9.23 -25.79 -6.33
CA VAL B 290 -8.19 -26.11 -5.37
C VAL B 290 -7.75 -27.57 -5.53
N ALA B 291 -8.72 -28.49 -5.64
CA ALA B 291 -8.41 -29.90 -5.86
C ALA B 291 -7.54 -30.07 -7.10
N ALA B 292 -7.82 -29.27 -8.15
CA ALA B 292 -7.07 -29.41 -9.38
C ALA B 292 -5.58 -29.13 -9.16
N VAL B 293 -5.29 -28.06 -8.43
CA VAL B 293 -3.90 -27.67 -8.21
C VAL B 293 -3.22 -28.68 -7.28
N LEU B 294 -4.00 -29.37 -6.42
CA LEU B 294 -3.46 -30.35 -5.49
C LEU B 294 -3.27 -31.72 -6.17
N SER B 295 -3.88 -31.89 -7.34
CA SER B 295 -3.96 -33.18 -8.01
C SER B 295 -2.62 -33.58 -8.61
N GLN B 296 -2.46 -34.89 -8.86
CA GLN B 296 -1.21 -35.44 -9.35
C GLN B 296 -0.91 -34.86 -10.74
N HIS B 297 -1.95 -34.65 -11.54
CA HIS B 297 -1.79 -34.18 -12.91
C HIS B 297 -1.18 -32.76 -12.93
N PHE B 298 -1.48 -31.97 -11.91
CA PHE B 298 -1.00 -30.59 -11.87
C PHE B 298 0.50 -30.57 -11.57
N GLN B 299 1.01 -31.64 -10.96
CA GLN B 299 2.44 -31.76 -10.71
C GLN B 299 3.20 -31.81 -12.02
N THR B 300 2.50 -32.13 -13.12
CA THR B 300 3.13 -32.26 -14.42
C THR B 300 3.22 -30.91 -15.12
N VAL B 301 2.64 -29.86 -14.51
CA VAL B 301 2.69 -28.52 -15.07
C VAL B 301 4.11 -27.96 -14.90
N SER B 302 4.58 -27.27 -15.94
N SER B 302 4.59 -27.26 -15.94
CA SER B 302 5.95 -26.77 -16.02
CA SER B 302 5.92 -26.71 -16.03
C SER B 302 6.32 -25.95 -14.78
C SER B 302 6.30 -25.95 -14.76
N PRO B 303 7.56 -26.08 -14.28
CA PRO B 303 8.01 -25.36 -13.09
C PRO B 303 8.01 -23.84 -13.25
N GLU B 304 8.10 -23.38 -14.50
CA GLU B 304 8.08 -21.96 -14.84
C GLU B 304 6.71 -21.36 -14.54
N VAL B 305 5.69 -22.23 -14.45
CA VAL B 305 4.33 -21.80 -14.12
C VAL B 305 4.18 -21.87 -12.60
N LYS B 306 4.63 -20.79 -11.93
CA LYS B 306 4.86 -20.81 -10.51
C LYS B 306 3.73 -20.09 -9.77
N ASN B 307 3.34 -18.93 -10.30
CA ASN B 307 2.37 -18.05 -9.67
C ASN B 307 0.98 -18.39 -10.23
N ILE B 308 0.14 -19.04 -9.43
N ILE B 308 0.18 -19.07 -9.41
CA ILE B 308 -1.13 -19.54 -9.94
CA ILE B 308 -1.12 -19.59 -9.80
C ILE B 308 -2.28 -19.00 -9.10
C ILE B 308 -2.20 -18.82 -9.05
N CYS B 309 -3.20 -18.32 -9.78
CA CYS B 309 -4.39 -17.75 -9.16
C CYS B 309 -5.58 -18.69 -9.39
N ILE B 310 -6.16 -19.16 -8.28
CA ILE B 310 -7.32 -20.02 -8.28
C ILE B 310 -8.54 -19.15 -7.95
N VAL B 311 -9.61 -19.32 -8.72
CA VAL B 311 -10.83 -18.56 -8.48
C VAL B 311 -11.66 -19.35 -7.48
N LEU B 312 -11.80 -18.81 -6.26
CA LEU B 312 -12.73 -19.37 -5.29
C LEU B 312 -14.10 -18.79 -5.62
N SER B 313 -14.86 -19.56 -6.40
CA SER B 313 -15.95 -19.02 -7.21
C SER B 313 -17.19 -18.72 -6.38
N GLY B 314 -17.34 -19.34 -5.20
CA GLY B 314 -18.56 -19.08 -4.44
C GLY B 314 -18.48 -19.58 -3.00
N GLY B 315 -19.38 -19.07 -2.17
CA GLY B 315 -19.44 -19.48 -0.77
C GLY B 315 -20.87 -19.76 -0.31
N ASN B 316 -21.74 -20.12 -1.25
CA ASN B 316 -23.14 -20.37 -0.92
C ASN B 316 -23.31 -21.83 -0.51
N VAL B 317 -22.99 -22.12 0.76
CA VAL B 317 -23.11 -23.47 1.30
C VAL B 317 -24.13 -23.45 2.43
N ASP B 318 -24.98 -24.49 2.46
CA ASP B 318 -25.96 -24.68 3.52
C ASP B 318 -25.27 -25.38 4.68
N LEU B 319 -25.16 -24.66 5.81
CA LEU B 319 -24.41 -25.12 6.97
C LEU B 319 -25.11 -26.31 7.62
N THR B 320 -26.46 -26.26 7.67
CA THR B 320 -27.29 -27.24 8.34
C THR B 320 -26.83 -28.66 8.01
CA ALA C 3 -20.02 7.85 -29.22
CA ALA C 3 -15.48 2.55 -31.57
C ALA C 3 -18.82 6.90 -29.19
C ALA C 3 -15.77 4.05 -31.67
N GLN C 4 -17.94 7.04 -30.20
N GLN C 4 -16.28 4.63 -30.58
CA GLN C 4 -16.76 6.19 -30.30
CA GLN C 4 -16.69 6.03 -30.58
C GLN C 4 -15.57 7.06 -30.68
C GLN C 4 -15.48 6.91 -30.89
N TYR C 5 -14.41 6.74 -30.11
CA TYR C 5 -13.21 7.55 -30.22
C TYR C 5 -12.06 6.71 -30.75
N ASP C 6 -10.89 7.34 -30.92
CA ASP C 6 -9.72 6.66 -31.45
C ASP C 6 -9.19 5.64 -30.45
N ILE C 7 -9.60 5.77 -29.19
CA ILE C 7 -9.30 4.73 -28.19
C ILE C 7 -10.54 4.50 -27.33
N SER C 8 -10.53 3.36 -26.63
CA SER C 8 -11.48 3.14 -25.55
C SER C 8 -10.70 2.74 -24.31
N PHE C 9 -11.41 2.56 -23.18
CA PHE C 9 -10.73 2.12 -21.98
C PHE C 9 -10.04 0.78 -22.18
N ALA C 10 -10.63 -0.12 -22.99
CA ALA C 10 -9.96 -1.38 -23.28
C ALA C 10 -8.51 -1.15 -23.72
N ASP C 11 -8.25 -0.07 -24.49
CA ASP C 11 -6.90 0.19 -24.99
C ASP C 11 -5.97 0.62 -23.86
N VAL C 12 -6.52 1.32 -22.87
CA VAL C 12 -5.77 1.75 -21.71
C VAL C 12 -5.39 0.53 -20.87
N GLU C 13 -6.35 -0.38 -20.65
CA GLU C 13 -6.05 -1.59 -19.93
C GLU C 13 -4.94 -2.38 -20.62
N LYS C 14 -5.01 -2.51 -21.96
CA LYS C 14 -3.96 -3.17 -22.72
C LYS C 14 -2.60 -2.48 -22.50
N ALA C 15 -2.61 -1.14 -22.57
CA ALA C 15 -1.38 -0.38 -22.40
C ALA C 15 -0.77 -0.65 -21.03
N HIS C 16 -1.62 -0.68 -20.00
CA HIS C 16 -1.19 -0.94 -18.64
C HIS C 16 -0.42 -2.26 -18.57
N ILE C 17 -0.99 -3.32 -19.15
CA ILE C 17 -0.34 -4.62 -19.15
C ILE C 17 0.97 -4.55 -19.95
N ASN C 18 0.95 -3.77 -21.04
N ASN C 18 0.95 -3.77 -21.03
N ASN C 18 0.94 -3.75 -21.02
CA ASN C 18 2.08 -3.68 -21.95
CA ASN C 18 2.07 -3.68 -21.95
CA ASN C 18 2.03 -3.66 -21.97
C ASN C 18 3.27 -3.01 -21.28
C ASN C 18 3.27 -3.00 -21.29
C ASN C 18 3.25 -2.97 -21.32
N ILE C 19 2.99 -2.02 -20.41
CA ILE C 19 4.05 -1.13 -19.93
C ILE C 19 4.41 -1.28 -18.46
N ARG C 20 3.54 -1.90 -17.64
CA ARG C 20 3.68 -1.75 -16.21
C ARG C 20 5.03 -2.29 -15.72
N ASP C 21 5.57 -3.29 -16.42
CA ASP C 21 6.78 -3.97 -15.95
C ASP C 21 8.00 -3.08 -16.11
N SER C 22 7.86 -1.95 -16.82
CA SER C 22 9.02 -1.18 -17.26
C SER C 22 8.95 0.28 -16.80
N ILE C 23 7.81 0.69 -16.21
CA ILE C 23 7.66 2.08 -15.81
C ILE C 23 7.52 2.14 -14.29
N HIS C 24 7.67 3.33 -13.72
CA HIS C 24 7.47 3.49 -12.28
C HIS C 24 6.00 3.76 -12.00
N LEU C 25 5.46 3.07 -10.99
N LEU C 25 5.49 3.08 -10.97
CA LEU C 25 4.22 3.51 -10.38
CA LEU C 25 4.27 3.48 -10.30
C LEU C 25 4.57 4.68 -9.47
C LEU C 25 4.60 4.69 -9.44
N THR C 26 4.46 5.88 -10.02
CA THR C 26 4.93 7.10 -9.37
C THR C 26 4.09 7.41 -8.14
N PRO C 27 4.70 7.97 -7.07
N PRO C 27 4.71 7.97 -7.06
CA PRO C 27 3.98 8.25 -5.83
CA PRO C 27 3.98 8.25 -5.83
C PRO C 27 3.06 9.45 -6.00
C PRO C 27 3.06 9.45 -6.00
N VAL C 28 2.09 9.55 -5.08
CA VAL C 28 1.25 10.70 -4.93
C VAL C 28 1.67 11.40 -3.64
N LEU C 29 2.08 12.67 -3.75
CA LEU C 29 2.56 13.40 -2.59
C LEU C 29 1.56 14.50 -2.25
N THR C 30 1.69 15.05 -1.02
CA THR C 30 0.81 16.13 -0.57
C THR C 30 1.63 17.29 -0.02
N SER C 31 0.96 18.44 0.16
CA SER C 31 1.57 19.67 0.64
C SER C 31 0.55 20.44 1.48
N SER C 32 0.87 20.61 2.78
CA SER C 32 0.00 21.37 3.67
C SER C 32 -0.19 22.81 3.18
N ILE C 33 0.90 23.44 2.72
N ILE C 33 0.91 23.42 2.71
CA ILE C 33 0.83 24.84 2.32
CA ILE C 33 0.92 24.81 2.30
C ILE C 33 -0.04 25.01 1.09
C ILE C 33 0.00 25.00 1.11
N LEU C 34 0.09 24.10 0.11
CA LEU C 34 -0.74 24.21 -1.08
C LEU C 34 -2.19 23.88 -0.77
N ASN C 35 -2.43 22.96 0.18
CA ASN C 35 -3.80 22.75 0.67
C ASN C 35 -4.35 24.06 1.25
N GLN C 36 -3.52 24.77 2.01
N GLN C 36 -3.53 24.77 2.02
CA GLN C 36 -3.95 25.98 2.69
CA GLN C 36 -3.96 25.99 2.68
C GLN C 36 -4.21 27.12 1.69
C GLN C 36 -4.26 27.08 1.65
N LEU C 37 -3.41 27.18 0.62
CA LEU C 37 -3.53 28.22 -0.40
C LEU C 37 -4.79 28.01 -1.24
N THR C 38 -5.22 26.76 -1.40
CA THR C 38 -6.29 26.47 -2.35
C THR C 38 -7.61 26.25 -1.62
N GLY C 39 -7.54 25.79 -0.37
CA GLY C 39 -8.72 25.40 0.39
C GLY C 39 -9.15 23.96 0.10
N ARG C 40 -8.35 23.23 -0.70
CA ARG C 40 -8.69 21.88 -1.11
C ARG C 40 -7.70 20.86 -0.52
N ASN C 41 -8.03 19.58 -0.67
CA ASN C 41 -7.11 18.49 -0.37
C ASN C 41 -6.44 18.08 -1.68
N LEU C 42 -5.18 18.50 -1.85
CA LEU C 42 -4.50 18.28 -3.11
C LEU C 42 -3.62 17.04 -3.02
N PHE C 43 -3.53 16.36 -4.17
CA PHE C 43 -2.71 15.17 -4.31
C PHE C 43 -1.89 15.35 -5.59
N PHE C 44 -0.58 15.17 -5.49
CA PHE C 44 0.31 15.45 -6.60
C PHE C 44 0.82 14.13 -7.19
N LYS C 45 0.34 13.80 -8.40
CA LYS C 45 0.81 12.59 -9.08
C LYS C 45 2.16 12.88 -9.72
N CYS C 46 3.20 12.19 -9.25
CA CYS C 46 4.57 12.66 -9.46
C CYS C 46 5.18 12.04 -10.71
N GLU C 47 4.65 12.43 -11.89
CA GLU C 47 5.21 11.94 -13.13
C GLU C 47 6.59 12.53 -13.41
N LEU C 48 7.01 13.57 -12.65
CA LEU C 48 8.38 14.06 -12.78
C LEU C 48 9.38 12.99 -12.35
N PHE C 49 8.92 12.00 -11.58
CA PHE C 49 9.80 10.92 -11.14
C PHE C 49 9.72 9.72 -12.07
N GLN C 50 8.91 9.84 -13.13
CA GLN C 50 8.77 8.75 -14.09
C GLN C 50 10.09 8.54 -14.83
N LYS C 51 10.31 7.33 -15.37
CA LYS C 51 11.47 7.11 -16.21
C LYS C 51 11.50 8.15 -17.33
N THR C 52 12.70 8.70 -17.56
CA THR C 52 13.03 9.74 -18.54
C THR C 52 12.62 11.14 -18.08
N GLY C 53 11.94 11.24 -16.93
CA GLY C 53 11.66 12.55 -16.36
C GLY C 53 10.30 13.13 -16.75
N SER C 54 9.50 12.36 -17.48
CA SER C 54 8.13 12.79 -17.77
C SER C 54 7.25 11.56 -17.98
N PHE C 55 5.93 11.80 -18.05
CA PHE C 55 4.99 10.71 -18.23
C PHE C 55 5.11 10.10 -19.63
N LYS C 56 5.84 10.73 -20.55
CA LYS C 56 5.74 10.37 -21.97
C LYS C 56 6.27 8.96 -22.25
N ILE C 57 7.02 8.37 -21.31
CA ILE C 57 7.47 6.99 -21.50
C ILE C 57 6.26 6.05 -21.58
N ARG C 58 5.13 6.43 -20.98
CA ARG C 58 3.95 5.55 -20.95
C ARG C 58 3.46 5.35 -22.39
N GLY C 59 3.13 6.45 -23.05
CA GLY C 59 2.65 6.38 -24.43
C GLY C 59 3.73 5.86 -25.38
N ALA C 60 4.99 6.26 -25.13
CA ALA C 60 6.08 5.90 -26.02
C ALA C 60 6.34 4.40 -25.98
N LEU C 61 6.40 3.84 -24.76
CA LEU C 61 6.65 2.41 -24.62
C LEU C 61 5.47 1.61 -25.15
N ASN C 62 4.24 2.10 -24.93
CA ASN C 62 3.07 1.41 -25.44
C ASN C 62 3.11 1.36 -26.96
N ALA C 63 3.55 2.45 -27.59
CA ALA C 63 3.63 2.52 -29.04
C ALA C 63 4.71 1.57 -29.57
N VAL C 64 5.88 1.56 -28.91
CA VAL C 64 6.99 0.76 -29.38
C VAL C 64 6.62 -0.73 -29.25
N ARG C 65 5.75 -1.05 -28.28
CA ARG C 65 5.38 -2.43 -28.02
C ARG C 65 4.08 -2.82 -28.74
N SER C 66 3.48 -1.87 -29.47
N SER C 66 3.50 -1.89 -29.52
CA SER C 66 2.19 -2.07 -30.12
CA SER C 66 2.22 -2.17 -30.16
C SER C 66 2.30 -1.94 -31.64
C SER C 66 2.23 -1.90 -31.66
N LEU C 67 3.00 -0.90 -32.10
CA LEU C 67 3.02 -0.52 -33.51
C LEU C 67 3.93 -1.45 -34.30
N VAL C 68 3.62 -1.60 -35.60
CA VAL C 68 4.38 -2.50 -36.46
C VAL C 68 5.00 -1.70 -37.59
N PRO C 69 6.23 -2.06 -38.05
CA PRO C 69 6.85 -1.38 -39.17
C PRO C 69 6.23 -1.84 -40.49
N ASP C 70 6.56 -1.13 -41.57
CA ASP C 70 6.15 -1.52 -42.91
C ASP C 70 7.20 -2.50 -43.44
N ALA C 71 7.17 -3.73 -42.92
CA ALA C 71 8.18 -4.73 -43.19
C ALA C 71 7.63 -6.13 -42.91
N LEU C 72 8.41 -7.16 -43.22
CA LEU C 72 7.99 -8.53 -43.03
C LEU C 72 7.86 -8.84 -41.53
N GLU C 73 8.88 -8.46 -40.77
CA GLU C 73 8.96 -8.75 -39.33
C GLU C 73 8.01 -7.81 -38.57
N ARG C 74 7.36 -8.37 -37.55
CA ARG C 74 6.28 -7.70 -36.85
C ARG C 74 6.83 -6.68 -35.85
N LYS C 75 8.06 -6.88 -35.38
CA LYS C 75 8.62 -6.01 -34.35
C LYS C 75 9.42 -4.90 -35.01
N PRO C 76 9.28 -3.64 -34.54
CA PRO C 76 10.10 -2.53 -35.00
C PRO C 76 11.58 -2.85 -34.77
N LYS C 77 12.42 -2.48 -35.73
CA LYS C 77 13.86 -2.71 -35.64
C LYS C 77 14.58 -1.42 -35.28
N ALA C 78 13.82 -0.32 -35.20
CA ALA C 78 14.34 0.99 -34.82
C ALA C 78 13.16 1.92 -34.57
N VAL C 79 13.44 3.05 -33.90
N VAL C 79 13.45 3.05 -33.91
N VAL C 79 13.43 3.04 -33.89
CA VAL C 79 12.49 4.14 -33.79
CA VAL C 79 12.52 4.15 -33.76
CA VAL C 79 12.48 4.14 -33.80
C VAL C 79 13.16 5.39 -34.35
C VAL C 79 13.18 5.39 -34.37
C VAL C 79 13.16 5.37 -34.36
N VAL C 80 12.37 6.24 -34.99
CA VAL C 80 12.87 7.45 -35.63
C VAL C 80 12.02 8.59 -35.13
N THR C 81 12.66 9.71 -34.80
CA THR C 81 11.93 10.83 -34.20
C THR C 81 12.53 12.15 -34.66
N HIS C 82 11.72 13.21 -34.58
CA HIS C 82 12.20 14.58 -34.78
C HIS C 82 12.54 15.25 -33.45
N SER C 83 12.14 14.64 -32.33
CA SER C 83 12.11 15.32 -31.04
C SER C 83 13.41 15.09 -30.26
N SER C 84 13.96 16.18 -29.71
CA SER C 84 15.04 16.10 -28.74
C SER C 84 14.53 16.43 -27.34
N GLY C 85 13.20 16.58 -27.23
CA GLY C 85 12.53 16.92 -25.98
C GLY C 85 11.96 15.68 -25.28
N ASN C 86 10.95 15.91 -24.42
CA ASN C 86 10.39 14.85 -23.58
C ASN C 86 9.93 13.66 -24.43
N HIS C 87 9.31 13.95 -25.59
CA HIS C 87 8.86 12.90 -26.47
C HIS C 87 10.02 12.06 -26.99
N GLY C 88 11.02 12.72 -27.58
CA GLY C 88 12.15 12.00 -28.15
C GLY C 88 12.94 11.23 -27.11
N GLN C 89 13.11 11.82 -25.92
CA GLN C 89 13.81 11.17 -24.84
C GLN C 89 13.05 9.94 -24.39
N ALA C 90 11.72 10.03 -24.34
CA ALA C 90 10.89 8.87 -24.00
C ALA C 90 11.03 7.76 -25.03
N LEU C 91 10.93 8.12 -26.31
CA LEU C 91 11.02 7.16 -27.40
C LEU C 91 12.39 6.50 -27.39
N THR C 92 13.44 7.30 -27.14
CA THR C 92 14.79 6.76 -27.10
C THR C 92 14.93 5.70 -25.99
N TYR C 93 14.40 6.00 -24.80
CA TYR C 93 14.44 5.05 -23.70
C TYR C 93 13.65 3.79 -24.04
N ALA C 94 12.47 3.95 -24.66
CA ALA C 94 11.67 2.80 -25.05
C ALA C 94 12.49 1.92 -26.00
N ALA C 95 13.20 2.55 -26.94
CA ALA C 95 14.03 1.81 -27.89
C ALA C 95 15.12 1.03 -27.16
N LYS C 96 15.75 1.66 -26.16
CA LYS C 96 16.78 0.97 -25.37
C LYS C 96 16.19 -0.26 -24.69
N LEU C 97 14.99 -0.13 -24.11
CA LEU C 97 14.35 -1.24 -23.43
C LEU C 97 14.15 -2.40 -24.40
N GLU C 98 13.88 -2.10 -25.67
CA GLU C 98 13.57 -3.11 -26.66
C GLU C 98 14.82 -3.53 -27.43
N GLY C 99 15.98 -2.92 -27.11
CA GLY C 99 17.23 -3.31 -27.75
C GLY C 99 17.30 -2.94 -29.23
N ILE C 100 16.71 -1.79 -29.59
CA ILE C 100 16.73 -1.32 -30.97
C ILE C 100 17.29 0.10 -30.98
N PRO C 101 17.96 0.54 -32.07
CA PRO C 101 18.47 1.91 -32.15
C PRO C 101 17.34 2.94 -32.21
N ALA C 102 17.62 4.14 -31.68
CA ALA C 102 16.76 5.29 -31.80
C ALA C 102 17.48 6.35 -32.63
N TYR C 103 16.88 6.75 -33.74
CA TYR C 103 17.51 7.75 -34.60
C TYR C 103 16.76 9.05 -34.44
N ILE C 104 17.51 10.16 -34.40
CA ILE C 104 16.87 11.46 -34.38
C ILE C 104 17.34 12.24 -35.59
N VAL C 105 16.36 12.75 -36.35
CA VAL C 105 16.66 13.48 -37.56
C VAL C 105 16.93 14.92 -37.14
N VAL C 106 18.12 15.43 -37.50
CA VAL C 106 18.62 16.71 -37.02
C VAL C 106 19.11 17.54 -38.22
N PRO C 107 18.67 18.81 -38.38
CA PRO C 107 19.23 19.68 -39.43
C PRO C 107 20.74 19.82 -39.26
N GLN C 108 21.45 19.84 -40.39
N GLN C 108 21.45 19.87 -40.39
CA GLN C 108 22.91 19.86 -40.43
CA GLN C 108 22.90 19.86 -40.44
C GLN C 108 23.45 21.06 -39.65
C GLN C 108 23.46 21.09 -39.73
N THR C 109 22.61 22.11 -39.54
CA THR C 109 23.04 23.39 -38.98
C THR C 109 22.88 23.43 -37.46
N ALA C 110 22.44 22.33 -36.83
CA ALA C 110 22.18 22.33 -35.40
C ALA C 110 23.46 22.67 -34.63
N PRO C 111 23.36 23.40 -33.48
CA PRO C 111 24.53 23.72 -32.66
C PRO C 111 25.15 22.50 -31.98
N ASP C 112 26.46 22.58 -31.73
CA ASP C 112 27.25 21.48 -31.19
C ASP C 112 26.75 21.08 -29.80
N CYS C 113 26.27 22.06 -29.03
CA CYS C 113 25.79 21.81 -27.67
C CYS C 113 24.52 20.96 -27.70
N LYS C 114 23.63 21.23 -28.66
CA LYS C 114 22.38 20.50 -28.82
C LYS C 114 22.68 19.07 -29.23
N LYS C 115 23.65 18.90 -30.14
CA LYS C 115 24.04 17.58 -30.65
C LYS C 115 24.61 16.74 -29.51
N LEU C 116 25.43 17.36 -28.66
CA LEU C 116 26.03 16.67 -27.53
C LEU C 116 24.92 16.24 -26.55
N ALA C 117 23.94 17.13 -26.32
CA ALA C 117 22.83 16.85 -25.44
C ALA C 117 22.02 15.65 -25.94
N ILE C 118 21.85 15.58 -27.26
CA ILE C 118 21.04 14.53 -27.88
C ILE C 118 21.74 13.18 -27.71
N GLN C 119 23.05 13.17 -27.97
CA GLN C 119 23.85 11.96 -27.92
C GLN C 119 23.95 11.45 -26.48
N ALA C 120 23.82 12.36 -25.51
CA ALA C 120 23.99 12.02 -24.10
C ALA C 120 22.91 11.03 -23.65
N TYR C 121 21.67 11.20 -24.15
CA TYR C 121 20.60 10.29 -23.75
C TYR C 121 20.51 9.08 -24.68
N GLY C 122 21.38 9.05 -25.71
CA GLY C 122 21.66 7.82 -26.43
C GLY C 122 20.99 7.72 -27.79
N ALA C 123 20.49 8.85 -28.30
CA ALA C 123 19.93 8.87 -29.64
C ALA C 123 21.05 8.92 -30.67
N SER C 124 20.82 8.30 -31.82
CA SER C 124 21.77 8.34 -32.92
C SER C 124 21.30 9.40 -33.92
N ILE C 125 22.18 10.36 -34.25
CA ILE C 125 21.82 11.49 -35.10
C ILE C 125 21.92 11.08 -36.58
N VAL C 126 20.85 11.36 -37.34
CA VAL C 126 20.90 11.35 -38.79
C VAL C 126 20.60 12.77 -39.26
N TYR C 127 21.45 13.30 -40.16
CA TYR C 127 21.37 14.69 -40.59
C TYR C 127 20.40 14.86 -41.76
N CYS C 128 19.75 16.03 -41.79
CA CYS C 128 18.87 16.44 -42.87
C CYS C 128 19.17 17.90 -43.20
N GLU C 129 18.50 18.43 -44.23
N GLU C 129 18.48 18.43 -44.22
CA GLU C 129 18.61 19.83 -44.58
CA GLU C 129 18.59 19.84 -44.60
C GLU C 129 17.61 20.64 -43.75
C GLU C 129 17.59 20.66 -43.78
N PRO C 130 17.93 21.90 -43.37
CA PRO C 130 17.06 22.71 -42.52
C PRO C 130 15.79 23.24 -43.22
N SER C 131 14.92 22.30 -43.58
CA SER C 131 13.59 22.59 -44.12
C SER C 131 12.65 21.49 -43.64
N ASP C 132 11.34 21.80 -43.62
CA ASP C 132 10.31 20.86 -43.20
C ASP C 132 10.21 19.72 -44.22
N GLU C 133 10.53 20.03 -45.48
CA GLU C 133 10.52 19.07 -46.56
C GLU C 133 11.58 18.00 -46.32
N SER C 134 12.81 18.45 -46.05
CA SER C 134 13.94 17.56 -45.86
C SER C 134 13.81 16.75 -44.57
N ARG C 135 13.35 17.40 -43.49
CA ARG C 135 13.13 16.72 -42.22
C ARG C 135 12.19 15.53 -42.43
N GLU C 136 11.04 15.78 -43.06
N GLU C 136 11.04 15.77 -43.07
CA GLU C 136 10.01 14.79 -43.31
CA GLU C 136 10.03 14.74 -43.26
C GLU C 136 10.57 13.65 -44.17
C GLU C 136 10.57 13.63 -44.16
N ASN C 137 11.26 14.02 -45.24
CA ASN C 137 11.72 13.06 -46.23
C ASN C 137 12.86 12.20 -45.68
N VAL C 138 13.75 12.82 -44.89
CA VAL C 138 14.80 12.04 -44.26
C VAL C 138 14.20 11.09 -43.24
N ALA C 139 13.24 11.58 -42.42
CA ALA C 139 12.63 10.71 -41.42
C ALA C 139 11.93 9.53 -42.09
N LYS C 140 11.25 9.80 -43.22
N LYS C 140 11.24 9.79 -43.21
CA LYS C 140 10.54 8.76 -43.94
CA LYS C 140 10.54 8.75 -43.94
C LYS C 140 11.52 7.70 -44.45
C LYS C 140 11.52 7.70 -44.44
N ARG C 141 12.66 8.15 -45.00
CA ARG C 141 13.67 7.26 -45.56
C ARG C 141 14.26 6.37 -44.47
N VAL C 142 14.66 7.00 -43.35
N VAL C 142 14.68 6.98 -43.35
CA VAL C 142 15.31 6.27 -42.27
CA VAL C 142 15.33 6.21 -42.29
C VAL C 142 14.35 5.23 -41.69
C VAL C 142 14.34 5.21 -41.71
N THR C 143 13.10 5.64 -41.45
CA THR C 143 12.09 4.74 -40.90
C THR C 143 11.93 3.51 -41.81
N GLU C 144 11.86 3.73 -43.12
CA GLU C 144 11.68 2.64 -44.05
C GLU C 144 12.93 1.75 -44.14
N GLU C 145 14.12 2.37 -44.26
CA GLU C 145 15.36 1.62 -44.46
C GLU C 145 15.73 0.79 -43.22
N THR C 146 15.34 1.28 -42.03
CA THR C 146 15.72 0.59 -40.80
C THR C 146 14.63 -0.37 -40.33
N GLU C 147 13.55 -0.46 -41.10
CA GLU C 147 12.39 -1.25 -40.69
C GLU C 147 11.92 -0.78 -39.31
N GLY C 148 11.82 0.55 -39.18
CA GLY C 148 11.49 1.17 -37.91
C GLY C 148 10.06 1.70 -37.86
N ILE C 149 9.75 2.41 -36.76
CA ILE C 149 8.46 3.09 -36.59
C ILE C 149 8.70 4.54 -36.19
N MET C 150 7.71 5.38 -36.50
CA MET C 150 7.61 6.71 -35.92
C MET C 150 6.35 6.76 -35.09
N VAL C 151 6.32 7.70 -34.13
CA VAL C 151 5.29 7.74 -33.11
C VAL C 151 4.91 9.20 -32.87
N HIS C 152 3.67 9.56 -33.24
CA HIS C 152 3.20 10.92 -33.03
C HIS C 152 3.13 11.20 -31.53
N PRO C 153 3.60 12.37 -31.06
CA PRO C 153 3.60 12.71 -29.63
C PRO C 153 2.26 12.80 -28.91
N ASN C 154 1.14 12.99 -29.64
CA ASN C 154 -0.11 13.16 -28.92
C ASN C 154 -1.34 12.61 -29.64
N GLN C 155 -1.25 12.33 -30.95
CA GLN C 155 -2.43 11.92 -31.70
C GLN C 155 -2.45 10.41 -31.97
N GLU C 156 -1.31 9.74 -31.73
CA GLU C 156 -1.20 8.31 -31.95
C GLU C 156 -2.06 7.57 -30.93
N PRO C 157 -3.01 6.71 -31.36
CA PRO C 157 -3.83 5.96 -30.41
C PRO C 157 -3.04 5.21 -29.33
N ALA C 158 -1.94 4.57 -29.70
CA ALA C 158 -1.13 3.84 -28.73
C ALA C 158 -0.56 4.77 -27.66
N VAL C 159 -0.26 6.01 -28.04
CA VAL C 159 0.26 7.02 -27.11
C VAL C 159 -0.86 7.50 -26.19
N ILE C 160 -2.04 7.80 -26.77
CA ILE C 160 -3.17 8.24 -25.95
C ILE C 160 -3.51 7.17 -24.92
N ALA C 161 -3.53 5.89 -25.33
CA ALA C 161 -3.90 4.80 -24.44
C ALA C 161 -2.86 4.68 -23.33
N GLY C 162 -1.57 4.77 -23.69
CA GLY C 162 -0.51 4.74 -22.69
C GLY C 162 -0.67 5.83 -21.64
N GLN C 163 -1.00 7.05 -22.08
CA GLN C 163 -1.09 8.15 -21.12
C GLN C 163 -2.25 7.93 -20.16
N GLY C 164 -3.31 7.25 -20.62
CA GLY C 164 -4.46 6.93 -19.77
C GLY C 164 -4.07 6.17 -18.50
N THR C 165 -2.95 5.43 -18.56
CA THR C 165 -2.50 4.64 -17.42
C THR C 165 -2.22 5.53 -16.21
N ILE C 166 -1.93 6.82 -16.43
CA ILE C 166 -1.79 7.74 -15.30
C ILE C 166 -3.04 7.69 -14.43
N ALA C 167 -4.21 7.77 -15.07
CA ALA C 167 -5.46 7.86 -14.33
C ALA C 167 -5.78 6.55 -13.64
N LEU C 168 -5.39 5.42 -14.26
N LEU C 168 -5.38 5.43 -14.26
CA LEU C 168 -5.61 4.11 -13.67
CA LEU C 168 -5.61 4.11 -13.68
C LEU C 168 -4.95 4.07 -12.29
C LEU C 168 -4.93 4.05 -12.31
N GLU C 169 -3.69 4.56 -12.24
CA GLU C 169 -2.95 4.58 -10.98
C GLU C 169 -3.57 5.57 -9.99
N VAL C 170 -3.88 6.77 -10.47
CA VAL C 170 -4.45 7.80 -9.60
C VAL C 170 -5.70 7.28 -8.89
N LEU C 171 -6.60 6.63 -9.64
N LEU C 171 -6.60 6.63 -9.64
CA LEU C 171 -7.85 6.18 -9.06
CA LEU C 171 -7.86 6.18 -9.06
C LEU C 171 -7.61 5.13 -7.97
C LEU C 171 -7.62 5.13 -7.96
N ASN C 172 -6.52 4.37 -8.10
CA ASN C 172 -6.14 3.39 -7.08
C ASN C 172 -5.49 4.07 -5.88
N GLN C 173 -4.66 5.09 -6.15
CA GLN C 173 -3.84 5.70 -5.10
C GLN C 173 -4.64 6.70 -4.28
N VAL C 174 -5.69 7.27 -4.90
CA VAL C 174 -6.54 8.27 -4.24
C VAL C 174 -7.99 7.85 -4.46
N PRO C 175 -8.48 6.78 -3.79
CA PRO C 175 -9.81 6.24 -4.04
C PRO C 175 -10.95 7.26 -3.97
N LEU C 176 -10.79 8.28 -3.12
CA LEU C 176 -11.86 9.25 -2.91
C LEU C 176 -11.60 10.50 -3.75
N VAL C 177 -10.75 10.41 -4.78
CA VAL C 177 -10.46 11.59 -5.58
C VAL C 177 -11.76 12.12 -6.20
N ASP C 178 -11.86 13.46 -6.26
CA ASP C 178 -13.04 14.14 -6.80
C ASP C 178 -12.75 14.75 -8.18
N ALA C 179 -11.47 15.05 -8.48
CA ALA C 179 -11.12 15.66 -9.75
C ALA C 179 -9.66 15.37 -10.09
N LEU C 180 -9.36 15.31 -11.40
CA LEU C 180 -7.98 15.32 -11.87
C LEU C 180 -7.77 16.62 -12.64
N VAL C 181 -6.59 17.23 -12.43
CA VAL C 181 -6.18 18.41 -13.17
C VAL C 181 -4.96 18.04 -14.01
N VAL C 182 -5.07 18.30 -15.31
CA VAL C 182 -4.14 17.81 -16.30
C VAL C 182 -3.72 18.94 -17.24
N PRO C 183 -2.41 19.24 -17.38
CA PRO C 183 -1.95 20.23 -18.37
C PRO C 183 -2.24 19.68 -19.75
N VAL C 184 -2.65 20.57 -20.68
CA VAL C 184 -3.04 20.11 -22.01
C VAL C 184 -2.22 20.87 -23.06
N GLY C 185 -1.60 20.10 -23.96
CA GLY C 185 -1.00 20.61 -25.19
C GLY C 185 -1.73 19.99 -26.39
N GLY C 186 -1.12 18.95 -26.97
CA GLY C 186 -1.77 18.18 -28.01
C GLY C 186 -2.95 17.36 -27.48
N GLY C 187 -2.96 17.12 -26.15
CA GLY C 187 -4.08 16.51 -25.47
C GLY C 187 -4.04 14.98 -25.49
N GLY C 188 -2.88 14.38 -25.74
CA GLY C 188 -2.79 12.93 -25.61
C GLY C 188 -3.00 12.50 -24.15
N MET C 189 -2.34 13.22 -23.25
CA MET C 189 -2.48 12.90 -21.84
C MET C 189 -3.91 13.20 -21.35
N LEU C 190 -4.43 14.38 -21.70
CA LEU C 190 -5.78 14.75 -21.27
C LEU C 190 -6.82 13.75 -21.81
N ALA C 191 -6.71 13.40 -23.09
CA ALA C 191 -7.66 12.47 -23.69
C ALA C 191 -7.56 11.08 -23.05
N GLY C 192 -6.34 10.57 -22.88
CA GLY C 192 -6.18 9.25 -22.28
C GLY C 192 -6.80 9.20 -20.88
N ILE C 193 -6.52 10.27 -20.11
CA ILE C 193 -7.01 10.38 -18.75
C ILE C 193 -8.53 10.48 -18.74
N ALA C 194 -9.08 11.28 -19.67
CA ALA C 194 -10.53 11.47 -19.71
C ALA C 194 -11.24 10.17 -20.04
N ILE C 195 -10.73 9.41 -21.01
CA ILE C 195 -11.31 8.12 -21.34
C ILE C 195 -11.33 7.22 -20.10
N THR C 196 -10.20 7.20 -19.37
CA THR C 196 -10.03 6.31 -18.22
C THR C 196 -10.99 6.70 -17.10
N VAL C 197 -11.00 7.99 -16.77
CA VAL C 197 -11.79 8.44 -15.63
C VAL C 197 -13.27 8.22 -15.92
N LYS C 198 -13.69 8.55 -17.14
CA LYS C 198 -15.11 8.53 -17.46
C LYS C 198 -15.60 7.08 -17.57
N ALA C 199 -14.69 6.15 -17.89
CA ALA C 199 -15.01 4.73 -17.90
C ALA C 199 -15.14 4.17 -16.48
N LEU C 200 -14.21 4.57 -15.58
CA LEU C 200 -14.06 3.88 -14.30
C LEU C 200 -14.89 4.54 -13.21
N LYS C 201 -14.89 5.87 -13.17
N LYS C 201 -14.91 5.88 -13.20
CA LYS C 201 -15.63 6.60 -12.15
CA LYS C 201 -15.59 6.63 -12.15
C LYS C 201 -16.05 7.96 -12.71
C LYS C 201 -16.04 7.96 -12.72
N PRO C 202 -17.12 8.01 -13.55
CA PRO C 202 -17.49 9.23 -14.26
C PRO C 202 -17.93 10.40 -13.37
N SER C 203 -18.19 10.13 -12.09
CA SER C 203 -18.50 11.21 -11.16
C SER C 203 -17.27 12.08 -10.89
N VAL C 204 -16.08 11.53 -11.13
CA VAL C 204 -14.83 12.26 -10.95
C VAL C 204 -14.66 13.27 -12.09
N LYS C 205 -14.30 14.51 -11.74
CA LYS C 205 -14.18 15.55 -12.74
C LYS C 205 -12.82 15.42 -13.43
N VAL C 206 -12.79 15.76 -14.73
CA VAL C 206 -11.53 15.87 -15.45
C VAL C 206 -11.38 17.32 -15.91
N TYR C 207 -10.38 18.00 -15.35
CA TYR C 207 -10.17 19.40 -15.67
C TYR C 207 -8.83 19.56 -16.38
N ALA C 208 -8.83 20.37 -17.45
CA ALA C 208 -7.61 20.69 -18.16
C ALA C 208 -7.10 22.04 -17.68
N ALA C 209 -5.78 22.23 -17.83
CA ALA C 209 -5.10 23.46 -17.50
C ALA C 209 -4.22 23.84 -18.68
N GLU C 210 -4.32 25.09 -19.15
N GLU C 210 -4.24 25.13 -19.04
CA GLU C 210 -3.46 25.50 -20.26
CA GLU C 210 -3.64 25.59 -20.28
C GLU C 210 -3.06 26.96 -20.12
C GLU C 210 -3.05 26.99 -20.08
N PRO C 211 -1.92 27.35 -20.72
CA PRO C 211 -1.49 28.74 -20.72
C PRO C 211 -2.50 29.60 -21.48
N SER C 212 -2.84 30.76 -20.93
CA SER C 212 -3.75 31.66 -21.61
C SER C 212 -3.13 32.14 -22.94
N ASN C 213 -1.80 32.06 -23.05
CA ASN C 213 -1.08 32.42 -24.26
C ASN C 213 -1.19 31.33 -25.33
N ALA C 214 -1.81 30.20 -25.00
CA ALA C 214 -1.94 29.10 -25.96
C ALA C 214 -3.29 28.41 -25.73
N ASP C 215 -4.37 29.19 -25.83
CA ASP C 215 -5.65 28.81 -25.24
C ASP C 215 -6.58 28.12 -26.23
N ASP C 216 -6.04 27.30 -27.14
CA ASP C 216 -6.86 26.59 -28.12
C ASP C 216 -7.85 25.63 -27.47
N CYS C 217 -7.46 24.95 -26.39
N CYS C 217 -7.47 24.98 -26.37
CA CYS C 217 -8.39 24.02 -25.75
CA CYS C 217 -8.38 24.03 -25.75
C CYS C 217 -9.62 24.79 -25.26
C CYS C 217 -9.60 24.75 -25.18
N TYR C 218 -9.37 25.89 -24.51
CA TYR C 218 -10.44 26.68 -23.95
C TYR C 218 -11.34 27.19 -25.08
N GLN C 219 -10.73 27.65 -26.16
CA GLN C 219 -11.49 28.28 -27.23
C GLN C 219 -12.32 27.23 -27.96
N SER C 220 -11.72 26.04 -28.14
CA SER C 220 -12.36 24.94 -28.81
C SER C 220 -13.58 24.48 -28.01
N LYS C 221 -13.42 24.34 -26.69
CA LYS C 221 -14.53 23.90 -25.85
C LYS C 221 -15.65 24.95 -25.83
N LEU C 222 -15.28 26.23 -25.85
CA LEU C 222 -16.24 27.33 -25.85
C LEU C 222 -17.06 27.30 -27.15
N LYS C 223 -16.35 27.16 -28.30
CA LYS C 223 -16.99 27.24 -29.60
C LYS C 223 -17.70 25.92 -29.95
N GLY C 224 -17.24 24.82 -29.34
CA GLY C 224 -17.79 23.52 -29.65
C GLY C 224 -17.19 22.91 -30.92
N LYS C 225 -16.04 23.44 -31.35
CA LYS C 225 -15.31 22.94 -32.52
C LYS C 225 -13.82 23.17 -32.35
N LEU C 226 -13.01 22.37 -33.04
CA LEU C 226 -11.55 22.44 -32.94
C LEU C 226 -11.07 23.76 -33.54
N MET C 227 -10.48 24.59 -32.67
CA MET C 227 -9.98 25.90 -33.03
C MET C 227 -8.50 25.96 -32.64
N PRO C 228 -7.58 25.50 -33.51
CA PRO C 228 -6.15 25.47 -33.18
C PRO C 228 -5.57 26.86 -33.00
N ASN C 229 -4.43 26.96 -32.30
CA ASN C 229 -3.70 28.21 -32.22
C ASN C 229 -3.40 28.65 -33.66
N LEU C 230 -3.63 29.94 -33.95
CA LEU C 230 -3.45 30.44 -35.31
C LEU C 230 -1.96 30.49 -35.68
N TYR C 231 -1.11 30.76 -34.68
N TYR C 231 -1.11 30.74 -34.68
N TYR C 231 -1.11 30.74 -34.68
CA TYR C 231 0.34 30.73 -34.88
CA TYR C 231 0.33 30.78 -34.84
CA TYR C 231 0.33 30.66 -34.91
C TYR C 231 1.01 30.13 -33.64
C TYR C 231 1.00 30.11 -33.64
C TYR C 231 1.01 30.12 -33.65
N PRO C 232 2.25 29.58 -33.77
CA PRO C 232 2.94 28.95 -32.63
C PRO C 232 3.05 29.87 -31.42
N PRO C 233 2.52 29.43 -30.25
CA PRO C 233 2.42 30.31 -29.10
C PRO C 233 3.77 30.50 -28.41
N GLU C 234 3.91 31.64 -27.74
CA GLU C 234 5.03 31.90 -26.85
C GLU C 234 4.58 31.61 -25.43
N THR C 235 5.25 30.65 -24.79
CA THR C 235 4.95 30.34 -23.41
C THR C 235 6.16 29.65 -22.79
N ILE C 236 6.33 29.89 -21.48
N ILE C 236 6.36 29.87 -21.48
CA ILE C 236 7.35 29.25 -20.68
CA ILE C 236 7.42 29.17 -20.79
C ILE C 236 7.03 27.74 -20.59
C ILE C 236 7.02 27.72 -20.55
N ALA C 237 5.75 27.41 -20.80
CA ALA C 237 5.27 26.03 -20.70
C ALA C 237 5.54 25.33 -22.03
N ASP C 238 6.82 25.03 -22.28
N ASP C 238 6.82 25.03 -22.30
CA ASP C 238 7.34 24.62 -23.57
CA ASP C 238 7.32 24.62 -23.60
C ASP C 238 6.68 23.33 -24.05
C ASP C 238 6.75 23.28 -24.03
N GLY C 239 6.15 22.55 -23.09
CA GLY C 239 5.65 21.20 -23.38
C GLY C 239 4.21 21.20 -23.87
N VAL C 240 3.53 22.36 -23.81
CA VAL C 240 2.13 22.43 -24.21
C VAL C 240 1.93 23.52 -25.28
N LYS C 241 2.87 23.61 -26.22
CA LYS C 241 2.76 24.56 -27.31
C LYS C 241 1.92 23.99 -28.44
N SER C 242 1.84 22.65 -28.54
CA SER C 242 1.02 22.03 -29.55
C SER C 242 -0.46 22.35 -29.33
N SER C 243 -1.20 22.46 -30.45
CA SER C 243 -2.64 22.53 -30.40
C SER C 243 -3.21 21.12 -30.27
N ILE C 244 -4.43 21.03 -29.74
N ILE C 244 -4.42 21.01 -29.73
CA ILE C 244 -5.21 19.80 -29.78
CA ILE C 244 -5.12 19.74 -29.75
C ILE C 244 -5.35 19.38 -31.24
C ILE C 244 -5.41 19.37 -31.21
N GLY C 245 -5.46 18.06 -31.49
CA GLY C 245 -5.58 17.55 -32.85
C GLY C 245 -6.87 16.78 -33.07
N LEU C 246 -7.02 16.23 -34.28
CA LEU C 246 -8.30 15.65 -34.69
C LEU C 246 -8.66 14.41 -33.88
N ASN C 247 -7.66 13.71 -33.35
CA ASN C 247 -7.91 12.46 -32.63
C ASN C 247 -8.26 12.75 -31.17
N THR C 248 -7.58 13.73 -30.56
CA THR C 248 -7.82 14.01 -29.16
C THR C 248 -9.03 14.92 -28.98
N TRP C 249 -9.36 15.76 -29.98
CA TRP C 249 -10.42 16.76 -29.83
C TRP C 249 -11.76 16.14 -29.42
N PRO C 250 -12.31 15.13 -30.14
CA PRO C 250 -13.63 14.60 -29.79
C PRO C 250 -13.71 14.10 -28.36
N ILE C 251 -12.63 13.46 -27.88
CA ILE C 251 -12.56 12.99 -26.50
C ILE C 251 -12.66 14.17 -25.54
N ILE C 252 -11.87 15.22 -25.81
CA ILE C 252 -11.81 16.39 -24.94
C ILE C 252 -13.14 17.14 -24.96
N ARG C 253 -13.73 17.27 -26.14
CA ARG C 253 -15.04 17.88 -26.30
C ARG C 253 -16.07 17.22 -25.39
N ASP C 254 -16.09 15.89 -25.36
CA ASP C 254 -17.20 15.15 -24.74
C ASP C 254 -16.92 14.83 -23.28
N LEU C 255 -15.65 14.60 -22.90
CA LEU C 255 -15.36 13.91 -21.66
C LEU C 255 -14.61 14.78 -20.66
N VAL C 256 -14.19 15.99 -21.06
CA VAL C 256 -13.50 16.89 -20.16
C VAL C 256 -14.48 17.93 -19.63
N ASP C 257 -14.51 18.08 -18.31
CA ASP C 257 -15.51 18.89 -17.61
C ASP C 257 -15.29 20.39 -17.79
N ASP C 258 -14.02 20.81 -17.73
CA ASP C 258 -13.76 22.24 -17.83
C ASP C 258 -12.28 22.45 -18.16
N ILE C 259 -11.97 23.67 -18.61
N ILE C 259 -11.97 23.65 -18.67
CA ILE C 259 -10.63 24.06 -19.00
CA ILE C 259 -10.63 24.07 -19.03
C ILE C 259 -10.31 25.36 -18.27
C ILE C 259 -10.31 25.34 -18.27
N PHE C 260 -9.18 25.36 -17.56
CA PHE C 260 -8.71 26.54 -16.84
C PHE C 260 -7.47 27.08 -17.54
N THR C 261 -7.49 28.38 -17.83
CA THR C 261 -6.34 29.02 -18.44
C THR C 261 -5.59 29.81 -17.36
N VAL C 262 -4.27 29.94 -17.56
CA VAL C 262 -3.42 30.57 -16.57
C VAL C 262 -2.39 31.44 -17.29
N THR C 263 -2.07 32.59 -16.69
CA THR C 263 -1.15 33.53 -17.31
C THR C 263 0.28 33.04 -17.13
N GLU C 264 1.21 33.62 -17.90
CA GLU C 264 2.62 33.31 -17.77
C GLU C 264 3.09 33.54 -16.34
N ASP C 265 2.67 34.66 -15.73
CA ASP C 265 3.10 34.97 -14.38
C ASP C 265 2.58 33.90 -13.41
N GLU C 266 1.34 33.45 -13.62
CA GLU C 266 0.77 32.42 -12.77
C GLU C 266 1.57 31.13 -12.90
N ILE C 267 1.97 30.78 -14.12
CA ILE C 267 2.75 29.57 -14.36
C ILE C 267 4.08 29.67 -13.62
N LYS C 268 4.75 30.81 -13.80
CA LYS C 268 6.06 31.01 -13.21
C LYS C 268 5.98 30.94 -11.69
N CYS C 269 4.98 31.62 -11.11
N CYS C 269 4.98 31.64 -11.14
CA CYS C 269 4.82 31.68 -9.67
CA CYS C 269 4.76 31.71 -9.70
C CYS C 269 4.46 30.30 -9.10
C CYS C 269 4.48 30.31 -9.13
N ALA C 270 3.59 29.56 -9.80
CA ALA C 270 3.23 28.23 -9.35
C ALA C 270 4.44 27.29 -9.35
N THR C 271 5.27 27.41 -10.40
CA THR C 271 6.45 26.58 -10.57
C THR C 271 7.44 26.85 -9.43
N GLN C 272 7.64 28.14 -9.11
N GLN C 272 7.80 28.13 -9.24
CA GLN C 272 8.47 28.57 -8.00
CA GLN C 272 8.81 28.51 -8.25
C GLN C 272 7.92 28.07 -6.65
C GLN C 272 8.33 28.07 -6.86
N LEU C 273 6.60 28.14 -6.48
N LEU C 273 7.00 28.15 -6.66
CA LEU C 273 5.99 27.69 -5.24
CA LEU C 273 6.32 27.77 -5.43
C LEU C 273 6.29 26.20 -5.06
C LEU C 273 6.51 26.27 -5.16
N VAL C 274 6.22 25.42 -6.14
CA VAL C 274 6.45 23.99 -6.03
C VAL C 274 7.92 23.70 -5.71
N TRP C 275 8.84 24.39 -6.39
CA TRP C 275 10.26 24.23 -6.08
C TRP C 275 10.51 24.53 -4.59
N GLU C 276 10.11 25.71 -4.15
CA GLU C 276 10.47 26.22 -2.84
C GLU C 276 9.76 25.49 -1.71
N ARG C 277 8.47 25.18 -1.93
N ARG C 277 8.47 25.17 -1.90
CA ARG C 277 7.63 24.70 -0.85
CA ARG C 277 7.71 24.67 -0.78
C ARG C 277 7.56 23.17 -0.85
C ARG C 277 7.50 23.16 -0.85
N MET C 278 7.65 22.55 -2.03
CA MET C 278 7.51 21.11 -2.14
C MET C 278 8.85 20.43 -2.38
N LYS C 279 9.87 21.20 -2.79
CA LYS C 279 11.21 20.69 -3.12
C LYS C 279 11.18 19.70 -4.29
N LEU C 280 10.22 19.87 -5.20
CA LEU C 280 10.10 19.06 -6.40
C LEU C 280 10.53 19.91 -7.60
N LEU C 281 11.48 19.40 -8.39
N LEU C 281 11.51 19.41 -8.36
CA LEU C 281 12.00 20.18 -9.49
CA LEU C 281 12.01 20.09 -9.55
C LEU C 281 11.17 19.95 -10.76
C LEU C 281 11.10 19.79 -10.74
N ILE C 282 9.90 20.38 -10.72
CA ILE C 282 9.01 20.33 -11.87
C ILE C 282 9.51 21.27 -12.97
N GLU C 283 9.26 20.89 -14.22
CA GLU C 283 9.47 21.84 -15.31
C GLU C 283 8.27 22.78 -15.35
N PRO C 284 8.41 23.99 -15.93
CA PRO C 284 7.30 24.95 -15.94
C PRO C 284 6.00 24.43 -16.55
N THR C 285 6.10 23.53 -17.54
CA THR C 285 4.88 22.94 -18.12
C THR C 285 4.06 22.22 -17.04
N ALA C 286 4.74 21.54 -16.11
CA ALA C 286 4.04 20.88 -15.02
C ALA C 286 3.52 21.90 -13.99
N GLY C 287 4.01 23.14 -14.05
CA GLY C 287 3.48 24.16 -13.17
C GLY C 287 2.09 24.62 -13.59
N VAL C 288 1.71 24.29 -14.84
CA VAL C 288 0.46 24.77 -15.41
C VAL C 288 -0.74 24.30 -14.59
N GLY C 289 -0.75 23.01 -14.24
CA GLY C 289 -1.88 22.47 -13.49
C GLY C 289 -1.93 23.01 -12.06
N VAL C 290 -0.76 23.25 -11.46
CA VAL C 290 -0.71 23.85 -10.13
C VAL C 290 -1.28 25.28 -10.20
N ALA C 291 -0.85 26.03 -11.22
CA ALA C 291 -1.32 27.39 -11.41
C ALA C 291 -2.85 27.38 -11.55
N ALA C 292 -3.39 26.39 -12.27
CA ALA C 292 -4.82 26.30 -12.47
C ALA C 292 -5.57 26.20 -11.13
N VAL C 293 -5.07 25.36 -10.22
N VAL C 293 -5.09 25.34 -10.22
CA VAL C 293 -5.81 25.11 -8.99
CA VAL C 293 -5.80 25.09 -8.98
C VAL C 293 -5.68 26.30 -8.05
C VAL C 293 -5.69 26.33 -8.08
N LEU C 294 -4.61 27.09 -8.24
CA LEU C 294 -4.38 28.32 -7.46
C LEU C 294 -5.12 29.52 -8.06
N SER C 295 -5.64 29.38 -9.29
CA SER C 295 -6.20 30.52 -10.01
C SER C 295 -7.53 30.95 -9.39
N GLN C 296 -7.93 32.20 -9.67
N GLN C 296 -7.94 32.19 -9.68
N GLN C 296 -7.93 32.20 -9.68
CA GLN C 296 -9.15 32.78 -9.15
CA GLN C 296 -9.16 32.76 -9.12
CA GLN C 296 -9.15 32.78 -9.15
C GLN C 296 -10.37 31.97 -9.63
C GLN C 296 -10.38 31.99 -9.64
C GLN C 296 -10.37 31.98 -9.63
N HIS C 297 -10.34 31.55 -10.90
CA HIS C 297 -11.45 30.82 -11.50
C HIS C 297 -11.70 29.50 -10.78
N PHE C 298 -10.61 28.85 -10.33
CA PHE C 298 -10.74 27.57 -9.66
C PHE C 298 -11.33 27.71 -8.26
N GLN C 299 -11.10 28.88 -7.64
N GLN C 299 -11.13 28.87 -7.62
CA GLN C 299 -11.57 29.18 -6.29
CA GLN C 299 -11.58 29.07 -6.26
C GLN C 299 -13.09 28.98 -6.20
C GLN C 299 -13.11 28.97 -6.19
N THR C 300 -13.76 29.17 -7.34
CA THR C 300 -15.21 29.22 -7.41
C THR C 300 -15.80 27.85 -7.69
N VAL C 301 -14.93 26.86 -7.96
CA VAL C 301 -15.33 25.48 -8.14
C VAL C 301 -16.03 25.01 -6.87
N SER C 302 -17.12 24.25 -7.04
CA SER C 302 -17.94 23.73 -5.95
C SER C 302 -17.06 23.13 -4.85
N PRO C 303 -17.34 23.41 -3.55
CA PRO C 303 -16.57 22.86 -2.44
C PRO C 303 -16.66 21.34 -2.31
N GLU C 304 -17.66 20.74 -2.98
CA GLU C 304 -17.86 19.30 -2.99
C GLU C 304 -16.69 18.63 -3.72
N VAL C 305 -16.05 19.37 -4.61
CA VAL C 305 -14.88 18.89 -5.34
C VAL C 305 -13.64 19.19 -4.49
N LYS C 306 -13.39 18.33 -3.51
CA LYS C 306 -12.45 18.63 -2.44
C LYS C 306 -11.09 17.99 -2.71
N ASN C 307 -11.12 16.70 -3.06
CA ASN C 307 -9.93 15.89 -3.27
C ASN C 307 -9.52 16.01 -4.73
N ILE C 308 -8.41 16.74 -4.98
N ILE C 308 -8.43 16.77 -4.97
CA ILE C 308 -8.04 17.05 -6.34
CA ILE C 308 -7.98 17.14 -6.31
C ILE C 308 -6.62 16.57 -6.58
C ILE C 308 -6.61 16.52 -6.53
N CYS C 309 -6.48 15.74 -7.62
CA CYS C 309 -5.17 15.23 -8.01
C CYS C 309 -4.66 16.02 -9.22
N ILE C 310 -3.51 16.64 -9.03
CA ILE C 310 -2.82 17.40 -10.07
C ILE C 310 -1.69 16.52 -10.61
N VAL C 311 -1.63 16.41 -11.96
CA VAL C 311 -0.55 15.64 -12.57
C VAL C 311 0.68 16.55 -12.70
N LEU C 312 1.74 16.26 -11.93
CA LEU C 312 3.02 16.94 -12.16
C LEU C 312 3.74 16.19 -13.27
N SER C 313 3.56 16.68 -14.51
CA SER C 313 3.77 15.91 -15.72
C SER C 313 5.24 15.67 -16.06
N GLY C 314 6.15 16.54 -15.57
CA GLY C 314 7.54 16.38 -15.96
C GLY C 314 8.48 17.18 -15.08
N GLY C 315 9.76 16.79 -15.09
CA GLY C 315 10.79 17.52 -14.37
C GLY C 315 12.02 17.80 -15.20
N ASN C 316 11.86 17.81 -16.53
CA ASN C 316 13.01 17.99 -17.40
C ASN C 316 13.25 19.48 -17.66
N VAL C 317 13.90 20.14 -16.70
CA VAL C 317 14.20 21.56 -16.82
C VAL C 317 15.72 21.73 -16.93
N ASP C 318 16.15 22.68 -17.76
CA ASP C 318 17.55 22.98 -17.97
C ASP C 318 18.07 23.78 -16.77
N LEU C 319 19.16 23.30 -16.17
CA LEU C 319 19.78 23.92 -15.02
C LEU C 319 21.27 24.15 -15.30
N GLN D 4 5.73 2.94 33.43
N GLN D 4 5.16 3.39 33.21
CA GLN D 4 4.64 3.02 34.45
CA GLN D 4 4.32 3.18 34.43
C GLN D 4 3.84 1.73 34.46
C GLN D 4 3.80 1.75 34.46
N TYR D 5 3.59 1.17 33.27
CA TYR D 5 2.96 -0.13 33.14
C TYR D 5 4.02 -1.20 32.90
N ASP D 6 3.57 -2.46 32.81
CA ASP D 6 4.48 -3.58 32.70
C ASP D 6 5.05 -3.66 31.28
N ILE D 7 4.41 -2.97 30.33
CA ILE D 7 5.06 -2.68 29.05
C ILE D 7 4.89 -1.20 28.74
N SER D 8 5.65 -0.74 27.74
CA SER D 8 5.41 0.56 27.12
C SER D 8 5.35 0.34 25.62
N PHE D 9 5.02 1.38 24.86
N PHE D 9 5.01 1.39 24.87
CA PHE D 9 4.94 1.24 23.42
CA PHE D 9 4.95 1.26 23.42
C PHE D 9 6.31 0.86 22.84
C PHE D 9 6.31 0.85 22.85
N ALA D 10 7.40 1.28 23.49
CA ALA D 10 8.74 0.88 23.03
C ALA D 10 8.85 -0.65 22.93
N ASP D 11 8.21 -1.37 23.86
CA ASP D 11 8.23 -2.83 23.82
C ASP D 11 7.46 -3.37 22.61
N VAL D 12 6.38 -2.69 22.21
CA VAL D 12 5.60 -3.10 21.05
C VAL D 12 6.40 -2.87 19.76
N GLU D 13 7.09 -1.72 19.67
N GLU D 13 7.10 -1.73 19.70
CA GLU D 13 7.92 -1.49 18.51
CA GLU D 13 7.94 -1.47 18.53
C GLU D 13 9.01 -2.57 18.42
C GLU D 13 9.02 -2.54 18.42
N LYS D 14 9.64 -2.89 19.56
CA LYS D 14 10.63 -3.95 19.59
C LYS D 14 10.02 -5.26 19.11
N ALA D 15 8.83 -5.59 19.61
CA ALA D 15 8.14 -6.81 19.22
C ALA D 15 7.90 -6.86 17.72
N HIS D 16 7.46 -5.73 17.13
CA HIS D 16 7.21 -5.61 15.70
C HIS D 16 8.46 -5.98 14.91
N ILE D 17 9.60 -5.37 15.27
CA ILE D 17 10.83 -5.71 14.55
C ILE D 17 11.17 -7.19 14.75
N ASN D 18 10.93 -7.70 15.95
N ASN D 18 10.93 -7.71 15.96
CA ASN D 18 11.28 -9.06 16.35
CA ASN D 18 11.28 -9.08 16.30
C ASN D 18 10.49 -10.12 15.56
C ASN D 18 10.51 -10.10 15.46
N ILE D 19 9.21 -9.87 15.27
CA ILE D 19 8.33 -10.93 14.77
C ILE D 19 7.93 -10.76 13.30
N ARG D 20 8.09 -9.55 12.76
CA ARG D 20 7.41 -9.22 11.51
C ARG D 20 7.81 -10.14 10.34
N ASP D 21 9.03 -10.68 10.37
N ASP D 21 9.03 -10.68 10.36
CA ASP D 21 9.51 -11.48 9.25
CA ASP D 21 9.48 -11.47 9.21
C ASP D 21 8.83 -12.85 9.22
C ASP D 21 8.94 -12.89 9.28
N SER D 22 8.18 -13.23 10.33
CA SER D 22 7.70 -14.61 10.51
C SER D 22 6.20 -14.72 10.67
N ILE D 23 5.49 -13.59 10.68
CA ILE D 23 4.04 -13.60 10.83
C ILE D 23 3.40 -12.99 9.58
N HIS D 24 2.10 -13.19 9.43
CA HIS D 24 1.33 -12.56 8.38
C HIS D 24 0.86 -11.18 8.80
N LEU D 25 1.03 -10.22 7.90
CA LEU D 25 0.35 -8.94 8.03
C LEU D 25 -1.06 -9.16 7.49
N THR D 26 -1.97 -9.46 8.42
CA THR D 26 -3.25 -10.00 8.01
C THR D 26 -4.11 -8.90 7.40
N PRO D 27 -5.01 -9.24 6.45
CA PRO D 27 -5.84 -8.23 5.81
C PRO D 27 -6.95 -7.69 6.70
N VAL D 28 -7.43 -6.52 6.30
CA VAL D 28 -8.65 -5.95 6.87
C VAL D 28 -9.73 -6.05 5.81
N LEU D 29 -10.81 -6.75 6.17
CA LEU D 29 -11.93 -6.97 5.26
C LEU D 29 -13.14 -6.20 5.75
N THR D 30 -14.10 -6.01 4.83
CA THR D 30 -15.33 -5.28 5.09
C THR D 30 -16.52 -6.14 4.67
N SER D 31 -17.70 -5.74 5.16
CA SER D 31 -18.98 -6.41 4.93
C SER D 31 -20.08 -5.36 4.85
N SER D 32 -20.72 -5.29 3.67
CA SER D 32 -21.84 -4.37 3.47
C SER D 32 -22.96 -4.66 4.47
N ILE D 33 -23.32 -5.93 4.67
CA ILE D 33 -24.44 -6.27 5.53
C ILE D 33 -24.14 -5.90 6.98
N LEU D 34 -22.91 -6.17 7.44
N LEU D 34 -22.91 -6.14 7.45
CA LEU D 34 -22.56 -5.82 8.81
CA LEU D 34 -22.66 -5.80 8.84
C LEU D 34 -22.64 -4.31 9.01
C LEU D 34 -22.63 -4.28 9.03
N ASN D 35 -22.22 -3.55 7.99
CA ASN D 35 -22.30 -2.09 8.04
C ASN D 35 -23.76 -1.66 8.19
N GLN D 36 -24.63 -2.27 7.37
N GLN D 36 -24.65 -2.28 7.41
CA GLN D 36 -26.05 -1.99 7.36
CA GLN D 36 -26.04 -1.89 7.41
C GLN D 36 -26.63 -2.24 8.75
C GLN D 36 -26.70 -2.27 8.74
N LEU D 37 -26.28 -3.39 9.33
CA LEU D 37 -26.86 -3.85 10.58
C LEU D 37 -26.46 -2.95 11.75
N THR D 38 -25.26 -2.35 11.69
CA THR D 38 -24.73 -1.64 12.85
C THR D 38 -24.90 -0.13 12.69
N GLY D 39 -25.04 0.34 11.45
CA GLY D 39 -25.04 1.77 11.18
C GLY D 39 -23.64 2.37 11.25
N ARG D 40 -22.62 1.50 11.28
CA ARG D 40 -21.23 1.94 11.38
C ARG D 40 -20.47 1.45 10.16
N ASN D 41 -19.28 2.01 9.93
N ASN D 41 -19.26 1.99 9.98
CA ASN D 41 -18.36 1.51 8.92
CA ASN D 41 -18.35 1.52 8.95
C ASN D 41 -17.38 0.56 9.61
C ASN D 41 -17.37 0.55 9.59
N LEU D 42 -17.58 -0.75 9.39
CA LEU D 42 -16.81 -1.77 10.09
C LEU D 42 -15.62 -2.22 9.25
N PHE D 43 -14.55 -2.57 9.97
CA PHE D 43 -13.32 -3.11 9.40
C PHE D 43 -12.93 -4.32 10.22
N PHE D 44 -12.62 -5.44 9.56
CA PHE D 44 -12.36 -6.69 10.27
C PHE D 44 -10.90 -7.08 10.12
N LYS D 45 -10.16 -6.98 11.22
CA LYS D 45 -8.76 -7.37 11.21
C LYS D 45 -8.69 -8.88 11.34
N CYS D 46 -8.20 -9.53 10.27
CA CYS D 46 -8.44 -10.97 10.11
C CYS D 46 -7.30 -11.77 10.72
N GLU D 47 -7.23 -11.78 12.05
CA GLU D 47 -6.24 -12.60 12.72
C GLU D 47 -6.60 -14.10 12.64
N LEU D 48 -7.81 -14.42 12.17
CA LEU D 48 -8.09 -15.83 11.90
C LEU D 48 -7.21 -16.37 10.77
N PHE D 49 -6.61 -15.48 9.95
CA PHE D 49 -5.74 -15.88 8.86
C PHE D 49 -4.28 -15.88 9.30
N GLN D 50 -4.04 -15.57 10.57
CA GLN D 50 -2.67 -15.50 11.09
C GLN D 50 -2.09 -16.92 11.13
N LYS D 51 -0.77 -17.02 11.07
N LYS D 51 -0.76 -17.02 11.08
CA LYS D 51 -0.09 -18.29 11.31
CA LYS D 51 -0.09 -18.30 11.30
C LYS D 51 -0.63 -18.89 12.60
C LYS D 51 -0.61 -18.90 12.60
N THR D 52 -0.95 -20.20 12.54
CA THR D 52 -1.47 -21.00 13.65
C THR D 52 -2.98 -20.84 13.84
N GLY D 53 -3.61 -19.88 13.13
CA GLY D 53 -5.04 -19.72 13.16
C GLY D 53 -5.54 -18.72 14.21
N SER D 54 -4.61 -18.07 14.92
CA SER D 54 -4.98 -17.02 15.86
C SER D 54 -3.85 -16.00 15.98
N PHE D 55 -4.14 -14.86 16.65
CA PHE D 55 -3.14 -13.82 16.82
C PHE D 55 -2.02 -14.24 17.79
N LYS D 56 -2.20 -15.34 18.52
CA LYS D 56 -1.32 -15.67 19.65
C LYS D 56 0.13 -15.95 19.21
N ILE D 57 0.35 -16.22 17.91
CA ILE D 57 1.73 -16.37 17.44
C ILE D 57 2.53 -15.08 17.66
N ARG D 58 1.86 -13.92 17.70
CA ARG D 58 2.58 -12.65 17.88
C ARG D 58 3.27 -12.62 19.24
N GLY D 59 2.48 -12.79 20.32
CA GLY D 59 3.07 -12.79 21.65
C GLY D 59 4.01 -13.98 21.86
N ALA D 60 3.65 -15.14 21.32
CA ALA D 60 4.41 -16.36 21.51
C ALA D 60 5.80 -16.21 20.89
N LEU D 61 5.85 -15.72 19.65
CA LEU D 61 7.14 -15.57 19.00
C LEU D 61 7.96 -14.48 19.68
N ASN D 62 7.30 -13.39 20.10
CA ASN D 62 8.03 -12.34 20.78
C ASN D 62 8.68 -12.86 22.07
N ALA D 63 8.02 -13.82 22.73
CA ALA D 63 8.49 -14.32 24.02
C ALA D 63 9.65 -15.29 23.81
N VAL D 64 9.63 -16.02 22.69
CA VAL D 64 10.62 -17.06 22.47
C VAL D 64 11.86 -16.47 21.83
N ARG D 65 11.67 -15.45 20.97
CA ARG D 65 12.75 -14.95 20.14
C ARG D 65 13.38 -13.72 20.80
N SER D 66 14.72 -13.69 20.77
CA SER D 66 15.50 -12.55 21.24
C SER D 66 15.77 -11.60 20.08
N LEU D 67 15.42 -10.33 20.29
N LEU D 67 15.39 -10.33 20.26
CA LEU D 67 15.60 -9.27 19.32
CA LEU D 67 15.54 -9.33 19.22
C LEU D 67 17.08 -9.06 19.03
C LEU D 67 17.02 -8.99 19.04
N VAL D 68 17.89 -8.95 20.09
N VAL D 68 17.77 -9.02 20.16
CA VAL D 68 19.32 -8.70 19.96
CA VAL D 68 19.19 -8.77 20.11
C VAL D 68 20.08 -9.88 20.58
C VAL D 68 19.93 -9.95 20.77
N ARG D 74 20.93 -15.50 28.15
CA ARG D 74 20.78 -16.92 27.73
C ARG D 74 19.44 -17.09 27.03
N LYS D 75 19.49 -17.57 25.78
CA LYS D 75 18.31 -17.81 24.97
C LYS D 75 17.59 -19.05 25.50
N PRO D 76 16.25 -19.14 25.35
CA PRO D 76 15.52 -20.33 25.79
C PRO D 76 15.94 -21.57 25.00
N LYS D 77 16.09 -22.67 25.73
CA LYS D 77 16.51 -23.96 25.18
C LYS D 77 15.29 -24.86 24.93
N ALA D 78 14.11 -24.42 25.35
CA ALA D 78 12.86 -25.16 25.14
C ALA D 78 11.70 -24.28 25.60
N VAL D 79 10.48 -24.63 25.16
CA VAL D 79 9.25 -24.04 25.64
C VAL D 79 8.37 -25.16 26.20
N VAL D 80 7.69 -24.87 27.31
CA VAL D 80 6.82 -25.85 27.94
C VAL D 80 5.49 -25.17 28.23
N THR D 81 4.38 -25.88 27.98
CA THR D 81 3.06 -25.28 28.09
C THR D 81 2.05 -26.32 28.58
N HIS D 82 0.99 -25.82 29.24
N HIS D 82 0.98 -25.81 29.23
CA HIS D 82 -0.18 -26.59 29.64
CA HIS D 82 -0.19 -26.58 29.64
C HIS D 82 -1.24 -26.59 28.54
C HIS D 82 -1.25 -26.59 28.54
N SER D 83 -1.11 -25.67 27.57
CA SER D 83 -2.18 -25.40 26.62
C SER D 83 -2.14 -26.36 25.43
N SER D 84 -3.29 -26.98 25.14
CA SER D 84 -3.47 -27.67 23.87
C SER D 84 -4.37 -26.83 22.96
N GLY D 85 -4.57 -25.55 23.33
CA GLY D 85 -5.38 -24.65 22.55
C GLY D 85 -4.53 -23.63 21.78
N ASN D 86 -5.10 -22.45 21.52
CA ASN D 86 -4.43 -21.48 20.65
C ASN D 86 -3.05 -21.10 21.17
N HIS D 87 -2.94 -20.93 22.48
CA HIS D 87 -1.67 -20.58 23.12
C HIS D 87 -0.62 -21.65 22.86
N GLY D 88 -0.95 -22.90 23.15
CA GLY D 88 0.03 -23.97 22.96
C GLY D 88 0.41 -24.17 21.50
N GLN D 89 -0.58 -24.02 20.60
N GLN D 89 -0.55 -24.00 20.60
CA GLN D 89 -0.35 -24.13 19.17
CA GLN D 89 -0.26 -24.16 19.18
C GLN D 89 0.64 -23.04 18.74
C GLN D 89 0.67 -23.04 18.72
N ALA D 90 0.42 -21.82 19.23
CA ALA D 90 1.25 -20.68 18.89
C ALA D 90 2.68 -20.89 19.41
N LEU D 91 2.79 -21.38 20.65
N LEU D 91 2.79 -21.33 20.68
CA LEU D 91 4.08 -21.56 21.30
CA LEU D 91 4.11 -21.55 21.27
C LEU D 91 4.88 -22.66 20.62
C LEU D 91 4.87 -22.61 20.48
N THR D 92 4.17 -23.70 20.14
CA THR D 92 4.81 -24.80 19.40
C THR D 92 5.37 -24.29 18.08
N TYR D 93 4.57 -23.52 17.32
CA TYR D 93 5.01 -22.96 16.05
C TYR D 93 6.22 -22.06 16.24
N ALA D 94 6.18 -21.20 17.26
CA ALA D 94 7.28 -20.30 17.57
C ALA D 94 8.54 -21.09 17.89
N ALA D 95 8.40 -22.14 18.72
CA ALA D 95 9.52 -22.98 19.11
C ALA D 95 10.13 -23.62 17.87
N LYS D 96 9.26 -24.13 16.97
CA LYS D 96 9.75 -24.73 15.73
C LYS D 96 10.54 -23.71 14.91
N LEU D 97 10.03 -22.48 14.79
CA LEU D 97 10.69 -21.45 14.04
C LEU D 97 12.11 -21.20 14.57
N GLU D 98 12.25 -21.27 15.90
CA GLU D 98 13.47 -20.91 16.59
C GLU D 98 14.39 -22.13 16.73
N GLY D 99 13.93 -23.28 16.22
CA GLY D 99 14.69 -24.53 16.32
C GLY D 99 14.87 -25.06 17.75
N ILE D 100 13.88 -24.84 18.64
CA ILE D 100 13.96 -25.34 20.00
C ILE D 100 12.76 -26.26 20.27
N PRO D 101 12.88 -27.25 21.17
CA PRO D 101 11.77 -28.18 21.41
C PRO D 101 10.60 -27.55 22.15
N ALA D 102 9.40 -28.05 21.83
CA ALA D 102 8.16 -27.62 22.44
C ALA D 102 7.57 -28.80 23.21
N TYR D 103 7.29 -28.62 24.50
CA TYR D 103 6.64 -29.64 25.31
C TYR D 103 5.26 -29.16 25.73
N ILE D 104 4.27 -30.04 25.51
CA ILE D 104 2.93 -29.85 26.00
C ILE D 104 2.70 -30.88 27.11
N VAL D 105 2.28 -30.38 28.27
CA VAL D 105 1.96 -31.20 29.41
C VAL D 105 0.45 -31.47 29.37
N VAL D 106 0.08 -32.74 29.19
CA VAL D 106 -1.32 -33.09 29.02
C VAL D 106 -1.72 -34.16 30.03
N PRO D 107 -2.89 -34.03 30.68
CA PRO D 107 -3.40 -35.06 31.59
C PRO D 107 -3.50 -36.40 30.86
N GLN D 108 -3.18 -37.49 31.58
N GLN D 108 -3.16 -37.48 31.58
CA GLN D 108 -3.36 -38.83 31.06
CA GLN D 108 -3.31 -38.84 31.07
C GLN D 108 -4.84 -39.06 30.75
C GLN D 108 -4.77 -39.07 30.73
N THR D 109 -5.70 -38.36 31.50
N THR D 109 -5.66 -38.35 31.44
CA THR D 109 -7.14 -38.54 31.42
CA THR D 109 -7.09 -38.53 31.34
C THR D 109 -7.73 -37.70 30.29
C THR D 109 -7.67 -37.59 30.28
N ALA D 110 -6.86 -36.95 29.60
N ALA D 110 -6.79 -36.98 29.49
CA ALA D 110 -7.33 -36.13 28.49
CA ALA D 110 -7.23 -36.06 28.45
C ALA D 110 -7.72 -37.03 27.32
C ALA D 110 -7.72 -36.85 27.24
N PRO D 111 -8.93 -36.85 26.73
N PRO D 111 -8.45 -36.20 26.29
CA PRO D 111 -9.39 -37.71 25.63
CA PRO D 111 -8.96 -36.88 25.11
C PRO D 111 -8.33 -37.85 24.55
C PRO D 111 -7.88 -37.73 24.44
N ASP D 112 -8.40 -38.97 23.80
N ASP D 112 -8.24 -38.37 23.32
CA ASP D 112 -7.43 -39.26 22.77
CA ASP D 112 -7.32 -39.20 22.57
C ASP D 112 -7.39 -38.11 21.76
C ASP D 112 -7.11 -38.59 21.19
N CYS D 113 -8.16 -38.28 20.69
N CYS D 113 -7.99 -37.66 20.82
CA CYS D 113 -8.26 -37.29 19.62
CA CYS D 113 -7.95 -36.99 19.53
C CYS D 113 -7.33 -36.11 19.89
C CYS D 113 -6.95 -35.84 19.59
N LYS D 114 -7.14 -35.79 21.18
N LYS D 114 -6.83 -35.23 20.76
CA LYS D 114 -6.43 -34.59 21.58
CA LYS D 114 -5.95 -34.09 20.96
C LYS D 114 -4.93 -34.78 21.43
C LYS D 114 -4.50 -34.57 20.94
N LYS D 115 -4.48 -36.05 21.52
N LYS D 115 -4.25 -35.71 21.59
CA LYS D 115 -3.07 -36.36 21.59
CA LYS D 115 -2.92 -36.30 21.67
C LYS D 115 -2.47 -36.43 20.20
C LYS D 115 -2.32 -36.42 20.28
N LEU D 116 -3.24 -36.94 19.24
N LEU D 116 -3.06 -37.10 19.39
CA LEU D 116 -2.74 -37.22 17.91
CA LEU D 116 -2.63 -37.28 18.02
C LEU D 116 -2.25 -35.94 17.23
C LEU D 116 -2.63 -35.92 17.31
N ALA D 117 -3.05 -34.87 17.36
N ALA D 117 -3.51 -35.03 17.79
CA ALA D 117 -2.82 -33.62 16.64
CA ALA D 117 -3.62 -33.68 17.26
C ALA D 117 -1.53 -32.97 17.12
C ALA D 117 -2.36 -32.90 17.61
N ILE D 118 -1.29 -33.03 18.44
N ILE D 118 -2.07 -32.80 18.90
CA ILE D 118 -0.24 -32.24 19.06
CA ILE D 118 -0.89 -32.12 19.39
C ILE D 118 1.13 -32.69 18.55
C ILE D 118 0.32 -32.67 18.65
N GLN D 119 1.28 -34.00 18.30
N GLN D 119 0.63 -33.94 18.89
CA GLN D 119 2.55 -34.55 17.88
CA GLN D 119 1.66 -34.63 18.13
C GLN D 119 2.78 -34.24 16.39
C GLN D 119 1.49 -34.26 16.66
N ALA D 120 1.71 -34.37 15.60
N ALA D 120 0.26 -33.87 16.31
CA ALA D 120 1.79 -34.12 14.18
CA ALA D 120 -0.09 -33.52 14.95
C ALA D 120 2.35 -32.73 13.94
C ALA D 120 0.48 -32.15 14.59
N TYR D 121 2.07 -31.81 14.86
N TYR D 121 0.53 -31.24 15.59
CA TYR D 121 2.46 -30.41 14.73
CA TYR D 121 1.05 -29.91 15.31
C TYR D 121 3.92 -30.23 15.15
C TYR D 121 2.50 -29.79 15.76
N GLY D 122 4.49 -31.28 15.76
N GLY D 122 3.04 -30.86 16.36
CA GLY D 122 5.91 -31.29 16.08
CA GLY D 122 4.47 -31.10 16.36
C GLY D 122 6.22 -31.14 17.56
C GLY D 122 5.16 -30.86 17.71
N ALA D 123 5.17 -30.99 18.39
N ALA D 123 4.38 -30.86 18.79
CA ALA D 123 5.37 -30.88 19.82
CA ALA D 123 4.97 -30.76 20.12
C ALA D 123 5.63 -32.26 20.42
C ALA D 123 5.16 -32.15 20.71
N SER D 124 6.27 -32.27 21.59
N SER D 124 6.21 -32.32 21.53
CA SER D 124 6.45 -33.50 22.35
CA SER D 124 6.39 -33.54 22.29
C SER D 124 5.42 -33.51 23.50
C SER D 124 5.46 -33.53 23.50
N ILE D 125 4.79 -34.67 23.71
CA ILE D 125 3.79 -34.80 24.77
C ILE D 125 4.48 -35.27 26.05
N VAL D 126 4.11 -34.65 27.16
N VAL D 126 4.12 -34.63 27.16
CA VAL D 126 4.55 -35.10 28.48
CA VAL D 126 4.53 -35.09 28.48
C VAL D 126 3.31 -35.33 29.34
C VAL D 126 3.26 -35.33 29.30
N TYR D 127 2.98 -36.61 29.56
CA TYR D 127 1.77 -36.98 30.29
C TYR D 127 1.93 -36.69 31.78
N CYS D 128 0.84 -36.21 32.40
N CYS D 128 0.84 -36.20 32.39
CA CYS D 128 0.77 -35.98 33.82
CA CYS D 128 0.74 -35.93 33.81
C CYS D 128 -0.56 -36.53 34.34
C CYS D 128 -0.61 -36.45 34.31
N GLU D 129 -0.84 -36.30 35.63
CA GLU D 129 -2.11 -36.68 36.23
C GLU D 129 -3.06 -35.49 36.14
N PRO D 130 -4.40 -35.70 36.16
CA PRO D 130 -5.36 -34.62 35.90
C PRO D 130 -5.38 -33.46 36.89
N SER D 131 -4.85 -33.68 38.10
CA SER D 131 -4.82 -32.64 39.12
C SER D 131 -3.99 -31.45 38.63
N ASP D 132 -4.41 -30.25 39.03
CA ASP D 132 -3.71 -29.01 38.72
C ASP D 132 -2.33 -29.05 39.38
N GLU D 133 -2.25 -29.64 40.57
CA GLU D 133 -1.00 -29.87 41.27
C GLU D 133 -0.03 -30.63 40.36
N SER D 134 -0.51 -31.73 39.77
CA SER D 134 0.31 -32.60 38.96
C SER D 134 0.75 -31.90 37.68
N ARG D 135 -0.21 -31.26 36.98
CA ARG D 135 0.10 -30.54 35.76
C ARG D 135 1.23 -29.53 36.02
N GLU D 136 1.06 -28.73 37.08
CA GLU D 136 1.97 -27.65 37.42
C GLU D 136 3.35 -28.22 37.76
N ASN D 137 3.37 -29.28 38.57
CA ASN D 137 4.60 -29.90 39.03
C ASN D 137 5.36 -30.47 37.84
N VAL D 138 4.64 -31.09 36.91
CA VAL D 138 5.29 -31.73 35.77
C VAL D 138 5.85 -30.64 34.85
N ALA D 139 5.09 -29.55 34.66
CA ALA D 139 5.52 -28.47 33.78
C ALA D 139 6.80 -27.85 34.32
N LYS D 140 6.81 -27.64 35.64
CA LYS D 140 7.95 -27.04 36.33
C LYS D 140 9.19 -27.90 36.14
N ARG D 141 9.03 -29.23 36.32
CA ARG D 141 10.14 -30.17 36.19
C ARG D 141 10.69 -30.13 34.76
N VAL D 142 9.79 -30.20 33.76
CA VAL D 142 10.19 -30.24 32.37
C VAL D 142 10.98 -28.96 32.06
N THR D 143 10.47 -27.82 32.54
CA THR D 143 11.11 -26.53 32.34
C THR D 143 12.53 -26.51 32.91
N GLU D 144 12.66 -26.98 34.16
CA GLU D 144 13.95 -26.97 34.84
C GLU D 144 14.91 -27.91 34.12
N GLU D 145 14.42 -29.10 33.76
CA GLU D 145 15.26 -30.14 33.19
C GLU D 145 15.74 -29.75 31.79
N THR D 146 14.90 -29.03 31.04
CA THR D 146 15.23 -28.70 29.65
C THR D 146 15.90 -27.33 29.56
N GLU D 147 16.04 -26.65 30.71
CA GLU D 147 16.55 -25.27 30.74
C GLU D 147 15.66 -24.41 29.85
N GLY D 148 14.36 -24.69 29.91
CA GLY D 148 13.40 -24.04 29.03
C GLY D 148 12.72 -22.88 29.74
N ILE D 149 11.66 -22.37 29.10
CA ILE D 149 10.87 -21.30 29.66
C ILE D 149 9.41 -21.72 29.59
N MET D 150 8.62 -21.24 30.55
CA MET D 150 7.19 -21.25 30.38
C MET D 150 6.77 -19.83 30.02
N VAL D 151 5.71 -19.73 29.22
CA VAL D 151 5.27 -18.43 28.73
C VAL D 151 3.80 -18.27 29.12
N HIS D 152 3.53 -17.33 30.02
CA HIS D 152 2.17 -17.10 30.46
C HIS D 152 1.35 -16.60 29.28
N PRO D 153 0.13 -17.14 29.04
CA PRO D 153 -0.65 -16.79 27.84
C PRO D 153 -1.15 -15.35 27.76
N ASN D 154 -1.11 -14.59 28.86
CA ASN D 154 -1.66 -13.24 28.80
C ASN D 154 -0.95 -12.24 29.71
N GLN D 155 -0.19 -12.71 30.72
CA GLN D 155 0.40 -11.79 31.69
C GLN D 155 1.89 -11.53 31.42
N GLU D 156 2.50 -12.37 30.57
CA GLU D 156 3.92 -12.23 30.30
C GLU D 156 4.15 -10.95 29.49
N PRO D 157 5.00 -10.00 29.98
CA PRO D 157 5.23 -8.74 29.25
C PRO D 157 5.56 -8.92 27.77
N ALA D 158 6.39 -9.91 27.43
CA ALA D 158 6.75 -10.11 26.03
C ALA D 158 5.53 -10.51 25.21
N VAL D 159 4.56 -11.18 25.85
CA VAL D 159 3.35 -11.62 25.17
C VAL D 159 2.44 -10.43 24.93
N ILE D 160 2.28 -9.59 25.97
CA ILE D 160 1.47 -8.39 25.85
C ILE D 160 2.03 -7.49 24.73
N ALA D 161 3.35 -7.30 24.72
CA ALA D 161 3.98 -6.46 23.71
C ALA D 161 3.76 -7.00 22.30
N GLY D 162 3.95 -8.32 22.12
CA GLY D 162 3.71 -8.94 20.83
C GLY D 162 2.26 -8.70 20.37
N GLN D 163 1.30 -8.86 21.28
CA GLN D 163 -0.08 -8.70 20.82
C GLN D 163 -0.36 -7.27 20.36
N GLY D 164 0.34 -6.29 20.97
CA GLY D 164 0.19 -4.89 20.62
C GLY D 164 0.41 -4.60 19.13
N THR D 165 1.22 -5.47 18.47
CA THR D 165 1.52 -5.30 17.07
C THR D 165 0.25 -5.34 16.19
N ILE D 166 -0.81 -5.97 16.69
CA ILE D 166 -2.06 -5.96 15.94
C ILE D 166 -2.48 -4.51 15.68
N ALA D 167 -2.38 -3.67 16.71
CA ALA D 167 -2.84 -2.30 16.61
C ALA D 167 -1.94 -1.47 15.70
N LEU D 168 -0.65 -1.83 15.66
N LEU D 168 -0.64 -1.78 15.68
CA LEU D 168 0.30 -1.12 14.81
CA LEU D 168 0.25 -1.09 14.75
C LEU D 168 -0.09 -1.28 13.34
C LEU D 168 -0.29 -1.24 13.34
N GLU D 169 -0.55 -2.49 12.96
CA GLU D 169 -1.00 -2.80 11.61
C GLU D 169 -2.34 -2.11 11.37
N VAL D 170 -3.28 -2.23 12.33
CA VAL D 170 -4.61 -1.66 12.14
C VAL D 170 -4.52 -0.16 11.88
N LEU D 171 -3.67 0.54 12.63
CA LEU D 171 -3.58 1.99 12.46
C LEU D 171 -3.02 2.38 11.08
N ASN D 172 -2.19 1.53 10.50
CA ASN D 172 -1.66 1.73 9.16
C ASN D 172 -2.72 1.39 8.10
N GLN D 173 -3.49 0.33 8.35
CA GLN D 173 -4.37 -0.23 7.34
C GLN D 173 -5.68 0.54 7.29
N VAL D 174 -6.08 1.11 8.44
CA VAL D 174 -7.31 1.87 8.52
C VAL D 174 -6.97 3.24 9.10
N PRO D 175 -6.31 4.13 8.34
CA PRO D 175 -5.81 5.39 8.90
C PRO D 175 -6.85 6.27 9.60
N LEU D 176 -8.13 6.16 9.19
CA LEU D 176 -9.17 6.99 9.78
C LEU D 176 -10.01 6.21 10.79
N VAL D 177 -9.46 5.11 11.32
CA VAL D 177 -10.14 4.33 12.35
C VAL D 177 -10.51 5.23 13.54
N ASP D 178 -11.71 5.02 14.08
CA ASP D 178 -12.20 5.76 15.25
C ASP D 178 -12.18 4.91 16.52
N ALA D 179 -12.21 3.58 16.38
CA ALA D 179 -12.25 2.69 17.54
C ALA D 179 -11.75 1.30 17.14
N LEU D 180 -11.16 0.60 18.10
CA LEU D 180 -10.88 -0.82 17.95
C LEU D 180 -11.73 -1.56 18.98
N VAL D 181 -12.25 -2.72 18.56
CA VAL D 181 -13.05 -3.57 19.42
C VAL D 181 -12.33 -4.91 19.55
N VAL D 182 -12.06 -5.31 20.80
CA VAL D 182 -11.12 -6.39 21.07
C VAL D 182 -11.76 -7.34 22.07
N PRO D 183 -11.87 -8.64 21.75
CA PRO D 183 -12.34 -9.61 22.74
C PRO D 183 -11.34 -9.68 23.87
N VAL D 184 -11.83 -9.84 25.11
CA VAL D 184 -10.96 -9.87 26.28
C VAL D 184 -11.16 -11.17 27.07
N GLY D 185 -10.03 -11.85 27.31
CA GLY D 185 -9.98 -12.93 28.27
C GLY D 185 -8.97 -12.55 29.35
N GLY D 186 -7.74 -12.98 29.18
CA GLY D 186 -6.70 -12.56 30.10
C GLY D 186 -6.27 -11.13 29.90
N GLY D 187 -6.57 -10.56 28.71
CA GLY D 187 -6.33 -9.15 28.43
C GLY D 187 -4.92 -8.87 27.94
N GLY D 188 -4.19 -9.90 27.52
CA GLY D 188 -2.90 -9.66 26.87
C GLY D 188 -3.07 -8.87 25.56
N MET D 189 -4.03 -9.32 24.75
CA MET D 189 -4.32 -8.64 23.49
C MET D 189 -4.90 -7.25 23.76
N LEU D 190 -5.88 -7.16 24.65
CA LEU D 190 -6.51 -5.86 24.91
C LEU D 190 -5.48 -4.85 25.43
N ALA D 191 -4.63 -5.28 26.36
CA ALA D 191 -3.66 -4.40 27.00
C ALA D 191 -2.59 -3.97 25.98
N GLY D 192 -2.09 -4.92 25.18
CA GLY D 192 -1.07 -4.55 24.20
C GLY D 192 -1.63 -3.56 23.18
N ILE D 193 -2.88 -3.81 22.77
CA ILE D 193 -3.55 -2.91 21.84
C ILE D 193 -3.77 -1.54 22.48
N ALA D 194 -4.19 -1.52 23.75
CA ALA D 194 -4.46 -0.25 24.40
C ALA D 194 -3.18 0.60 24.50
N ILE D 195 -2.08 -0.04 24.91
CA ILE D 195 -0.80 0.67 25.02
C ILE D 195 -0.46 1.30 23.66
N THR D 196 -0.64 0.54 22.60
CA THR D 196 -0.24 0.97 21.26
C THR D 196 -1.12 2.14 20.80
N VAL D 197 -2.44 1.96 20.90
CA VAL D 197 -3.35 2.97 20.40
C VAL D 197 -3.20 4.27 21.19
N LYS D 198 -3.07 4.16 22.52
CA LYS D 198 -3.05 5.35 23.36
C LYS D 198 -1.71 6.08 23.19
N ALA D 199 -0.66 5.35 22.80
CA ALA D 199 0.62 5.96 22.48
C ALA D 199 0.55 6.71 21.15
N LEU D 200 -0.01 6.07 20.11
CA LEU D 200 0.13 6.55 18.73
C LEU D 200 -1.00 7.49 18.30
N LYS D 201 -2.21 7.24 18.79
CA LYS D 201 -3.36 8.05 18.39
C LYS D 201 -4.45 7.95 19.47
N PRO D 202 -4.24 8.62 20.64
CA PRO D 202 -5.15 8.46 21.77
C PRO D 202 -6.61 8.90 21.53
N SER D 203 -6.86 9.63 20.44
CA SER D 203 -8.23 9.98 20.11
C SER D 203 -9.03 8.76 19.64
N VAL D 204 -8.33 7.69 19.26
CA VAL D 204 -8.97 6.43 18.88
C VAL D 204 -9.42 5.69 20.14
N LYS D 205 -10.68 5.24 20.13
CA LYS D 205 -11.24 4.55 21.28
C LYS D 205 -10.76 3.11 21.30
N VAL D 206 -10.61 2.57 22.51
CA VAL D 206 -10.32 1.15 22.65
C VAL D 206 -11.43 0.51 23.47
N TYR D 207 -12.14 -0.43 22.86
CA TYR D 207 -13.29 -1.06 23.49
C TYR D 207 -13.01 -2.54 23.63
N ALA D 208 -13.37 -3.09 24.80
CA ALA D 208 -13.29 -4.52 25.05
C ALA D 208 -14.67 -5.13 24.85
N ALA D 209 -14.68 -6.40 24.42
CA ALA D 209 -15.90 -7.19 24.27
C ALA D 209 -15.73 -8.46 25.07
N GLU D 210 -16.74 -8.82 25.86
CA GLU D 210 -16.57 -9.89 26.81
C GLU D 210 -17.88 -10.66 26.97
N PRO D 211 -17.86 -11.99 27.18
CA PRO D 211 -19.09 -12.70 27.48
C PRO D 211 -19.61 -12.27 28.85
N SER D 212 -20.93 -12.06 28.93
CA SER D 212 -21.54 -11.72 30.20
C SER D 212 -21.44 -12.88 31.19
N ASN D 213 -21.29 -14.11 30.69
CA ASN D 213 -21.07 -15.32 31.48
C ASN D 213 -19.67 -15.37 32.08
N ALA D 214 -18.78 -14.47 31.63
CA ALA D 214 -17.42 -14.47 32.13
C ALA D 214 -16.94 -13.03 32.28
N ASP D 215 -17.68 -12.24 33.08
CA ASP D 215 -17.62 -10.80 32.95
C ASP D 215 -16.66 -10.13 33.94
N ASP D 216 -15.54 -10.79 34.29
CA ASP D 216 -14.58 -10.22 35.24
C ASP D 216 -14.00 -8.90 34.75
N CYS D 217 -13.76 -8.74 33.44
CA CYS D 217 -13.13 -7.50 33.02
C CYS D 217 -14.10 -6.34 33.23
N TYR D 218 -15.36 -6.56 32.83
CA TYR D 218 -16.43 -5.61 33.10
C TYR D 218 -16.53 -5.30 34.59
N GLN D 219 -16.57 -6.34 35.43
CA GLN D 219 -16.77 -6.13 36.87
C GLN D 219 -15.59 -5.37 37.46
N SER D 220 -14.39 -5.66 36.97
CA SER D 220 -13.19 -5.01 37.46
C SER D 220 -13.22 -3.51 37.11
N LYS D 221 -13.61 -3.19 35.86
CA LYS D 221 -13.68 -1.80 35.44
C LYS D 221 -14.77 -1.07 36.22
N LEU D 222 -15.86 -1.77 36.51
CA LEU D 222 -16.98 -1.17 37.24
C LEU D 222 -16.53 -0.82 38.66
N LYS D 223 -15.85 -1.77 39.30
CA LYS D 223 -15.51 -1.63 40.72
C LYS D 223 -14.25 -0.80 40.92
N GLY D 224 -13.35 -0.80 39.93
CA GLY D 224 -12.11 -0.04 40.03
C GLY D 224 -10.98 -0.83 40.67
N LYS D 225 -11.16 -2.16 40.73
CA LYS D 225 -10.13 -3.04 41.25
C LYS D 225 -10.23 -4.39 40.52
N LEU D 226 -9.14 -5.15 40.56
CA LEU D 226 -9.10 -6.45 39.89
C LEU D 226 -10.02 -7.44 40.61
N MET D 227 -11.03 -7.93 39.89
N MET D 227 -11.05 -7.90 39.89
CA MET D 227 -12.00 -8.86 40.42
CA MET D 227 -12.02 -8.85 40.42
C MET D 227 -12.10 -10.07 39.48
C MET D 227 -12.09 -10.06 39.48
N PRO D 228 -11.23 -11.09 39.64
CA PRO D 228 -11.28 -12.28 38.79
C PRO D 228 -12.60 -13.03 38.94
N ASN D 229 -12.92 -13.83 37.93
CA ASN D 229 -14.07 -14.73 38.03
C ASN D 229 -13.90 -15.60 39.27
N LEU D 230 -14.97 -15.70 40.06
CA LEU D 230 -14.98 -16.50 41.28
C LEU D 230 -14.87 -17.98 40.91
N TYR D 231 -15.55 -18.39 39.84
CA TYR D 231 -15.52 -19.78 39.38
C TYR D 231 -15.14 -19.83 37.91
N PRO D 232 -14.54 -20.96 37.44
CA PRO D 232 -14.28 -21.14 36.01
C PRO D 232 -15.59 -20.92 35.24
N PRO D 233 -15.61 -19.95 34.29
CA PRO D 233 -16.85 -19.57 33.61
C PRO D 233 -17.30 -20.58 32.56
N GLU D 234 -18.61 -20.61 32.33
CA GLU D 234 -19.23 -21.43 31.30
C GLU D 234 -19.58 -20.53 30.14
N THR D 235 -18.92 -20.74 28.99
CA THR D 235 -19.16 -19.91 27.83
C THR D 235 -18.68 -20.66 26.59
N ILE D 236 -19.39 -20.44 25.47
CA ILE D 236 -19.01 -20.95 24.17
C ILE D 236 -17.74 -20.25 23.66
N ALA D 237 -17.41 -19.12 24.28
CA ALA D 237 -16.23 -18.36 23.90
C ALA D 237 -15.03 -18.88 24.67
N ASP D 238 -14.55 -20.08 24.27
CA ASP D 238 -13.63 -20.90 25.04
C ASP D 238 -12.27 -20.23 25.18
N GLY D 239 -11.98 -19.26 24.30
CA GLY D 239 -10.68 -18.61 24.29
C GLY D 239 -10.60 -17.43 25.25
N VAL D 240 -11.72 -17.06 25.88
CA VAL D 240 -11.71 -15.92 26.80
C VAL D 240 -12.22 -16.37 28.19
N LYS D 241 -11.80 -17.58 28.60
CA LYS D 241 -12.21 -18.08 29.90
C LYS D 241 -11.26 -17.61 31.01
N SER D 242 -10.06 -17.14 30.64
CA SER D 242 -9.10 -16.60 31.59
C SER D 242 -9.64 -15.30 32.17
N SER D 243 -9.32 -15.07 33.45
CA SER D 243 -9.55 -13.78 34.09
C SER D 243 -8.42 -12.82 33.69
N ILE D 244 -8.70 -11.51 33.75
CA ILE D 244 -7.62 -10.55 33.62
C ILE D 244 -6.70 -10.70 34.84
N GLY D 245 -5.49 -10.15 34.73
CA GLY D 245 -4.44 -10.42 35.72
C GLY D 245 -3.66 -9.17 36.14
N LEU D 246 -2.59 -9.40 36.91
CA LEU D 246 -1.95 -8.31 37.62
C LEU D 246 -1.23 -7.35 36.68
N ASN D 247 -0.78 -7.85 35.52
CA ASN D 247 -0.07 -7.02 34.57
C ASN D 247 -1.04 -6.36 33.58
N THR D 248 -2.11 -7.06 33.20
CA THR D 248 -3.02 -6.48 32.22
C THR D 248 -4.02 -5.52 32.86
N TRP D 249 -4.38 -5.72 34.14
CA TRP D 249 -5.43 -4.91 34.76
C TRP D 249 -5.09 -3.41 34.78
N PRO D 250 -3.91 -2.96 35.25
CA PRO D 250 -3.62 -1.52 35.33
C PRO D 250 -3.76 -0.82 33.97
N ILE D 251 -3.34 -1.51 32.91
CA ILE D 251 -3.41 -0.98 31.55
C ILE D 251 -4.87 -0.84 31.15
N ILE D 252 -5.67 -1.90 31.40
CA ILE D 252 -7.08 -1.90 31.05
C ILE D 252 -7.81 -0.85 31.87
N ARG D 253 -7.49 -0.76 33.16
CA ARG D 253 -8.08 0.23 34.03
C ARG D 253 -7.91 1.64 33.45
N ASP D 254 -6.69 1.94 32.98
CA ASP D 254 -6.34 3.31 32.66
C ASP D 254 -6.54 3.65 31.18
N LEU D 255 -6.41 2.66 30.28
CA LEU D 255 -6.28 2.98 28.87
C LEU D 255 -7.42 2.43 28.01
N VAL D 256 -8.31 1.62 28.60
CA VAL D 256 -9.44 1.09 27.84
C VAL D 256 -10.68 1.94 28.12
N ASP D 257 -11.36 2.34 27.04
CA ASP D 257 -12.44 3.32 27.15
C ASP D 257 -13.73 2.71 27.71
N ASP D 258 -14.06 1.47 27.30
CA ASP D 258 -15.31 0.86 27.75
C ASP D 258 -15.25 -0.64 27.53
N ILE D 259 -16.11 -1.37 28.26
CA ILE D 259 -16.25 -2.82 28.15
C ILE D 259 -17.70 -3.12 27.79
N PHE D 260 -17.92 -3.93 26.75
CA PHE D 260 -19.26 -4.32 26.33
C PHE D 260 -19.43 -5.81 26.57
N THR D 261 -20.46 -6.19 27.33
CA THR D 261 -20.72 -7.59 27.59
C THR D 261 -21.81 -8.09 26.65
N VAL D 262 -21.72 -9.39 26.32
CA VAL D 262 -22.64 -9.99 25.35
C VAL D 262 -23.07 -11.37 25.84
N THR D 263 -24.34 -11.71 25.59
CA THR D 263 -24.87 -12.97 26.06
C THR D 263 -24.38 -14.12 25.17
N GLU D 264 -24.54 -15.34 25.67
CA GLU D 264 -24.23 -16.55 24.92
C GLU D 264 -24.96 -16.56 23.57
N ASP D 265 -26.24 -16.18 23.56
N ASP D 265 -26.24 -16.19 23.61
CA ASP D 265 -27.01 -16.17 22.33
CA ASP D 265 -27.13 -16.06 22.46
C ASP D 265 -26.46 -15.11 21.37
C ASP D 265 -26.50 -15.13 21.43
N GLU D 266 -26.06 -13.95 21.91
CA GLU D 266 -25.50 -12.91 21.06
C GLU D 266 -24.22 -13.41 20.41
N ILE D 267 -23.38 -14.12 21.19
CA ILE D 267 -22.11 -14.64 20.66
C ILE D 267 -22.41 -15.63 19.54
N LYS D 268 -23.35 -16.56 19.79
CA LYS D 268 -23.71 -17.58 18.82
C LYS D 268 -24.27 -16.97 17.54
N CYS D 269 -25.17 -15.98 17.68
N CYS D 269 -25.18 -15.99 17.70
CA CYS D 269 -25.80 -15.38 16.52
CA CYS D 269 -25.84 -15.33 16.59
C CYS D 269 -24.78 -14.58 15.71
C CYS D 269 -24.80 -14.59 15.74
N ALA D 270 -23.87 -13.90 16.40
CA ALA D 270 -22.87 -13.09 15.70
C ALA D 270 -21.89 -14.02 14.97
N THR D 271 -21.56 -15.16 15.60
CA THR D 271 -20.64 -16.09 14.98
C THR D 271 -21.28 -16.65 13.70
N GLN D 272 -22.55 -17.03 13.80
CA GLN D 272 -23.25 -17.58 12.65
C GLN D 272 -23.36 -16.54 11.53
N LEU D 273 -23.59 -15.27 11.91
CA LEU D 273 -23.69 -14.18 10.95
C LEU D 273 -22.40 -14.03 10.16
N VAL D 274 -21.26 -14.08 10.85
CA VAL D 274 -19.98 -13.97 10.16
C VAL D 274 -19.78 -15.17 9.23
N TRP D 275 -20.07 -16.38 9.72
CA TRP D 275 -19.92 -17.55 8.86
C TRP D 275 -20.75 -17.40 7.59
N GLU D 276 -22.03 -17.04 7.75
CA GLU D 276 -22.97 -17.11 6.65
C GLU D 276 -22.82 -15.92 5.71
N ARG D 277 -22.57 -14.73 6.27
CA ARG D 277 -22.63 -13.52 5.49
C ARG D 277 -21.24 -13.05 5.06
N MET D 278 -20.19 -13.40 5.82
CA MET D 278 -18.84 -12.99 5.46
C MET D 278 -18.02 -14.16 4.92
N LYS D 279 -18.50 -15.39 5.14
CA LYS D 279 -17.83 -16.60 4.70
C LYS D 279 -16.46 -16.76 5.39
N LEU D 280 -16.35 -16.30 6.64
CA LEU D 280 -15.13 -16.40 7.42
C LEU D 280 -15.37 -17.37 8.57
N LEU D 281 -14.51 -18.40 8.65
N LEU D 281 -14.53 -18.40 8.68
CA LEU D 281 -14.65 -19.41 9.69
CA LEU D 281 -14.79 -19.40 9.70
C LEU D 281 -13.97 -18.92 10.97
C LEU D 281 -14.09 -19.01 11.00
N ILE D 282 -14.62 -17.96 11.63
CA ILE D 282 -14.17 -17.49 12.94
C ILE D 282 -14.57 -18.51 14.01
N GLU D 283 -13.75 -18.64 15.05
CA GLU D 283 -14.17 -19.41 16.21
C GLU D 283 -15.12 -18.52 17.02
N PRO D 284 -16.01 -19.10 17.86
CA PRO D 284 -16.98 -18.29 18.60
C PRO D 284 -16.36 -17.19 19.48
N THR D 285 -15.14 -17.41 19.95
CA THR D 285 -14.48 -16.40 20.77
C THR D 285 -14.31 -15.13 19.93
N ALA D 286 -14.01 -15.30 18.64
CA ALA D 286 -13.83 -14.16 17.75
C ALA D 286 -15.17 -13.51 17.42
N GLY D 287 -16.27 -14.23 17.65
CA GLY D 287 -17.59 -13.64 17.46
C GLY D 287 -17.96 -12.66 18.58
N VAL D 288 -17.26 -12.71 19.71
CA VAL D 288 -17.56 -11.86 20.86
C VAL D 288 -17.49 -10.39 20.46
N GLY D 289 -16.44 -9.98 19.74
CA GLY D 289 -16.32 -8.57 19.34
C GLY D 289 -17.39 -8.12 18.36
N VAL D 290 -17.82 -9.03 17.48
CA VAL D 290 -18.89 -8.75 16.52
C VAL D 290 -20.22 -8.60 17.27
N ALA D 291 -20.49 -9.52 18.20
CA ALA D 291 -21.68 -9.40 19.04
C ALA D 291 -21.69 -8.05 19.77
N ALA D 292 -20.53 -7.58 20.24
CA ALA D 292 -20.52 -6.33 21.00
C ALA D 292 -20.98 -5.16 20.14
N VAL D 293 -20.52 -5.10 18.88
CA VAL D 293 -20.86 -3.98 18.02
C VAL D 293 -22.34 -4.04 17.63
N LEU D 294 -22.89 -5.26 17.58
CA LEU D 294 -24.30 -5.46 17.26
C LEU D 294 -25.20 -5.23 18.47
N SER D 295 -24.62 -5.17 19.68
CA SER D 295 -25.41 -5.22 20.91
C SER D 295 -26.14 -3.90 21.13
N GLN D 296 -27.19 -3.95 21.96
N GLN D 296 -27.19 -3.97 21.96
CA GLN D 296 -28.00 -2.79 22.28
CA GLN D 296 -28.02 -2.82 22.32
C GLN D 296 -27.14 -1.70 22.90
C GLN D 296 -27.16 -1.71 22.90
N HIS D 297 -26.25 -2.08 23.82
CA HIS D 297 -25.49 -1.09 24.56
C HIS D 297 -24.50 -0.33 23.66
N PHE D 298 -24.08 -0.96 22.56
CA PHE D 298 -23.14 -0.29 21.66
C PHE D 298 -23.79 0.92 20.99
N GLN D 299 -25.12 1.00 21.03
CA GLN D 299 -25.83 2.13 20.44
C GLN D 299 -25.57 3.43 21.20
N THR D 300 -25.05 3.32 22.43
CA THR D 300 -24.75 4.47 23.26
C THR D 300 -23.44 5.13 22.83
N VAL D 301 -22.67 4.46 21.96
CA VAL D 301 -21.40 5.00 21.49
C VAL D 301 -21.69 6.18 20.55
N SER D 302 -20.96 7.28 20.77
CA SER D 302 -21.11 8.51 20.01
C SER D 302 -21.19 8.24 18.50
N PRO D 303 -22.06 8.96 17.76
CA PRO D 303 -22.13 8.81 16.30
C PRO D 303 -20.84 9.24 15.60
N GLU D 304 -19.98 9.97 16.34
CA GLU D 304 -18.70 10.41 15.79
C GLU D 304 -17.73 9.24 15.68
N VAL D 305 -18.06 8.13 16.37
CA VAL D 305 -17.26 6.91 16.32
C VAL D 305 -17.80 6.03 15.20
N LYS D 306 -17.33 6.28 13.98
CA LYS D 306 -17.95 5.74 12.77
C LYS D 306 -17.15 4.54 12.26
N ASN D 307 -15.83 4.70 12.18
CA ASN D 307 -14.96 3.71 11.57
C ASN D 307 -14.45 2.79 12.68
N ILE D 308 -14.96 1.56 12.72
CA ILE D 308 -14.68 0.67 13.84
C ILE D 308 -14.00 -0.59 13.34
N CYS D 309 -12.82 -0.88 13.89
CA CYS D 309 -12.09 -2.07 13.52
C CYS D 309 -12.29 -3.13 14.61
N ILE D 310 -12.86 -4.27 14.21
CA ILE D 310 -13.07 -5.40 15.12
C ILE D 310 -11.97 -6.42 14.84
N VAL D 311 -11.35 -6.93 15.91
CA VAL D 311 -10.32 -7.96 15.78
C VAL D 311 -11.01 -9.33 15.72
N LEU D 312 -10.95 -9.98 14.54
CA LEU D 312 -11.40 -11.35 14.42
C LEU D 312 -10.22 -12.23 14.84
N SER D 313 -10.23 -12.61 16.12
CA SER D 313 -8.99 -13.02 16.79
C SER D 313 -8.54 -14.42 16.42
N GLY D 314 -9.44 -15.28 15.91
CA GLY D 314 -9.03 -16.67 15.68
C GLY D 314 -10.01 -17.44 14.81
N GLY D 315 -9.53 -18.52 14.22
CA GLY D 315 -10.37 -19.38 13.40
C GLY D 315 -10.25 -20.84 13.75
N ASN D 316 -9.77 -21.15 14.96
CA ASN D 316 -9.51 -22.54 15.32
C ASN D 316 -10.76 -23.17 15.93
N VAL D 317 -11.70 -23.52 15.04
CA VAL D 317 -12.94 -24.16 15.45
C VAL D 317 -12.90 -25.61 14.97
N ASP D 318 -13.47 -26.52 15.78
CA ASP D 318 -13.55 -27.93 15.44
C ASP D 318 -14.93 -28.24 14.84
N1 PLP E . 21.69 17.81 7.04
N1 PLP E . 21.72 17.90 7.10
C2 PLP E . 20.93 18.88 7.23
C2 PLP E . 20.88 18.91 7.30
C2A PLP E . 20.10 19.38 6.10
C2A PLP E . 20.03 19.37 6.16
C3 PLP E . 20.90 19.51 8.48
C3 PLP E . 20.78 19.51 8.55
O3 PLP E . 20.10 20.59 8.61
O3 PLP E . 19.91 20.53 8.70
C4 PLP E . 21.68 19.01 9.53
C4 PLP E . 21.60 19.07 9.62
C4A PLP E . 21.60 19.69 10.82
C4A PLP E . 21.47 19.69 10.93
C5 PLP E . 22.47 17.88 9.30
C5 PLP E . 22.47 18.00 9.36
C6 PLP E . 22.45 17.33 8.05
C6 PLP E . 22.50 17.47 8.10
C5A PLP E . 23.40 17.29 10.33
C5A PLP E . 23.43 17.46 10.39
O4P PLP E . 22.78 17.08 11.64
O4P PLP E . 22.80 17.01 11.63
P PLP E . 23.73 16.97 12.93
P PLP E . 23.71 16.96 12.94
O1P PLP E . 24.25 18.37 13.20
O1P PLP E . 24.23 18.37 13.16
O2P PLP E . 24.84 16.00 12.55
O2P PLP E . 24.83 15.97 12.61
O3P PLP E . 22.84 16.44 14.02
O3P PLP E . 22.80 16.46 14.03
C1 EDO F . 23.07 20.76 25.63
O1 EDO F . 24.27 21.40 25.23
C2 EDO F . 23.31 19.62 26.55
O2 EDO F . 24.71 19.48 26.80
NA NA G . 20.02 -8.77 4.40
CA CA H . 32.47 17.18 10.54
NA NA I . 27.13 13.63 28.55
C1 EDO J . 13.26 -3.31 0.49
C1 EDO J . 12.04 -3.37 -0.17
O1 EDO J . 14.59 -3.35 0.98
O1 EDO J . 10.70 -3.21 0.25
C2 EDO J . 12.27 -2.93 1.52
C2 EDO J . 13.01 -3.25 0.94
O2 EDO J . 12.36 -3.71 2.69
O2 EDO J . 12.43 -3.42 2.22
C1 EDO K . 17.33 23.34 28.28
O1 EDO K . 18.61 22.74 28.19
C2 EDO K . 17.32 24.45 29.24
O2 EDO K . 17.60 25.70 28.67
C1 EDO L . 39.39 21.82 10.18
O1 EDO L . 40.06 22.59 11.16
C2 EDO L . 38.49 22.63 9.34
O2 EDO L . 38.91 23.97 9.19
C1 EDO M . 13.84 2.17 -8.79
O1 EDO M . 14.66 1.14 -8.27
C2 EDO M . 12.44 1.75 -9.00
O2 EDO M . 11.93 0.94 -7.96
C1 GOL N . 34.94 24.01 16.06
O1 GOL N . 34.92 24.02 17.48
C2 GOL N . 35.07 25.40 15.48
O2 GOL N . 36.43 25.83 15.54
C3 GOL N . 34.56 25.50 14.06
O3 GOL N . 33.16 25.75 14.01
NA NA O . 16.59 27.37 32.99
C1 U78 P . 19.36 31.75 5.10
C2 U78 P . 18.45 32.19 6.22
O1 U78 P . 17.78 33.21 6.14
N1 U78 P . 18.42 31.39 7.28
C3 U78 P . 17.63 31.69 8.48
C4 U78 P . 16.83 30.50 8.96
C5 U78 P . 16.02 30.80 10.20
C6 U78 P . 16.62 30.68 11.45
C7 U78 P . 15.92 30.95 12.61
C8 U78 P . 14.60 31.33 12.54
C9 U78 P . 13.98 31.44 11.31
C10 U78 P . 14.67 31.19 10.13
C11 U78 P . 13.93 31.32 8.81
C1 GOL Q . 37.81 6.94 5.40
O1 GOL Q . 38.55 6.39 4.31
C2 GOL Q . 37.33 8.33 5.05
O2 GOL Q . 38.43 9.23 5.16
C3 GOL Q . 36.75 8.42 3.66
O3 GOL Q . 35.88 7.35 3.35
NA NA R . 7.58 3.54 14.90
NA NA R . 7.55 3.55 15.31
N1 PLP S . -18.45 -22.11 -9.29
C2 PLP S . -19.55 -21.60 -8.76
C2A PLP S . -19.59 -21.35 -7.29
C3 PLP S . -20.65 -21.31 -9.57
O3 PLP S . -21.75 -20.80 -8.97
C4 PLP S . -20.60 -21.55 -10.96
C4A PLP S . -21.76 -21.22 -11.79
C5 PLP S . -19.41 -22.09 -11.48
C6 PLP S . -18.38 -22.35 -10.62
C5A PLP S . -19.22 -22.45 -12.93
O4P PLP S . -19.56 -21.37 -13.84
P PLP S . -19.87 -21.76 -15.37
O1P PLP S . -19.86 -20.43 -16.09
O2P PLP S . -18.75 -22.69 -15.79
O3P PLP S . -21.24 -22.42 -15.38
C1 EDO T . -17.84 -1.38 -4.29
O1 EDO T . -17.96 -0.71 -5.53
C2 EDO T . -19.14 -1.55 -3.61
O2 EDO T . -20.19 -1.90 -4.48
CA CA U . -18.31 -30.59 -16.80
NA NA V . -22.62 -18.65 -30.99
NA NA W . -4.12 -13.92 4.40
C1 U78 X . -30.50 -24.03 -1.63
C2 U78 X . -31.34 -22.84 -1.98
O1 U78 X . -32.24 -22.45 -1.23
N1 U78 X . -31.03 -22.20 -3.12
C3 U78 X . -31.81 -21.08 -3.62
C4 U78 X . -30.95 -19.97 -4.20
C5 U78 X . -31.77 -18.86 -4.82
C6 U78 X . -32.11 -18.93 -6.17
C7 U78 X . -32.84 -17.93 -6.79
C8 U78 X . -33.25 -16.84 -6.05
C9 U78 X . -32.91 -16.75 -4.71
C10 U78 X . -32.18 -17.74 -4.08
C11 U78 X . -31.85 -17.58 -2.61
MG MG Y . -9.62 -3.30 -16.63
N1 PLP Z . 3.61 18.20 -19.56
C2 PLP Z . 4.79 17.71 -19.94
C2A PLP Z . 5.94 17.77 -18.98
C3 PLP Z . 4.94 17.15 -21.22
O3 PLP Z . 6.15 16.67 -21.57
C4 PLP Z . 3.86 17.11 -22.11
C4A PLP Z . 4.06 16.47 -23.42
C5 PLP Z . 2.63 17.63 -21.67
C6 PLP Z . 2.56 18.16 -20.41
C5A PLP Z . 1.41 17.71 -22.53
O4P PLP Z . 1.00 16.43 -23.10
P PLP Z . 0.03 16.45 -24.38
O1P PLP Z . 0.87 16.91 -25.54
O2P PLP Z . -1.12 17.36 -24.07
O3P PLP Z . -0.40 14.99 -24.51
C1 GOL AA . 10.15 6.81 -8.68
O1 GOL AA . 9.00 6.00 -8.91
C2 GOL AA . 9.90 7.82 -7.58
O2 GOL AA . 8.87 7.36 -6.71
C3 GOL AA . 11.12 8.16 -6.77
O3 GOL AA . 12.08 8.88 -7.54
CA CA BA . -3.51 25.00 -25.51
CA CA BA . -2.83 24.87 -26.12
C1 EDO CA . -9.99 10.42 -35.72
O1 EDO CA . -10.82 9.29 -35.88
C2 EDO CA . -10.70 11.65 -35.27
O2 EDO CA . -12.06 11.43 -34.94
C1 EDO DA . 4.92 3.24 -38.04
C1 EDO DA . 5.34 3.37 -38.25
O1 EDO DA . 5.88 4.23 -38.35
O1 EDO DA . 5.94 4.57 -38.68
C2 EDO DA . 4.08 3.57 -36.88
C2 EDO DA . 4.18 3.56 -37.34
O2 EDO DA . 3.11 4.56 -37.14
O2 EDO DA . 3.38 2.40 -37.25
C1 EDO EA . 1.21 25.99 -34.83
O1 EDO EA . 1.27 26.09 -33.42
C2 EDO EA . -0.12 26.37 -35.37
O2 EDO EA . -1.17 25.59 -34.82
C1 GOL FA . 10.48 -0.11 -11.32
O1 GOL FA . 9.33 0.60 -10.84
C2 GOL FA . 10.13 -1.03 -12.48
O2 GOL FA . 8.72 -1.29 -12.52
C3 GOL FA . 10.60 -0.51 -13.82
O3 GOL FA . 11.17 -1.56 -14.61
C1 EDO GA . 0.03 16.54 4.52
O1 EDO GA . 0.95 17.17 3.65
C2 EDO GA . -1.23 17.29 4.67
O2 EDO GA . -1.57 18.05 3.52
C1 GOL HA . -15.77 25.02 -20.51
C1 GOL HA . -15.61 24.83 -20.50
O1 GOL HA . -15.20 23.94 -21.24
O1 GOL HA . -14.92 23.77 -21.14
C2 GOL HA . -14.91 26.26 -20.58
C2 GOL HA . -14.80 26.11 -20.51
O2 GOL HA . -15.27 27.16 -19.54
O2 GOL HA . -15.22 26.97 -19.46
C3 GOL HA . -15.00 26.97 -21.92
C3 GOL HA . -14.85 26.83 -21.85
O3 GOL HA . -13.95 26.57 -22.80
O3 GOL HA . -13.76 26.44 -22.69
NA NA IA . 13.22 19.58 -32.24
NA NA JA . -5.18 1.26 -30.70
N1 PLP KA . -9.60 -14.72 20.94
C2 PLP KA . -8.91 -15.81 20.64
C2A PLP KA . -9.26 -16.56 19.39
C3 PLP KA . -7.88 -16.25 21.48
O3 PLP KA . -7.22 -17.38 21.13
C4 PLP KA . -7.56 -15.53 22.65
C4A PLP KA . -6.46 -15.98 23.50
C5 PLP KA . -8.32 -14.39 22.94
C6 PLP KA . -9.31 -14.03 22.07
C5A PLP KA . -8.14 -13.59 24.19
O4P PLP KA . -6.80 -13.04 24.40
P PLP KA . -6.41 -12.60 25.87
O1P PLP KA . -5.05 -11.95 25.72
O2P PLP KA . -6.38 -13.82 26.76
O3P PLP KA . -7.49 -11.60 26.30
NA NA LA . -12.87 10.59 13.17
CA CA MA . -13.71 -12.24 31.25
C5 PG0 NA . 5.30 -18.35 33.38
O2 PG0 NA . 3.98 -18.68 33.77
C4 PG0 NA . 3.51 -19.88 33.16
C3 PG0 NA . 2.01 -19.89 33.14
O1 PG0 NA . 1.55 -21.10 32.54
C2 PG0 NA . 1.61 -21.08 31.11
C1 PG0 NA . 0.87 -22.25 30.57
OTT PG0 NA . 1.18 -22.50 29.22
C1 EDO OA . -10.00 4.08 6.35
O1 EDO OA . -9.01 4.93 6.85
C2 EDO OA . -11.37 4.61 6.58
O2 EDO OA . -12.29 4.16 5.61
C1 EDO PA . 12.53 -17.42 10.60
O1 EDO PA . 11.36 -17.43 9.81
C2 EDO PA . 12.46 -18.44 11.67
O2 EDO PA . 13.43 -18.32 12.68
C1 EDO QA . -28.93 0.22 12.61
O1 EDO QA . -28.60 -0.54 13.74
C2 EDO QA . -28.49 1.63 12.71
O2 EDO QA . -28.40 2.28 11.45
C1 EDO RA . -17.67 -3.09 1.09
O1 EDO RA . -17.98 -4.25 1.83
C2 EDO RA . -18.16 -1.83 1.69
O2 EDO RA . -18.49 -1.96 3.07
C1 PGE SA . -12.70 -22.96 32.37
O1 PGE SA . -14.12 -23.01 32.31
C2 PGE SA . -12.21 -21.60 32.74
O2 PGE SA . -10.82 -21.61 33.01
C3 PGE SA . -10.51 -21.57 34.39
C4 PGE SA . -10.80 -20.21 34.97
O4 PGE SA . -10.38 -17.10 38.07
C6 PGE SA . -10.18 -18.49 37.97
C5 PGE SA . -11.16 -19.14 37.05
O3 PGE SA . -10.53 -20.22 36.37
C1 OXE TA . -2.29 -27.72 19.31
C2 OXE TA . -1.30 -28.11 18.39
C3 OXE TA . 0.01 -28.20 18.81
C4 OXE TA . 0.38 -27.92 20.11
C5 OXE TA . -0.58 -27.54 21.02
C6 OXE TA . -1.89 -27.45 20.62
C1' OXE TA . -3.73 -27.61 18.91
C2' OXE TA . -1.65 -28.43 16.95
C1 GOL UA . -21.18 -1.85 29.15
C1 GOL UA . -21.42 -1.62 30.33
O1 GOL UA . -20.34 -1.18 30.08
O1 GOL UA . -20.67 -1.38 29.14
C2 GOL UA . -21.86 -3.06 29.74
C2 GOL UA . -22.25 -2.88 30.23
O2 GOL UA . -22.86 -2.66 30.68
O2 GOL UA . -23.54 -2.58 29.69
C3 GOL UA . -22.46 -4.00 28.72
C3 GOL UA . -21.60 -3.98 29.40
O3 GOL UA . -21.77 -3.98 27.49
O3 GOL UA . -22.06 -3.93 28.06
MG MG VA . 3.14 -5.94 37.50
#